data_8XWO
#
_entry.id   8XWO
#
_cell.length_a   92.393
_cell.length_b   92.500
_cell.length_c   96.522
_cell.angle_alpha   101.11
_cell.angle_beta   101.14
_cell.angle_gamma   109.72
#
_symmetry.space_group_name_H-M   'P 1'
#
loop_
_entity.id
_entity.type
_entity.pdbx_description
1 polymer Chitoporin
2 non-polymer '(4S,4AS,5AR,12AS)-4,7-BIS(DIMETHYLAMINO)-3,10,12,12A-TETRAHYDROXY-1,11-DIOXO-1,4,4A,5,5A,6,11,12A-OCTAHYDROTETRACENE-2- CARBOXAMIDE'
3 non-polymer (HYDROXYETHYLOXY)TRI(ETHYLOXY)OCTANE
4 non-polymer 'SODIUM ION'
5 water water
#
_entity_poly.entity_id   1
_entity_poly.type   'polypeptide(L)'
_entity_poly.pdbx_seq_one_letter_code
;DGANSDAAKEYLTKDSFSYEVYGIIAMQAAYRDYDSGDAKQDDNLGGMQLNNESRIGFRGKKQFANFEPTFIWQIEGGYV
DPSFGGEGAGLGERDTFVGFESASWGQVRLGRVLTPMYELVDWPASNPGLGDVYDWGGAIGGAKYQDRQSNTIRWDSPMY
ADKFSIDAAVGAGDKAGLGAGDDYWGGIAAHYKLGPLQLDAAYEGNRNIEAEGQTWENNTYLVGVQGWFENGISFFAQYK
YMEADASNGVNEKQDAMSAGLMYTTGDWQYKLGYAANFDLERDGKTLSNTSDDVVSAQIMYFVDPSAVLYARARMNDFNE
GLDGLDDAARWTSGTNGDYNEYSVGVEYYF
;
_entity_poly.pdbx_strand_id   A,B,C,D,E,F
#
# COMPACT_ATOMS: atom_id res chain seq x y z
N GLU A 20 7.77 0.49 -3.27
CA GLU A 20 7.38 1.39 -2.20
C GLU A 20 7.37 2.83 -2.70
N VAL A 21 6.34 3.57 -2.27
CA VAL A 21 6.20 5.00 -2.54
C VAL A 21 6.60 5.73 -1.28
N TYR A 22 7.32 6.84 -1.43
CA TYR A 22 7.85 7.55 -0.27
C TYR A 22 7.87 9.04 -0.57
N GLY A 23 6.97 9.78 0.05
CA GLY A 23 7.03 11.22 0.02
C GLY A 23 7.85 11.90 1.11
N ILE A 24 8.32 13.08 0.75
CA ILE A 24 8.70 14.10 1.71
C ILE A 24 7.85 15.31 1.36
N ILE A 25 6.86 15.61 2.19
CA ILE A 25 6.01 16.78 2.01
C ILE A 25 6.70 17.94 2.70
N ALA A 26 6.78 19.10 2.02
CA ALA A 26 7.68 20.16 2.51
C ALA A 26 7.30 21.53 1.95
N MET A 27 6.69 22.36 2.79
CA MET A 27 6.33 23.72 2.41
C MET A 27 6.96 24.73 3.36
N GLN A 28 7.50 25.81 2.79
CA GLN A 28 8.12 26.88 3.55
C GLN A 28 7.62 28.19 2.98
N ALA A 29 6.94 28.97 3.79
CA ALA A 29 6.51 30.31 3.37
C ALA A 29 7.57 31.29 3.84
N ALA A 30 8.18 32.00 2.89
CA ALA A 30 9.40 32.73 3.18
C ALA A 30 9.34 34.10 2.52
N TYR A 31 9.28 35.14 3.35
CA TYR A 31 9.36 36.53 2.93
C TYR A 31 10.83 36.97 2.92
N ARG A 32 11.25 37.60 1.83
CA ARG A 32 12.64 38.00 1.64
C ARG A 32 12.74 39.50 1.45
N ASP A 33 13.61 40.14 2.23
CA ASP A 33 13.84 41.58 2.12
C ASP A 33 15.24 41.75 1.53
N TYR A 34 15.29 42.06 0.22
CA TYR A 34 16.53 42.13 -0.54
C TYR A 34 17.10 43.54 -0.45
N ASP A 35 18.43 43.64 -0.38
CA ASP A 35 19.12 44.92 -0.50
C ASP A 35 20.16 44.80 -1.62
N SER A 36 19.79 45.24 -2.81
CA SER A 36 20.68 45.08 -3.94
C SER A 36 21.31 46.37 -4.44
N GLY A 37 20.74 47.53 -4.09
CA GLY A 37 21.18 48.77 -4.68
C GLY A 37 20.40 49.19 -5.89
N ASP A 38 19.32 48.47 -6.21
CA ASP A 38 18.34 48.85 -7.21
C ASP A 38 16.98 48.50 -6.62
N ALA A 39 16.14 49.51 -6.38
CA ALA A 39 14.90 49.27 -5.67
C ALA A 39 13.88 48.49 -6.51
N LYS A 40 14.01 48.50 -7.84
CA LYS A 40 13.14 47.65 -8.65
C LYS A 40 13.45 46.17 -8.43
N GLN A 41 14.72 45.77 -8.59
CA GLN A 41 15.14 44.41 -8.30
C GLN A 41 14.82 44.02 -6.86
N ASP A 42 14.96 44.95 -5.92
CA ASP A 42 14.62 44.63 -4.55
C ASP A 42 13.15 44.23 -4.44
N ASP A 43 12.28 44.94 -5.17
CA ASP A 43 10.84 44.67 -5.18
C ASP A 43 10.52 43.41 -5.99
N ASN A 44 11.27 43.22 -7.08
CA ASN A 44 11.21 42.00 -7.89
C ASN A 44 11.61 40.77 -7.07
N LEU A 45 12.88 40.75 -6.62
CA LEU A 45 13.45 39.60 -5.90
C LEU A 45 12.78 39.40 -4.54
N GLY A 46 12.46 40.48 -3.84
CA GLY A 46 11.81 40.40 -2.55
C GLY A 46 10.31 40.14 -2.62
N GLY A 47 9.72 40.12 -1.43
CA GLY A 47 8.32 39.79 -1.26
C GLY A 47 8.14 38.38 -0.75
N MET A 48 6.88 38.04 -0.49
CA MET A 48 6.54 36.74 0.09
C MET A 48 6.40 35.71 -1.02
N GLN A 49 6.85 34.49 -0.74
CA GLN A 49 6.71 33.40 -1.69
C GLN A 49 6.43 32.12 -0.93
N LEU A 50 5.98 31.11 -1.66
CA LEU A 50 5.72 29.77 -1.14
C LEU A 50 6.69 28.79 -1.79
N ASN A 51 7.46 28.11 -0.96
CA ASN A 51 8.49 27.17 -1.41
C ASN A 51 8.06 25.73 -1.14
N ASN A 52 7.38 25.14 -2.12
CA ASN A 52 6.97 23.75 -2.04
C ASN A 52 8.16 22.91 -2.47
N GLU A 53 8.76 22.23 -1.50
CA GLU A 53 9.85 21.31 -1.78
C GLU A 53 9.39 19.88 -1.65
N SER A 54 8.10 19.63 -1.74
CA SER A 54 7.62 18.27 -1.66
C SER A 54 8.08 17.47 -2.87
N ARG A 55 8.25 16.17 -2.66
CA ARG A 55 8.73 15.27 -3.69
C ARG A 55 8.19 13.88 -3.42
N ILE A 56 7.89 13.18 -4.50
CA ILE A 56 7.42 11.80 -4.44
C ILE A 56 8.53 10.96 -5.04
N GLY A 57 8.70 9.78 -4.50
CA GLY A 57 9.69 8.87 -5.03
C GLY A 57 9.17 7.45 -4.94
N PHE A 58 9.86 6.58 -5.66
CA PHE A 58 9.58 5.15 -5.69
C PHE A 58 10.91 4.43 -5.45
N ARG A 59 10.90 3.44 -4.57
CA ARG A 59 12.16 2.75 -4.30
C ARG A 59 11.87 1.35 -3.78
N GLY A 60 12.87 0.47 -3.91
CA GLY A 60 12.68 -0.90 -3.43
C GLY A 60 13.99 -1.66 -3.55
N LYS A 61 13.98 -2.86 -2.93
CA LYS A 61 15.07 -3.82 -3.02
C LYS A 61 14.54 -5.17 -3.53
N LYS A 62 15.45 -5.94 -4.12
CA LYS A 62 15.05 -7.24 -4.64
C LYS A 62 16.20 -8.22 -4.50
N GLN A 63 15.92 -9.38 -3.93
CA GLN A 63 16.91 -10.44 -3.83
C GLN A 63 16.86 -11.25 -5.13
N PHE A 64 17.81 -11.01 -6.01
CA PHE A 64 17.87 -11.80 -7.24
C PHE A 64 18.13 -13.25 -6.87
N ALA A 65 17.33 -14.14 -7.45
CA ALA A 65 17.40 -15.55 -7.05
C ALA A 65 18.76 -16.16 -7.33
N ASN A 66 19.51 -15.62 -8.30
CA ASN A 66 20.82 -16.18 -8.64
C ASN A 66 21.93 -15.16 -8.42
N PHE A 67 22.00 -14.58 -7.22
CA PHE A 67 22.95 -13.51 -6.89
C PHE A 67 22.84 -13.10 -5.42
N GLU A 68 23.95 -13.20 -4.66
CA GLU A 68 23.92 -12.93 -3.22
C GLU A 68 23.65 -11.48 -2.86
N PRO A 69 24.26 -10.50 -3.54
CA PRO A 69 23.92 -9.09 -3.28
C PRO A 69 22.44 -8.75 -3.53
N THR A 70 21.87 -7.98 -2.61
CA THR A 70 20.49 -7.55 -2.79
C THR A 70 20.43 -6.32 -3.69
N PHE A 71 19.59 -6.40 -4.72
CA PHE A 71 19.40 -5.33 -5.69
C PHE A 71 18.61 -4.20 -5.05
N ILE A 72 19.05 -2.98 -5.28
CA ILE A 72 18.34 -1.81 -4.80
C ILE A 72 18.18 -0.85 -5.95
N TRP A 73 17.11 -0.05 -5.87
CA TRP A 73 16.80 0.97 -6.87
C TRP A 73 15.93 2.01 -6.21
N GLN A 74 15.99 3.24 -6.73
CA GLN A 74 15.13 4.34 -6.29
C GLN A 74 15.02 5.40 -7.39
N ILE A 75 13.80 5.89 -7.62
CA ILE A 75 13.53 7.01 -8.53
C ILE A 75 12.79 8.08 -7.71
N GLU A 76 13.46 9.20 -7.44
CA GLU A 76 12.92 10.26 -6.61
C GLU A 76 12.69 11.48 -7.48
N GLY A 77 11.45 11.97 -7.50
CA GLY A 77 11.10 13.17 -8.25
C GLY A 77 11.63 14.44 -7.64
N GLY A 78 11.45 15.55 -8.37
CA GLY A 78 11.98 16.83 -7.95
C GLY A 78 11.05 17.65 -7.07
N TYR A 79 11.52 18.85 -6.71
CA TYR A 79 10.67 19.81 -6.01
C TYR A 79 9.55 20.22 -6.93
N VAL A 80 8.32 20.05 -6.45
CA VAL A 80 7.17 20.20 -7.33
C VAL A 80 6.94 21.67 -7.68
N ASP A 81 6.93 22.55 -6.67
CA ASP A 81 6.92 23.99 -6.92
C ASP A 81 7.89 24.67 -5.97
N PRO A 82 9.17 24.72 -6.31
CA PRO A 82 10.12 25.52 -5.52
C PRO A 82 9.76 26.99 -5.58
N SER A 83 10.32 27.75 -4.63
CA SER A 83 10.21 29.19 -4.77
C SER A 83 11.08 29.63 -5.94
N PHE A 84 10.81 30.83 -6.44
CA PHE A 84 11.52 31.44 -7.56
C PHE A 84 11.47 30.61 -8.83
N GLY A 85 10.58 29.61 -8.92
CA GLY A 85 10.57 28.72 -10.06
C GLY A 85 9.19 28.25 -10.44
N GLY A 86 9.13 27.63 -11.62
CA GLY A 86 7.86 27.17 -12.15
C GLY A 86 7.41 25.89 -11.49
N GLU A 87 6.25 25.41 -11.93
CA GLU A 87 5.63 24.24 -11.34
C GLU A 87 5.99 22.97 -12.09
N GLY A 88 5.81 21.83 -11.44
CA GLY A 88 6.07 20.54 -12.05
C GLY A 88 7.52 20.10 -12.02
N ALA A 89 7.76 18.85 -11.67
CA ALA A 89 9.09 18.25 -11.75
C ALA A 89 8.96 16.77 -12.07
N GLY A 90 9.72 16.29 -13.05
CA GLY A 90 9.68 14.90 -13.45
C GLY A 90 10.18 13.99 -12.34
N LEU A 91 10.20 12.69 -12.65
CA LEU A 91 10.75 11.68 -11.74
C LEU A 91 12.20 11.41 -12.11
N GLY A 92 13.04 11.29 -11.10
CA GLY A 92 14.46 11.16 -11.36
C GLY A 92 15.20 12.47 -11.42
N GLU A 93 14.64 13.54 -10.84
CA GLU A 93 15.32 14.82 -10.74
C GLU A 93 16.21 14.91 -9.51
N ARG A 94 15.94 14.09 -8.50
CA ARG A 94 16.77 13.88 -7.33
C ARG A 94 17.29 12.44 -7.32
N ASP A 95 17.80 12.00 -6.16
CA ASP A 95 18.54 10.73 -6.05
C ASP A 95 17.85 9.60 -6.80
N THR A 96 18.33 9.27 -8.00
CA THR A 96 17.76 8.18 -8.78
C THR A 96 18.89 7.25 -9.23
N PHE A 97 18.79 6.00 -8.82
CA PHE A 97 19.93 5.09 -8.90
C PHE A 97 19.46 3.66 -8.88
N VAL A 98 20.33 2.77 -9.35
CA VAL A 98 20.26 1.35 -9.04
C VAL A 98 21.59 0.96 -8.42
N GLY A 99 21.58 -0.11 -7.66
CA GLY A 99 22.82 -0.54 -7.03
C GLY A 99 22.62 -1.84 -6.27
N PHE A 100 23.68 -2.28 -5.63
CA PHE A 100 23.72 -3.56 -4.91
C PHE A 100 24.31 -3.35 -3.54
N GLU A 101 23.96 -4.25 -2.62
CA GLU A 101 24.48 -4.21 -1.25
C GLU A 101 24.66 -5.62 -0.70
N SER A 102 25.81 -5.88 -0.08
CA SER A 102 25.99 -7.01 0.82
C SER A 102 26.48 -6.47 2.16
N ALA A 103 26.14 -7.16 3.24
CA ALA A 103 26.58 -6.72 4.56
C ALA A 103 28.10 -6.64 4.60
N SER A 104 28.75 -7.58 3.93
CA SER A 104 30.20 -7.74 3.96
C SER A 104 30.91 -6.46 3.51
N TRP A 105 30.68 -6.04 2.26
CA TRP A 105 31.46 -4.99 1.61
C TRP A 105 30.68 -3.67 1.43
N GLY A 106 29.48 -3.54 2.01
CA GLY A 106 28.82 -2.26 1.98
C GLY A 106 27.74 -2.12 0.94
N GLN A 107 27.85 -1.12 0.04
CA GLN A 107 26.77 -0.78 -0.89
C GLN A 107 27.25 0.13 -2.01
N VAL A 108 27.21 -0.37 -3.25
CA VAL A 108 27.52 0.43 -4.42
C VAL A 108 26.22 0.74 -5.16
N ARG A 109 26.05 2.01 -5.54
CA ARG A 109 24.92 2.49 -6.33
C ARG A 109 25.43 3.23 -7.55
N LEU A 110 24.73 3.03 -8.67
CA LEU A 110 25.05 3.67 -9.94
C LEU A 110 23.87 4.51 -10.42
N GLY A 111 24.18 5.68 -10.98
CA GLY A 111 23.19 6.54 -11.53
C GLY A 111 23.46 7.96 -11.09
N ARG A 112 22.47 8.54 -10.40
CA ARG A 112 22.48 9.93 -9.92
C ARG A 112 22.47 9.92 -8.40
N VAL A 113 23.54 10.37 -7.76
CA VAL A 113 23.64 10.41 -6.30
C VAL A 113 24.27 11.73 -5.88
N LEU A 114 24.39 11.93 -4.56
CA LEU A 114 25.11 13.05 -3.97
C LEU A 114 26.57 12.67 -3.82
N THR A 115 27.48 13.58 -4.18
CA THR A 115 28.89 13.23 -4.01
C THR A 115 29.18 13.11 -2.52
N PRO A 116 30.29 12.46 -2.15
CA PRO A 116 30.53 12.25 -0.71
C PRO A 116 30.81 13.54 0.04
N MET A 117 31.43 14.54 -0.61
CA MET A 117 31.61 15.81 0.07
C MET A 117 30.31 16.57 0.17
N TYR A 118 29.50 16.52 -0.88
CA TYR A 118 28.26 17.29 -0.85
C TYR A 118 27.34 16.88 0.29
N GLU A 119 27.34 15.60 0.65
CA GLU A 119 26.56 15.15 1.79
C GLU A 119 26.93 15.93 3.05
N LEU A 120 28.23 16.18 3.26
CA LEU A 120 28.64 16.93 4.43
C LEU A 120 28.44 18.43 4.23
N VAL A 121 28.43 18.91 2.97
CA VAL A 121 28.09 20.30 2.73
C VAL A 121 26.62 20.53 2.97
N ASP A 122 25.79 19.56 2.58
CA ASP A 122 24.35 19.70 2.79
C ASP A 122 23.91 19.34 4.19
N TRP A 123 24.27 18.13 4.68
CA TRP A 123 23.65 17.85 5.98
C TRP A 123 24.17 18.69 7.13
N PRO A 124 25.19 18.30 7.88
CA PRO A 124 25.43 19.07 9.11
C PRO A 124 25.58 20.54 8.83
N ALA A 125 25.87 20.92 7.57
CA ALA A 125 26.54 22.18 7.33
C ALA A 125 25.76 23.22 6.56
N SER A 126 24.65 22.91 5.89
CA SER A 126 24.02 23.97 5.11
C SER A 126 22.72 24.49 5.72
N ASN A 127 22.10 23.72 6.57
CA ASN A 127 20.90 24.07 7.30
C ASN A 127 21.30 24.81 8.58
N PRO A 128 20.56 25.86 9.00
CA PRO A 128 19.32 26.48 8.53
C PRO A 128 19.50 27.69 7.61
N GLY A 129 19.53 27.49 6.30
CA GLY A 129 19.64 28.61 5.38
C GLY A 129 21.06 29.06 5.12
N LEU A 130 22.03 28.26 5.50
CA LEU A 130 23.41 28.60 5.27
C LEU A 130 23.82 28.23 3.86
N GLY A 131 22.93 27.55 3.14
CA GLY A 131 23.27 27.04 1.82
C GLY A 131 23.72 28.12 0.85
N ASP A 132 23.00 29.25 0.79
CA ASP A 132 23.40 30.33 -0.10
C ASP A 132 24.86 30.65 0.03
N VAL A 133 25.46 30.33 1.18
CA VAL A 133 26.85 30.63 1.45
C VAL A 133 27.70 29.36 1.46
N TYR A 134 27.29 28.34 2.21
CA TYR A 134 28.14 27.17 2.30
C TYR A 134 27.90 26.17 1.18
N ASP A 135 26.71 26.15 0.57
CA ASP A 135 26.39 25.16 -0.44
C ASP A 135 26.92 25.57 -1.81
N TRP A 136 26.26 26.46 -2.52
CA TRP A 136 26.75 26.85 -3.84
C TRP A 136 27.40 28.23 -3.85
N GLY A 137 27.46 28.90 -2.71
CA GLY A 137 27.79 30.30 -2.66
C GLY A 137 29.21 30.69 -2.91
N GLY A 138 30.09 29.74 -3.22
CA GLY A 138 31.50 30.06 -3.47
C GLY A 138 31.74 31.25 -4.36
N ALA A 139 32.93 31.83 -4.26
CA ALA A 139 33.37 32.91 -5.13
C ALA A 139 34.46 32.45 -6.11
N ILE A 140 34.97 31.23 -5.92
CA ILE A 140 36.09 30.71 -6.68
C ILE A 140 35.67 30.31 -8.09
N GLY A 141 36.65 30.35 -8.99
CA GLY A 141 36.45 29.92 -10.35
C GLY A 141 36.47 28.41 -10.51
N GLY A 142 36.36 27.98 -11.75
CA GLY A 142 36.32 26.55 -12.06
C GLY A 142 35.04 25.92 -11.58
N ALA A 143 35.17 24.84 -10.82
CA ALA A 143 34.00 24.12 -10.33
C ALA A 143 34.43 23.43 -9.04
N LYS A 144 34.00 23.98 -7.92
CA LYS A 144 34.43 23.51 -6.61
C LYS A 144 34.14 22.02 -6.44
N TYR A 145 32.86 21.66 -6.44
CA TYR A 145 32.41 20.29 -6.20
C TYR A 145 31.04 20.10 -6.88
N GLN A 146 30.38 19.00 -6.58
CA GLN A 146 29.11 18.72 -7.24
C GLN A 146 27.99 18.56 -6.22
N ASP A 147 26.87 19.17 -6.54
CA ASP A 147 25.64 19.05 -5.77
C ASP A 147 24.87 17.95 -6.48
N ARG A 148 25.10 16.69 -6.09
CA ARG A 148 24.28 15.62 -6.69
C ARG A 148 24.35 15.58 -8.24
N GLN A 149 25.24 14.77 -8.80
CA GLN A 149 25.42 14.68 -10.25
C GLN A 149 25.09 13.26 -10.69
N SER A 150 24.46 13.18 -11.85
CA SER A 150 24.19 11.88 -12.42
C SER A 150 25.42 11.43 -13.22
N ASN A 151 25.38 10.17 -13.67
CA ASN A 151 26.54 9.50 -14.24
C ASN A 151 27.61 9.33 -13.15
N THR A 152 27.26 8.50 -12.19
CA THR A 152 28.08 8.38 -10.99
C THR A 152 27.92 6.99 -10.42
N ILE A 153 29.04 6.41 -10.02
CA ILE A 153 29.02 5.19 -9.22
C ILE A 153 29.56 5.55 -7.84
N ARG A 154 28.89 5.05 -6.79
CA ARG A 154 29.21 5.41 -5.42
C ARG A 154 29.13 4.20 -4.50
N TRP A 155 30.24 3.90 -3.81
CA TRP A 155 30.31 2.82 -2.83
C TRP A 155 30.34 3.39 -1.41
N ASP A 156 29.45 2.88 -0.57
CA ASP A 156 29.31 3.21 0.84
C ASP A 156 29.68 1.99 1.68
N SER A 157 30.65 2.15 2.56
CA SER A 157 31.19 1.05 3.38
C SER A 157 30.25 0.71 4.52
N PRO A 158 30.46 -0.44 5.18
CA PRO A 158 29.74 -0.71 6.44
C PRO A 158 30.24 0.16 7.57
N MET A 159 29.70 0.00 8.78
CA MET A 159 30.26 0.70 9.94
C MET A 159 31.31 -0.23 10.51
N TYR A 160 32.55 -0.04 10.06
CA TYR A 160 33.68 -0.88 10.46
C TYR A 160 34.04 -0.66 11.92
N ALA A 161 34.08 -1.76 12.69
CA ALA A 161 34.27 -1.75 14.13
C ALA A 161 33.15 -1.02 14.85
N ASP A 162 32.04 -0.81 14.14
CA ASP A 162 30.93 -0.01 14.64
C ASP A 162 31.40 1.40 15.04
N LYS A 163 32.46 1.88 14.38
CA LYS A 163 33.04 3.20 14.65
C LYS A 163 33.35 3.97 13.37
N PHE A 164 33.66 3.24 12.31
CA PHE A 164 34.30 3.84 11.15
C PHE A 164 33.58 3.48 9.87
N SER A 165 33.43 4.46 8.98
CA SER A 165 32.74 4.27 7.72
C SER A 165 33.40 5.16 6.69
N ILE A 166 33.49 4.67 5.47
CA ILE A 166 34.12 5.42 4.38
C ILE A 166 33.15 5.50 3.20
N ASP A 167 33.08 6.67 2.56
CA ASP A 167 32.27 6.87 1.36
C ASP A 167 33.18 7.35 0.22
N ALA A 168 33.05 6.73 -0.96
CA ALA A 168 33.95 7.01 -2.08
C ALA A 168 33.24 6.78 -3.41
N ALA A 169 33.48 7.68 -4.38
CA ALA A 169 32.74 7.67 -5.65
C ALA A 169 33.44 8.48 -6.74
N VAL A 170 33.24 8.06 -8.00
CA VAL A 170 33.65 8.81 -9.19
C VAL A 170 32.51 8.80 -10.19
N GLY A 171 32.54 9.80 -11.07
CA GLY A 171 31.48 9.96 -12.07
C GLY A 171 31.87 11.00 -13.11
N ALA A 172 30.99 11.14 -14.09
CA ALA A 172 31.22 12.04 -15.20
C ALA A 172 30.83 13.46 -14.82
N GLY A 173 31.40 14.41 -15.57
CA GLY A 173 31.16 15.81 -15.30
C GLY A 173 29.79 16.28 -15.75
N ASP A 174 29.55 17.57 -15.58
CA ASP A 174 28.29 18.11 -16.07
C ASP A 174 28.25 18.07 -17.60
N LYS A 175 29.25 18.65 -18.26
CA LYS A 175 29.21 18.72 -19.72
C LYS A 175 29.35 17.34 -20.35
N ALA A 176 30.19 16.47 -19.78
CA ALA A 176 30.45 15.16 -20.35
C ALA A 176 29.23 14.27 -20.31
N GLY A 177 28.32 14.52 -19.38
CA GLY A 177 27.09 13.76 -19.33
C GLY A 177 26.13 14.07 -20.45
N LEU A 178 26.45 15.06 -21.28
CA LEU A 178 25.69 15.34 -22.48
C LEU A 178 26.52 15.23 -23.74
N GLY A 179 27.73 14.68 -23.67
CA GLY A 179 28.59 14.60 -24.83
C GLY A 179 29.07 15.97 -25.30
N ALA A 180 29.15 16.94 -24.41
CA ALA A 180 29.63 18.28 -24.70
C ALA A 180 31.04 18.56 -24.19
N GLY A 181 31.64 17.60 -23.50
CA GLY A 181 32.98 17.79 -22.98
C GLY A 181 33.47 16.48 -22.40
N ASP A 182 34.53 16.58 -21.60
CA ASP A 182 35.04 15.39 -20.92
C ASP A 182 35.37 15.68 -19.46
N ASP A 183 34.60 16.56 -18.80
CA ASP A 183 34.79 16.68 -17.36
C ASP A 183 34.40 15.40 -16.63
N TYR A 184 35.13 15.13 -15.55
CA TYR A 184 34.91 14.00 -14.67
C TYR A 184 35.39 14.43 -13.29
N TRP A 185 35.21 13.56 -12.31
CA TRP A 185 35.52 13.97 -10.94
C TRP A 185 35.59 12.71 -10.09
N GLY A 186 36.28 12.83 -8.95
CA GLY A 186 36.23 11.81 -7.93
C GLY A 186 36.25 12.46 -6.56
N GLY A 187 35.85 11.68 -5.57
CA GLY A 187 35.75 12.19 -4.22
C GLY A 187 35.66 11.08 -3.21
N ILE A 188 36.05 11.39 -1.98
CA ILE A 188 36.07 10.40 -0.92
C ILE A 188 35.77 11.10 0.40
N ALA A 189 35.14 10.37 1.32
CA ALA A 189 34.90 10.92 2.65
C ALA A 189 34.91 9.79 3.67
N ALA A 190 35.27 10.11 4.91
CA ALA A 190 35.28 9.13 5.96
C ALA A 190 34.68 9.73 7.22
N HIS A 191 34.19 8.85 8.10
CA HIS A 191 33.50 9.23 9.33
C HIS A 191 33.96 8.36 10.48
N TYR A 192 34.51 8.98 11.54
CA TYR A 192 34.87 8.29 12.76
C TYR A 192 34.04 8.81 13.91
N LYS A 193 33.58 7.88 14.76
CA LYS A 193 32.67 8.19 15.86
C LYS A 193 33.38 7.98 17.20
N LEU A 194 33.82 9.08 17.80
CA LEU A 194 34.38 9.10 19.17
C LEU A 194 33.26 9.49 20.13
N GLY A 195 32.66 8.50 20.81
CA GLY A 195 31.61 8.76 21.76
C GLY A 195 30.46 9.53 21.14
N PRO A 196 30.13 10.69 21.75
CA PRO A 196 29.09 11.56 21.16
C PRO A 196 29.56 12.25 19.89
N LEU A 197 30.86 12.37 19.68
CA LEU A 197 31.37 13.07 18.51
C LEU A 197 31.32 12.21 17.25
N GLN A 198 31.42 12.88 16.10
CA GLN A 198 31.74 12.24 14.83
C GLN A 198 32.67 13.15 14.06
N LEU A 199 33.77 12.59 13.58
CA LEU A 199 34.70 13.36 12.77
C LEU A 199 34.46 13.01 11.30
N ASP A 200 34.35 14.05 10.47
CA ASP A 200 34.03 13.89 9.06
C ASP A 200 35.15 14.55 8.27
N ALA A 201 35.74 13.81 7.34
CA ALA A 201 36.66 14.43 6.39
C ALA A 201 36.32 13.94 5.00
N ALA A 202 36.66 14.77 4.01
CA ALA A 202 36.26 14.50 2.65
C ALA A 202 37.12 15.30 1.68
N TYR A 203 37.27 14.75 0.49
CA TYR A 203 38.00 15.39 -0.58
C TYR A 203 37.18 15.29 -1.85
N GLU A 204 37.30 16.28 -2.73
CA GLU A 204 36.76 16.10 -4.06
C GLU A 204 37.49 16.95 -5.07
N GLY A 205 37.90 16.31 -6.18
CA GLY A 205 38.60 16.97 -7.25
C GLY A 205 37.94 16.83 -8.61
N ASN A 206 37.83 17.94 -9.33
CA ASN A 206 37.24 17.94 -10.67
C ASN A 206 38.30 18.26 -11.72
N ARG A 207 38.16 17.63 -12.89
CA ARG A 207 39.11 17.83 -13.98
C ARG A 207 38.36 18.11 -15.28
N ASN A 208 39.07 18.78 -16.19
CA ASN A 208 38.54 19.13 -17.50
C ASN A 208 37.27 19.98 -17.41
N ILE A 209 37.24 20.90 -16.44
CA ILE A 209 36.10 21.80 -16.26
C ILE A 209 36.25 23.00 -17.21
N GLU A 210 35.45 23.03 -18.28
CA GLU A 210 35.56 24.07 -19.29
C GLU A 210 34.71 25.24 -18.83
N ALA A 211 35.36 26.38 -18.54
CA ALA A 211 34.70 27.56 -18.00
C ALA A 211 35.62 28.77 -18.17
N GLU A 212 35.01 29.93 -18.42
CA GLU A 212 35.70 31.22 -18.60
C GLU A 212 36.75 31.17 -19.71
N GLY A 213 36.62 30.24 -20.65
CA GLY A 213 37.58 30.14 -21.73
C GLY A 213 38.83 29.38 -21.37
N GLN A 214 38.89 28.81 -20.19
CA GLN A 214 40.04 28.03 -19.78
C GLN A 214 39.55 26.68 -19.31
N THR A 215 40.49 25.79 -19.00
CA THR A 215 40.15 24.51 -18.43
C THR A 215 40.74 24.44 -17.02
N TRP A 216 39.90 24.04 -16.06
CA TRP A 216 40.22 24.16 -14.66
C TRP A 216 40.34 22.78 -14.02
N GLU A 217 41.13 22.71 -12.95
CA GLU A 217 41.16 21.56 -12.05
C GLU A 217 40.93 22.08 -10.64
N ASN A 218 39.82 21.70 -10.03
CA ASN A 218 39.44 22.20 -8.71
C ASN A 218 39.52 21.05 -7.71
N ASN A 219 40.31 21.25 -6.65
CA ASN A 219 40.43 20.33 -5.52
C ASN A 219 39.85 20.98 -4.27
N THR A 220 39.09 20.21 -3.50
CA THR A 220 38.41 20.77 -2.34
C THR A 220 38.47 19.76 -1.19
N TYR A 221 38.80 20.27 0.01
CA TYR A 221 39.08 19.48 1.19
C TYR A 221 38.22 19.97 2.36
N LEU A 222 37.67 19.03 3.11
CA LEU A 222 36.69 19.37 4.13
C LEU A 222 36.94 18.55 5.37
N VAL A 223 37.00 19.23 6.51
CA VAL A 223 37.12 18.62 7.83
C VAL A 223 36.01 19.19 8.71
N GLY A 224 35.43 18.33 9.55
CA GLY A 224 34.32 18.77 10.35
C GLY A 224 34.07 17.81 11.48
N VAL A 225 33.23 18.27 12.43
CA VAL A 225 32.88 17.49 13.60
C VAL A 225 31.43 17.78 13.97
N GLN A 226 30.79 16.82 14.63
CA GLN A 226 29.41 16.89 15.06
C GLN A 226 29.31 16.15 16.37
N GLY A 227 28.50 16.68 17.29
CA GLY A 227 28.32 16.05 18.57
C GLY A 227 26.88 16.18 19.02
N TRP A 228 26.44 15.17 19.76
CA TRP A 228 25.08 15.11 20.28
C TRP A 228 25.21 14.62 21.72
N PHE A 229 24.76 15.44 22.66
CA PHE A 229 25.03 15.21 24.07
C PHE A 229 23.74 14.96 24.83
N GLU A 230 23.87 14.11 25.86
CA GLU A 230 22.74 13.69 26.67
C GLU A 230 22.00 14.86 27.33
N ASN A 231 22.69 15.96 27.62
CA ASN A 231 22.01 17.13 28.18
C ASN A 231 21.16 17.88 27.16
N GLY A 232 21.21 17.48 25.88
CA GLY A 232 20.47 18.16 24.83
C GLY A 232 21.27 19.16 24.00
N ILE A 233 22.52 19.45 24.39
CA ILE A 233 23.34 20.34 23.60
C ILE A 233 23.91 19.56 22.44
N SER A 234 23.87 20.15 21.26
CA SER A 234 24.42 19.59 20.04
C SER A 234 25.03 20.72 19.23
N PHE A 235 25.97 20.36 18.37
CA PHE A 235 26.71 21.35 17.60
C PHE A 235 27.25 20.64 16.38
N PHE A 236 27.73 21.45 15.43
CA PHE A 236 28.52 21.01 14.29
C PHE A 236 29.45 22.14 13.87
N ALA A 237 30.64 21.79 13.43
CA ALA A 237 31.58 22.79 12.93
C ALA A 237 32.39 22.18 11.80
N GLN A 238 32.70 22.99 10.78
CA GLN A 238 33.33 22.47 9.58
C GLN A 238 34.21 23.52 8.93
N TYR A 239 35.34 23.06 8.42
CA TYR A 239 36.26 23.88 7.65
C TYR A 239 36.38 23.29 6.26
N LYS A 240 36.18 24.14 5.25
CA LYS A 240 36.18 23.77 3.84
C LYS A 240 37.31 24.52 3.15
N TYR A 241 38.17 23.79 2.46
CA TYR A 241 39.34 24.37 1.78
C TYR A 241 39.17 24.17 0.28
N MET A 242 39.22 25.26 -0.48
CA MET A 242 38.88 25.21 -1.90
C MET A 242 40.03 25.71 -2.77
N GLU A 243 40.55 24.83 -3.61
CA GLU A 243 41.58 25.14 -4.59
C GLU A 243 41.06 25.01 -6.02
N ALA A 244 41.74 25.68 -6.95
CA ALA A 244 41.41 25.67 -8.36
C ALA A 244 42.61 26.15 -9.17
N ASP A 245 42.91 25.46 -10.28
CA ASP A 245 44.07 25.77 -11.12
C ASP A 245 43.60 25.92 -12.56
N ALA A 246 43.81 27.08 -13.15
CA ALA A 246 43.35 27.28 -14.52
C ALA A 246 44.46 26.93 -15.49
N SER A 247 44.06 26.61 -16.72
CA SER A 247 44.97 26.07 -17.74
C SER A 247 46.01 27.09 -18.21
N ASN A 248 45.76 28.39 -18.07
CA ASN A 248 46.74 29.41 -18.38
C ASN A 248 47.71 29.64 -17.23
N GLY A 249 47.65 28.79 -16.20
CA GLY A 249 48.54 28.85 -15.06
C GLY A 249 48.02 29.67 -13.91
N VAL A 250 46.82 30.24 -14.03
CA VAL A 250 46.26 30.96 -12.91
C VAL A 250 45.87 29.97 -11.84
N ASN A 251 46.02 30.40 -10.58
CA ASN A 251 45.60 29.62 -9.42
C ASN A 251 44.68 30.48 -8.57
N GLU A 252 43.68 29.85 -7.98
CA GLU A 252 42.78 30.53 -7.06
C GLU A 252 42.62 29.65 -5.84
N LYS A 253 42.51 30.28 -4.67
CA LYS A 253 42.31 29.59 -3.39
C LYS A 253 41.34 30.42 -2.56
N GLN A 254 40.29 29.77 -2.04
CA GLN A 254 39.38 30.40 -1.11
C GLN A 254 38.94 29.35 -0.11
N ASP A 255 38.64 29.80 1.10
CA ASP A 255 38.27 28.85 2.15
C ASP A 255 37.09 29.40 2.93
N ALA A 256 36.49 28.52 3.71
CA ALA A 256 35.19 28.80 4.26
C ALA A 256 34.97 27.92 5.47
N MET A 257 33.88 28.21 6.18
CA MET A 257 33.54 27.49 7.39
C MET A 257 32.03 27.55 7.55
N SER A 258 31.49 26.58 8.28
CA SER A 258 30.09 26.61 8.68
C SER A 258 29.95 25.90 10.01
N ALA A 259 29.26 26.53 10.95
CA ALA A 259 29.09 25.91 12.23
C ALA A 259 27.68 26.17 12.71
N GLY A 260 27.22 25.31 13.61
CA GLY A 260 25.86 25.38 14.07
C GLY A 260 25.68 24.83 15.46
N LEU A 261 24.92 25.54 16.27
CA LEU A 261 24.71 25.17 17.64
C LEU A 261 23.22 25.02 17.91
N MET A 262 22.84 23.98 18.63
CA MET A 262 21.43 23.75 18.90
C MET A 262 21.21 23.13 20.28
N TYR A 263 20.23 23.66 21.00
CA TYR A 263 19.78 23.09 22.24
C TYR A 263 18.40 22.50 22.01
N THR A 264 18.16 21.32 22.57
CA THR A 264 16.90 20.61 22.38
C THR A 264 16.35 20.19 23.72
N THR A 265 15.21 20.79 24.08
CA THR A 265 14.45 20.49 25.28
C THR A 265 13.03 20.08 24.90
N GLY A 266 12.58 18.94 25.42
CA GLY A 266 11.19 18.53 25.23
C GLY A 266 10.84 18.31 23.77
N ASP A 267 9.86 19.07 23.27
CA ASP A 267 9.47 18.98 21.86
C ASP A 267 10.06 20.10 21.03
N TRP A 268 11.18 20.69 21.47
CA TRP A 268 11.75 21.87 20.83
C TRP A 268 13.21 21.70 20.44
N GLN A 269 13.61 22.37 19.36
CA GLN A 269 15.02 22.54 19.04
C GLN A 269 15.22 23.98 18.64
N TYR A 270 16.10 24.67 19.35
CA TYR A 270 16.53 26.00 18.98
C TYR A 270 17.88 25.84 18.30
N LYS A 271 18.12 26.65 17.26
CA LYS A 271 19.34 26.51 16.47
C LYS A 271 19.87 27.88 16.09
N LEU A 272 21.20 27.98 16.05
CA LEU A 272 21.93 29.15 15.59
C LEU A 272 22.95 28.67 14.58
N GLY A 273 23.03 29.33 13.43
CA GLY A 273 23.93 28.88 12.38
C GLY A 273 24.78 30.02 11.85
N TYR A 274 26.00 29.67 11.49
CA TYR A 274 26.89 30.63 10.89
C TYR A 274 27.74 29.92 9.85
N ALA A 275 27.75 30.45 8.64
CA ALA A 275 28.63 29.95 7.59
C ALA A 275 29.23 31.14 6.89
N ALA A 276 30.43 30.96 6.35
CA ALA A 276 31.08 32.08 5.69
C ALA A 276 32.09 31.57 4.68
N ASN A 277 31.98 32.04 3.45
CA ASN A 277 33.08 32.00 2.50
C ASN A 277 34.02 33.16 2.80
N PHE A 278 35.32 32.93 2.66
CA PHE A 278 36.26 33.98 3.01
C PHE A 278 36.79 34.63 1.77
N ASP A 279 37.70 35.59 1.95
CA ASP A 279 38.23 36.32 0.81
C ASP A 279 39.00 35.39 -0.12
N LEU A 280 38.88 35.66 -1.42
CA LEU A 280 39.54 34.88 -2.47
C LEU A 280 40.87 35.48 -2.87
N GLU A 281 41.87 34.63 -3.03
CA GLU A 281 43.18 35.00 -3.57
C GLU A 281 43.31 34.51 -5.01
N ARG A 282 43.80 35.37 -5.89
CA ARG A 282 44.11 34.97 -7.26
C ARG A 282 45.58 35.24 -7.47
N ASP A 283 46.35 34.16 -7.70
CA ASP A 283 47.80 34.22 -7.87
C ASP A 283 48.48 34.74 -6.60
N GLY A 284 47.99 34.30 -5.45
CA GLY A 284 48.53 34.76 -4.19
C GLY A 284 47.93 36.08 -3.76
N LYS A 285 47.73 37.00 -4.69
CA LYS A 285 47.13 38.28 -4.36
C LYS A 285 45.65 38.08 -4.04
N THR A 286 45.21 38.56 -2.88
CA THR A 286 43.83 38.36 -2.48
C THR A 286 42.97 39.46 -3.06
N LEU A 287 41.74 39.13 -3.43
CA LEU A 287 40.82 40.07 -4.07
C LEU A 287 39.87 40.62 -3.01
N SER A 288 39.92 41.93 -2.78
CA SER A 288 39.25 42.50 -1.63
C SER A 288 37.73 42.44 -1.79
N ASN A 289 37.05 42.24 -0.67
CA ASN A 289 35.59 42.15 -0.59
C ASN A 289 35.03 41.14 -1.59
N THR A 290 35.33 39.86 -1.31
CA THR A 290 34.75 38.73 -2.02
C THR A 290 34.26 37.65 -1.06
N SER A 291 34.17 37.97 0.23
CA SER A 291 33.70 37.05 1.25
C SER A 291 32.19 37.08 1.34
N ASP A 292 31.62 36.03 1.91
CA ASP A 292 30.19 35.94 2.16
C ASP A 292 30.01 35.39 3.56
N ASP A 293 28.95 35.82 4.25
CA ASP A 293 28.57 35.16 5.50
C ASP A 293 27.07 35.29 5.73
N VAL A 294 26.52 34.27 6.41
CA VAL A 294 25.10 34.19 6.76
C VAL A 294 24.98 33.91 8.25
N VAL A 295 24.00 34.55 8.88
CA VAL A 295 23.62 34.27 10.26
C VAL A 295 22.19 33.80 10.26
N SER A 296 21.86 32.84 11.13
CA SER A 296 20.50 32.33 11.05
C SER A 296 20.11 31.70 12.36
N ALA A 297 18.82 31.84 12.70
CA ALA A 297 18.24 31.25 13.88
C ALA A 297 16.98 30.51 13.50
N GLN A 298 16.69 29.45 14.23
CA GLN A 298 15.55 28.65 13.85
C GLN A 298 14.99 27.97 15.09
N ILE A 299 13.70 28.16 15.33
CA ILE A 299 12.97 27.43 16.37
C ILE A 299 12.20 26.34 15.68
N MET A 300 12.17 25.16 16.30
CA MET A 300 11.48 24.05 15.68
C MET A 300 10.66 23.26 16.68
N TYR A 301 9.40 23.02 16.34
CA TYR A 301 8.50 22.20 17.12
C TYR A 301 8.26 20.87 16.42
N PHE A 302 8.37 19.78 17.18
CA PHE A 302 8.15 18.43 16.68
C PHE A 302 6.67 18.07 16.78
N VAL A 303 5.88 18.54 15.82
CA VAL A 303 4.43 18.41 15.96
C VAL A 303 3.96 16.98 15.95
N ASP A 304 4.73 16.08 15.35
CA ASP A 304 4.39 14.67 15.28
C ASP A 304 5.68 13.93 15.05
N PRO A 305 5.76 12.66 15.43
CA PRO A 305 6.94 11.85 15.05
C PRO A 305 7.26 11.91 13.55
N SER A 306 6.27 12.16 12.69
CA SER A 306 6.43 12.14 11.24
C SER A 306 6.55 13.51 10.61
N ALA A 307 6.53 14.58 11.39
CA ALA A 307 6.57 15.92 10.83
C ALA A 307 7.10 16.91 11.85
N VAL A 308 7.50 18.08 11.32
CA VAL A 308 8.03 19.17 12.13
C VAL A 308 7.54 20.51 11.61
N LEU A 309 7.31 21.43 12.53
CA LEU A 309 7.02 22.80 12.18
C LEU A 309 8.21 23.65 12.59
N TYR A 310 8.48 24.70 11.84
CA TYR A 310 9.62 25.51 12.21
C TYR A 310 9.44 26.95 11.76
N ALA A 311 9.94 27.86 12.59
CA ALA A 311 10.12 29.25 12.27
C ALA A 311 11.62 29.53 12.30
N ARG A 312 12.07 30.39 11.40
CA ARG A 312 13.49 30.65 11.25
C ARG A 312 13.67 32.00 10.60
N ALA A 313 14.74 32.67 10.98
CA ALA A 313 15.09 33.89 10.29
C ALA A 313 16.58 33.86 10.08
N ARG A 314 17.02 34.38 8.93
CA ARG A 314 18.42 34.36 8.57
C ARG A 314 18.76 35.67 7.88
N MET A 315 20.04 36.00 7.88
CA MET A 315 20.47 37.26 7.29
C MET A 315 21.74 37.05 6.48
N ASN A 316 21.65 37.31 5.17
CA ASN A 316 22.70 37.01 4.19
C ASN A 316 23.39 38.30 3.75
N ASP A 317 24.69 38.39 4.02
CA ASP A 317 25.56 39.44 3.50
C ASP A 317 26.49 38.82 2.46
N PHE A 318 26.47 39.34 1.23
CA PHE A 318 27.18 38.73 0.12
C PHE A 318 28.33 39.60 -0.38
N ASN A 319 29.14 39.01 -1.26
CA ASN A 319 30.35 39.63 -1.82
C ASN A 319 30.00 40.81 -2.73
N GLU A 320 31.04 41.57 -3.09
CA GLU A 320 30.92 42.74 -3.95
C GLU A 320 31.46 42.55 -5.36
N GLY A 321 31.75 41.33 -5.78
CA GLY A 321 32.02 41.16 -7.19
C GLY A 321 33.44 40.72 -7.51
N LEU A 322 33.59 40.06 -8.66
CA LEU A 322 34.89 39.62 -9.16
C LEU A 322 34.72 39.21 -10.61
N ASP A 323 35.66 39.63 -11.47
CA ASP A 323 35.67 39.18 -12.85
C ASP A 323 36.26 37.78 -12.96
N GLY A 324 35.65 36.96 -13.78
CA GLY A 324 36.29 35.71 -14.14
C GLY A 324 37.46 35.98 -15.07
N LEU A 325 38.22 34.92 -15.36
CA LEU A 325 39.44 35.05 -16.18
C LEU A 325 39.16 35.25 -17.66
N ASP A 326 38.06 35.94 -17.99
CA ASP A 326 37.73 36.30 -19.37
C ASP A 326 37.25 37.74 -19.45
N ASP A 327 37.71 38.58 -18.51
CA ASP A 327 37.40 40.00 -18.42
C ASP A 327 35.95 40.27 -18.03
N ALA A 328 35.10 39.24 -18.02
CA ALA A 328 33.67 39.39 -17.73
C ALA A 328 33.32 38.86 -16.35
N ALA A 329 32.46 39.61 -15.64
CA ALA A 329 32.11 39.31 -14.25
C ALA A 329 31.63 37.88 -14.09
N ARG A 330 31.92 37.29 -12.94
CA ARG A 330 31.56 35.93 -12.62
C ARG A 330 30.35 35.87 -11.69
N TRP A 331 29.53 34.84 -11.87
CA TRP A 331 28.29 34.71 -11.10
C TRP A 331 28.57 34.01 -9.78
N THR A 332 28.05 34.57 -8.70
CA THR A 332 28.10 33.94 -7.38
C THR A 332 26.73 34.06 -6.73
N SER A 333 26.54 33.32 -5.63
CA SER A 333 25.28 33.38 -4.90
C SER A 333 24.88 34.79 -4.49
N GLY A 334 25.83 35.71 -4.45
CA GLY A 334 25.60 37.09 -4.14
C GLY A 334 25.40 38.03 -5.31
N THR A 335 25.29 37.49 -6.55
CA THR A 335 25.08 38.35 -7.72
C THR A 335 23.68 38.96 -7.72
N ASN A 336 22.81 38.55 -6.81
CA ASN A 336 21.50 39.14 -6.65
C ASN A 336 21.42 40.14 -5.50
N GLY A 337 22.48 40.27 -4.72
CA GLY A 337 22.53 41.23 -3.66
C GLY A 337 22.22 40.59 -2.33
N ASP A 338 22.54 41.33 -1.26
CA ASP A 338 22.28 40.89 0.09
C ASP A 338 20.77 40.81 0.33
N TYR A 339 20.37 39.98 1.29
CA TYR A 339 18.95 39.82 1.59
C TYR A 339 18.79 39.15 2.95
N ASN A 340 17.64 39.40 3.58
CA ASN A 340 17.19 38.74 4.79
C ASN A 340 15.95 37.92 4.45
N GLU A 341 15.60 36.99 5.34
CA GLU A 341 14.43 36.18 5.06
C GLU A 341 13.88 35.60 6.36
N TYR A 342 12.57 35.75 6.55
CA TYR A 342 11.82 35.20 7.66
C TYR A 342 10.83 34.19 7.11
N SER A 343 10.68 33.06 7.80
CA SER A 343 9.94 31.96 7.19
C SER A 343 9.37 31.02 8.22
N VAL A 344 8.22 30.48 7.90
CA VAL A 344 7.63 29.35 8.61
C VAL A 344 7.54 28.20 7.63
N GLY A 345 7.60 26.98 8.15
CA GLY A 345 7.45 25.84 7.27
C GLY A 345 7.00 24.60 8.00
N VAL A 346 6.59 23.60 7.20
CA VAL A 346 6.23 22.27 7.68
C VAL A 346 7.01 21.24 6.89
N GLU A 347 7.27 20.10 7.52
CA GLU A 347 7.92 18.99 6.85
C GLU A 347 7.39 17.68 7.41
N TYR A 348 6.82 16.88 6.52
CA TYR A 348 6.19 15.61 6.84
C TYR A 348 6.85 14.54 5.98
N TYR A 349 7.11 13.36 6.58
CA TYR A 349 7.79 12.28 5.90
C TYR A 349 6.88 11.06 5.89
N PHE A 350 6.62 10.52 4.70
CA PHE A 350 5.83 9.29 4.60
C PHE A 350 6.52 8.31 3.67
N GLU B 20 -1.97 8.30 -0.76
CA GLU B 20 -2.98 7.85 -1.73
C GLU B 20 -2.73 8.36 -3.15
N VAL B 21 -3.00 7.50 -4.11
CA VAL B 21 -2.94 7.84 -5.53
C VAL B 21 -4.36 8.01 -6.04
N TYR B 22 -4.54 8.92 -6.98
CA TYR B 22 -5.88 9.19 -7.54
C TYR B 22 -5.70 9.62 -8.99
N GLY B 23 -6.14 8.79 -9.93
CA GLY B 23 -6.19 9.21 -11.33
C GLY B 23 -7.43 10.02 -11.69
N ILE B 24 -7.31 10.84 -12.72
CA ILE B 24 -8.47 11.27 -13.49
C ILE B 24 -8.09 11.02 -14.95
N ILE B 25 -8.57 9.93 -15.51
CA ILE B 25 -8.27 9.57 -16.89
C ILE B 25 -9.32 10.20 -17.78
N ALA B 26 -8.87 10.87 -18.85
CA ALA B 26 -9.74 11.76 -19.63
C ALA B 26 -9.16 11.92 -21.03
N MET B 27 -9.83 11.33 -22.01
CA MET B 27 -9.41 11.41 -23.40
C MET B 27 -10.55 12.01 -24.21
N GLN B 28 -10.20 12.93 -25.11
CA GLN B 28 -11.18 13.54 -26.02
C GLN B 28 -10.60 13.54 -27.41
N ALA B 29 -11.33 12.91 -28.34
CA ALA B 29 -11.00 12.97 -29.77
C ALA B 29 -11.82 14.08 -30.38
N ALA B 30 -11.15 15.08 -30.92
CA ALA B 30 -11.78 16.35 -31.25
C ALA B 30 -11.26 16.85 -32.59
N TYR B 31 -12.14 16.87 -33.59
CA TYR B 31 -11.86 17.48 -34.88
C TYR B 31 -12.25 18.95 -34.81
N ARG B 32 -11.37 19.82 -35.29
CA ARG B 32 -11.55 21.26 -35.26
C ARG B 32 -11.48 21.78 -36.70
N ASP B 33 -12.47 22.59 -37.09
CA ASP B 33 -12.52 23.19 -38.42
C ASP B 33 -12.34 24.69 -38.30
N TYR B 34 -11.17 25.18 -38.68
CA TYR B 34 -10.84 26.59 -38.53
C TYR B 34 -11.21 27.36 -39.79
N ASP B 35 -11.66 28.60 -39.59
CA ASP B 35 -11.82 29.58 -40.66
C ASP B 35 -11.07 30.83 -40.22
N SER B 36 -9.85 31.00 -40.71
CA SER B 36 -9.10 32.15 -40.28
C SER B 36 -8.92 33.21 -41.35
N GLY B 37 -9.13 32.87 -42.61
CA GLY B 37 -8.79 33.77 -43.70
C GLY B 37 -7.40 33.56 -44.27
N ASP B 38 -6.68 32.54 -43.78
CA ASP B 38 -5.47 32.00 -44.42
C ASP B 38 -5.56 30.48 -44.27
N ALA B 39 -5.71 29.77 -45.40
CA ALA B 39 -6.05 28.35 -45.36
C ALA B 39 -4.90 27.46 -44.87
N LYS B 40 -3.64 27.91 -44.94
CA LYS B 40 -2.58 27.12 -44.31
C LYS B 40 -2.77 27.09 -42.81
N GLN B 41 -2.97 28.26 -42.19
CA GLN B 41 -3.33 28.31 -40.78
C GLN B 41 -4.54 27.43 -40.50
N ASP B 42 -5.49 27.42 -41.44
CA ASP B 42 -6.68 26.58 -41.31
C ASP B 42 -6.30 25.11 -41.27
N ASP B 43 -5.33 24.71 -42.11
CA ASP B 43 -4.91 23.32 -42.26
C ASP B 43 -4.05 22.82 -41.11
N ASN B 44 -3.14 23.68 -40.63
CA ASN B 44 -2.35 23.36 -39.46
C ASN B 44 -3.26 23.18 -38.25
N LEU B 45 -3.85 24.31 -37.83
CA LEU B 45 -4.61 24.36 -36.58
C LEU B 45 -5.79 23.42 -36.60
N GLY B 46 -6.46 23.33 -37.74
CA GLY B 46 -7.60 22.45 -37.84
C GLY B 46 -7.20 21.00 -37.94
N GLY B 47 -8.20 20.15 -38.14
CA GLY B 47 -7.98 18.72 -38.25
C GLY B 47 -8.22 18.03 -36.95
N MET B 48 -8.13 16.71 -36.99
CA MET B 48 -8.39 15.95 -35.79
C MET B 48 -7.13 15.78 -34.93
N GLN B 49 -7.33 15.82 -33.61
CA GLN B 49 -6.26 15.62 -32.65
C GLN B 49 -6.79 14.83 -31.46
N LEU B 50 -5.89 14.34 -30.65
CA LEU B 50 -6.24 13.62 -29.44
C LEU B 50 -5.82 14.46 -28.26
N ASN B 51 -6.80 14.85 -27.44
CA ASN B 51 -6.57 15.68 -26.27
C ASN B 51 -6.70 14.79 -25.05
N ASN B 52 -5.56 14.24 -24.63
CA ASN B 52 -5.51 13.43 -23.43
C ASN B 52 -5.33 14.37 -22.25
N GLU B 53 -6.37 14.48 -21.44
CA GLU B 53 -6.32 15.27 -20.24
C GLU B 53 -6.24 14.38 -19.01
N SER B 54 -5.73 13.16 -19.18
CA SER B 54 -5.53 12.31 -18.02
C SER B 54 -4.45 12.91 -17.13
N ARG B 55 -4.58 12.68 -15.84
CA ARG B 55 -3.70 13.28 -14.84
C ARG B 55 -3.67 12.38 -13.61
N ILE B 56 -2.50 12.22 -13.03
CA ILE B 56 -2.37 11.43 -11.81
C ILE B 56 -1.91 12.33 -10.66
N GLY B 57 -2.43 12.06 -9.48
CA GLY B 57 -2.07 12.85 -8.32
C GLY B 57 -1.99 11.99 -7.09
N PHE B 58 -1.39 12.58 -6.07
CA PHE B 58 -1.23 11.98 -4.76
C PHE B 58 -1.73 12.96 -3.71
N ARG B 59 -2.40 12.43 -2.70
CA ARG B 59 -2.91 13.28 -1.66
C ARG B 59 -3.03 12.44 -0.40
N GLY B 60 -3.09 13.12 0.75
CA GLY B 60 -3.23 12.43 2.02
C GLY B 60 -3.53 13.38 3.15
N LYS B 61 -3.91 12.79 4.27
CA LYS B 61 -4.15 13.49 5.52
C LYS B 61 -3.30 12.85 6.62
N LYS B 62 -2.99 13.63 7.64
CA LYS B 62 -2.24 13.11 8.78
C LYS B 62 -2.64 13.88 10.02
N GLN B 63 -2.96 13.16 11.08
CA GLN B 63 -3.24 13.78 12.39
C GLN B 63 -1.92 13.90 13.16
N PHE B 64 -1.37 15.11 13.20
CA PHE B 64 -0.16 15.29 13.99
C PHE B 64 -0.46 15.05 15.47
N ALA B 65 0.40 14.26 16.12
CA ALA B 65 0.17 13.86 17.50
C ALA B 65 0.12 15.03 18.46
N ASN B 66 0.72 16.17 18.09
CA ASN B 66 0.70 17.34 18.96
C ASN B 66 -0.02 18.52 18.29
N PHE B 67 -1.21 18.27 17.71
CA PHE B 67 -1.86 19.29 16.90
C PHE B 67 -3.26 18.89 16.40
N GLU B 68 -4.28 19.64 16.82
CA GLU B 68 -5.70 19.40 16.58
C GLU B 68 -6.10 19.58 15.12
N PRO B 69 -5.65 20.62 14.42
CA PRO B 69 -5.91 20.67 12.97
C PRO B 69 -5.29 19.48 12.24
N THR B 70 -6.08 18.88 11.36
CA THR B 70 -5.66 17.71 10.60
C THR B 70 -4.84 18.15 9.39
N PHE B 71 -3.64 17.61 9.26
CA PHE B 71 -2.75 17.97 8.16
C PHE B 71 -3.24 17.33 6.87
N ILE B 72 -3.26 18.10 5.79
CA ILE B 72 -3.65 17.62 4.47
C ILE B 72 -2.61 18.04 3.45
N TRP B 73 -2.45 17.24 2.40
CA TRP B 73 -1.46 17.56 1.38
C TRP B 73 -1.88 16.91 0.07
N GLN B 74 -1.45 17.50 -1.06
CA GLN B 74 -1.77 16.90 -2.35
C GLN B 74 -0.75 17.33 -3.40
N ILE B 75 -0.35 16.38 -4.24
CA ILE B 75 0.52 16.62 -5.41
C ILE B 75 -0.17 16.07 -6.64
N GLU B 76 -0.60 16.93 -7.54
CA GLU B 76 -1.35 16.53 -8.71
C GLU B 76 -0.54 16.83 -9.97
N GLY B 77 -0.35 15.81 -10.80
CA GLY B 77 0.33 16.02 -12.07
C GLY B 77 -0.53 16.74 -13.09
N GLY B 78 0.10 17.11 -14.21
CA GLY B 78 -0.55 17.83 -15.27
C GLY B 78 -1.20 16.92 -16.30
N TYR B 79 -1.70 17.54 -17.39
CA TYR B 79 -2.22 16.80 -18.53
C TYR B 79 -1.11 16.06 -19.27
N VAL B 80 -1.29 14.74 -19.47
CA VAL B 80 -0.21 13.89 -19.97
C VAL B 80 0.08 14.20 -21.45
N ASP B 81 -0.94 14.26 -22.30
CA ASP B 81 -0.80 14.78 -23.66
C ASP B 81 -2.05 15.58 -24.03
N PRO B 82 -2.05 16.87 -23.72
CA PRO B 82 -3.13 17.72 -24.21
C PRO B 82 -3.11 17.80 -25.74
N SER B 83 -4.22 18.25 -26.31
CA SER B 83 -4.16 18.56 -27.72
C SER B 83 -3.31 19.81 -27.93
N PHE B 84 -2.81 19.99 -29.15
CA PHE B 84 -1.95 21.12 -29.50
C PHE B 84 -0.66 21.15 -28.69
N GLY B 85 -0.28 20.05 -28.06
CA GLY B 85 0.88 20.09 -27.20
C GLY B 85 1.63 18.78 -27.14
N GLY B 86 2.83 18.87 -26.59
CA GLY B 86 3.72 17.74 -26.51
C GLY B 86 3.35 16.81 -25.37
N GLU B 87 4.16 15.78 -25.23
CA GLU B 87 3.89 14.71 -24.28
C GLU B 87 4.57 15.02 -22.95
N GLY B 88 4.12 14.33 -21.92
CA GLY B 88 4.76 14.47 -20.64
C GLY B 88 4.32 15.70 -19.87
N ALA B 89 4.09 15.50 -18.58
CA ALA B 89 3.80 16.57 -17.66
C ALA B 89 4.42 16.18 -16.33
N GLY B 90 5.15 17.11 -15.71
CA GLY B 90 5.71 16.84 -14.41
C GLY B 90 4.62 16.73 -13.35
N LEU B 91 5.04 16.43 -12.12
CA LEU B 91 4.13 16.33 -10.99
C LEU B 91 4.07 17.67 -10.26
N GLY B 92 2.87 18.08 -9.90
CA GLY B 92 2.71 19.39 -9.31
C GLY B 92 2.45 20.53 -10.27
N GLU B 93 1.92 20.25 -11.48
CA GLU B 93 1.45 21.24 -12.43
C GLU B 93 0.02 21.67 -12.15
N ARG B 94 -0.74 20.82 -11.47
CA ARG B 94 -2.09 21.12 -11.01
C ARG B 94 -2.09 21.22 -9.49
N ASP B 95 -3.28 21.30 -8.92
CA ASP B 95 -3.44 21.67 -7.51
C ASP B 95 -2.49 20.90 -6.62
N THR B 96 -1.44 21.57 -6.15
CA THR B 96 -0.44 21.01 -5.25
C THR B 96 -0.31 21.91 -4.03
N PHE B 97 -0.54 21.35 -2.84
CA PHE B 97 -0.66 22.21 -1.68
C PHE B 97 -0.47 21.40 -0.40
N VAL B 98 -0.21 22.13 0.69
CA VAL B 98 -0.29 21.62 2.04
C VAL B 98 -1.27 22.49 2.80
N GLY B 99 -1.88 21.91 3.82
CA GLY B 99 -2.81 22.70 4.59
C GLY B 99 -3.36 21.93 5.76
N PHE B 100 -4.29 22.59 6.44
CA PHE B 100 -4.92 22.08 7.65
C PHE B 100 -6.43 22.18 7.51
N GLU B 101 -7.13 21.33 8.26
CA GLU B 101 -8.57 21.31 8.26
C GLU B 101 -9.02 21.02 9.69
N SER B 102 -9.96 21.82 10.17
CA SER B 102 -10.63 21.58 11.43
C SER B 102 -12.14 21.57 11.21
N ALA B 103 -12.85 20.85 12.09
CA ALA B 103 -14.31 20.91 12.05
C ALA B 103 -14.81 22.34 12.28
N SER B 104 -14.12 23.07 13.15
CA SER B 104 -14.51 24.42 13.50
C SER B 104 -14.48 25.36 12.30
N TRP B 105 -13.28 25.68 11.81
CA TRP B 105 -13.08 26.82 10.92
C TRP B 105 -12.83 26.47 9.46
N GLY B 106 -12.99 25.22 9.07
CA GLY B 106 -12.89 24.94 7.66
C GLY B 106 -11.52 24.41 7.26
N GLN B 107 -10.84 25.09 6.34
CA GLN B 107 -9.65 24.49 5.74
C GLN B 107 -8.79 25.56 5.09
N VAL B 108 -7.57 25.69 5.55
CA VAL B 108 -6.61 26.58 4.94
C VAL B 108 -5.56 25.73 4.22
N ARG B 109 -5.23 26.15 2.99
CA ARG B 109 -4.26 25.48 2.14
C ARG B 109 -3.22 26.50 1.69
N LEU B 110 -1.97 26.06 1.58
CA LEU B 110 -0.90 26.87 1.04
C LEU B 110 -0.29 26.15 -0.15
N GLY B 111 0.00 26.92 -1.19
CA GLY B 111 0.70 26.39 -2.34
C GLY B 111 0.10 26.88 -3.64
N ARG B 112 -0.27 25.93 -4.49
CA ARG B 112 -0.84 26.21 -5.81
C ARG B 112 -2.26 25.66 -5.81
N VAL B 113 -3.24 26.55 -5.91
CA VAL B 113 -4.65 26.19 -5.92
C VAL B 113 -5.36 27.04 -6.98
N LEU B 114 -6.68 26.80 -7.12
CA LEU B 114 -7.54 27.58 -8.00
C LEU B 114 -8.07 28.77 -7.24
N THR B 115 -8.03 29.96 -7.85
CA THR B 115 -8.50 31.13 -7.11
C THR B 115 -9.99 30.98 -6.83
N PRO B 116 -10.54 31.76 -5.90
CA PRO B 116 -11.96 31.57 -5.60
C PRO B 116 -12.85 31.93 -6.77
N MET B 117 -12.44 32.90 -7.60
CA MET B 117 -13.29 33.20 -8.74
C MET B 117 -13.15 32.19 -9.87
N TYR B 118 -11.94 31.73 -10.15
CA TYR B 118 -11.78 30.80 -11.27
C TYR B 118 -12.60 29.53 -11.08
N GLU B 119 -12.81 29.08 -9.86
CA GLU B 119 -13.67 27.91 -9.65
C GLU B 119 -15.04 28.11 -10.25
N LEU B 120 -15.61 29.31 -10.11
CA LEU B 120 -16.95 29.54 -10.65
C LEU B 120 -16.92 29.78 -12.15
N VAL B 121 -15.79 30.29 -12.66
CA VAL B 121 -15.62 30.41 -14.10
C VAL B 121 -15.42 29.05 -14.75
N ASP B 122 -14.83 28.09 -14.05
CA ASP B 122 -14.68 26.74 -14.59
C ASP B 122 -15.97 25.95 -14.40
N TRP B 123 -16.47 25.89 -13.17
CA TRP B 123 -17.69 25.17 -12.89
C TRP B 123 -18.68 26.15 -12.29
N PRO B 124 -19.90 26.27 -12.86
CA PRO B 124 -20.28 25.42 -14.00
C PRO B 124 -20.12 26.08 -15.35
N ALA B 125 -19.55 27.28 -15.37
CA ALA B 125 -19.69 28.21 -16.47
C ALA B 125 -18.82 27.93 -17.70
N SER B 126 -17.83 27.04 -17.68
CA SER B 126 -17.02 26.87 -18.88
C SER B 126 -17.30 25.59 -19.66
N ASN B 127 -17.80 24.56 -19.05
CA ASN B 127 -18.13 23.50 -19.98
C ASN B 127 -19.60 23.62 -20.34
N PRO B 128 -20.03 23.08 -21.48
CA PRO B 128 -19.31 22.25 -22.43
C PRO B 128 -18.58 23.01 -23.56
N GLY B 129 -17.28 23.24 -23.40
CA GLY B 129 -16.49 23.87 -24.44
C GLY B 129 -16.57 25.37 -24.50
N LEU B 130 -17.09 25.99 -23.45
CA LEU B 130 -17.25 27.43 -23.43
C LEU B 130 -16.01 28.17 -22.97
N GLY B 131 -14.99 27.46 -22.49
CA GLY B 131 -13.82 28.12 -21.94
C GLY B 131 -13.15 29.11 -22.87
N ASP B 132 -13.03 28.77 -24.16
CA ASP B 132 -12.37 29.68 -25.10
C ASP B 132 -12.89 31.09 -25.01
N VAL B 133 -14.12 31.25 -24.56
CA VAL B 133 -14.75 32.54 -24.48
C VAL B 133 -14.87 33.02 -23.04
N TYR B 134 -15.36 32.15 -22.15
CA TYR B 134 -15.63 32.57 -20.79
C TYR B 134 -14.45 32.41 -19.82
N ASP B 135 -13.55 31.44 -20.06
CA ASP B 135 -12.44 31.16 -19.13
C ASP B 135 -11.20 32.03 -19.39
N TRP B 136 -10.43 31.71 -20.42
CA TRP B 136 -9.27 32.54 -20.75
C TRP B 136 -9.58 33.47 -21.91
N GLY B 137 -10.80 33.38 -22.44
CA GLY B 137 -11.18 34.26 -23.52
C GLY B 137 -11.41 35.64 -22.96
N GLY B 138 -11.07 36.64 -23.74
CA GLY B 138 -11.26 37.98 -23.23
C GLY B 138 -10.48 38.99 -24.01
N ALA B 139 -10.95 40.24 -23.90
CA ALA B 139 -10.28 41.38 -24.49
C ALA B 139 -9.67 42.34 -23.48
N ILE B 140 -9.98 42.19 -22.19
CA ILE B 140 -9.56 43.20 -21.21
C ILE B 140 -8.05 43.13 -21.02
N GLY B 141 -7.45 44.30 -20.78
CA GLY B 141 -6.02 44.38 -20.60
C GLY B 141 -5.59 43.96 -19.23
N GLY B 142 -4.27 44.05 -19.01
CA GLY B 142 -3.75 43.65 -17.72
C GLY B 142 -3.94 42.16 -17.57
N ALA B 143 -4.66 41.74 -16.54
CA ALA B 143 -4.89 40.33 -16.30
C ALA B 143 -6.22 40.22 -15.53
N LYS B 144 -7.27 39.82 -16.25
CA LYS B 144 -8.63 39.80 -15.69
C LYS B 144 -8.63 39.12 -14.32
N TYR B 145 -8.16 37.88 -14.28
CA TYR B 145 -8.10 37.11 -13.05
C TYR B 145 -6.94 36.12 -13.16
N GLN B 146 -6.89 35.19 -12.23
CA GLN B 146 -5.86 34.17 -12.20
C GLN B 146 -6.60 32.83 -12.22
N ASP B 147 -6.08 31.87 -12.97
CA ASP B 147 -6.78 30.58 -13.10
C ASP B 147 -6.28 29.60 -12.03
N ARG B 148 -5.07 29.08 -12.18
CA ARG B 148 -4.43 28.32 -11.12
C ARG B 148 -3.15 29.05 -10.76
N GLN B 149 -3.01 29.38 -9.47
CA GLN B 149 -1.91 30.21 -9.00
C GLN B 149 -1.07 29.50 -7.95
N SER B 150 0.25 29.57 -8.11
CA SER B 150 1.18 29.14 -7.09
C SER B 150 1.46 30.31 -6.17
N ASN B 151 2.11 30.03 -5.05
CA ASN B 151 2.31 31.02 -4.01
C ASN B 151 0.96 31.62 -3.62
N THR B 152 0.18 30.81 -2.92
CA THR B 152 -1.19 31.21 -2.61
C THR B 152 -1.57 30.56 -1.31
N ILE B 153 -2.23 31.32 -0.45
CA ILE B 153 -2.92 30.75 0.70
C ILE B 153 -4.40 31.03 0.51
N ARG B 154 -5.22 30.00 0.72
CA ARG B 154 -6.65 30.06 0.42
C ARG B 154 -7.41 29.37 1.53
N TRP B 155 -8.29 30.12 2.18
CA TRP B 155 -9.14 29.60 3.24
C TRP B 155 -10.47 29.27 2.61
N ASP B 156 -10.92 28.06 2.88
CA ASP B 156 -12.16 27.52 2.38
C ASP B 156 -13.06 27.40 3.60
N SER B 157 -14.21 28.08 3.57
CA SER B 157 -15.01 28.07 4.77
C SER B 157 -15.80 26.78 4.84
N PRO B 158 -16.35 26.43 6.04
CA PRO B 158 -17.27 25.29 6.13
C PRO B 158 -18.61 25.61 5.47
N MET B 159 -19.52 24.64 5.42
CA MET B 159 -20.87 24.92 4.94
C MET B 159 -21.71 25.24 6.17
N TYR B 160 -21.74 26.53 6.51
CA TYR B 160 -22.42 27.02 7.71
C TYR B 160 -23.92 26.86 7.58
N ALA B 161 -24.55 26.22 8.58
CA ALA B 161 -25.97 25.89 8.57
C ALA B 161 -26.30 24.92 7.46
N ASP B 162 -25.27 24.27 6.91
CA ASP B 162 -25.38 23.40 5.75
C ASP B 162 -25.93 24.15 4.53
N LYS B 163 -25.74 25.48 4.48
CA LYS B 163 -26.19 26.26 3.33
C LYS B 163 -25.21 27.34 2.86
N PHE B 164 -24.39 27.92 3.73
CA PHE B 164 -23.63 29.12 3.39
C PHE B 164 -22.15 28.89 3.63
N SER B 165 -21.33 29.28 2.64
CA SER B 165 -19.89 29.04 2.66
C SER B 165 -19.15 30.17 1.95
N ILE B 166 -17.93 30.44 2.44
CA ILE B 166 -17.04 31.50 1.95
C ILE B 166 -15.76 30.88 1.44
N ASP B 167 -15.27 31.38 0.31
CA ASP B 167 -13.98 31.01 -0.24
C ASP B 167 -13.17 32.30 -0.35
N ALA B 168 -11.93 32.28 0.14
CA ALA B 168 -11.13 33.50 0.22
C ALA B 168 -9.65 33.15 0.08
N ALA B 169 -8.93 33.95 -0.70
CA ALA B 169 -7.55 33.62 -1.01
C ALA B 169 -6.79 34.85 -1.47
N VAL B 170 -5.51 34.88 -1.12
CA VAL B 170 -4.56 35.88 -1.59
C VAL B 170 -3.26 35.17 -1.97
N GLY B 171 -2.52 35.76 -2.89
CA GLY B 171 -1.30 35.11 -3.31
C GLY B 171 -0.44 36.04 -4.12
N ALA B 172 0.72 35.55 -4.48
CA ALA B 172 1.63 36.31 -5.30
C ALA B 172 1.27 36.11 -6.76
N GLY B 173 1.65 37.09 -7.57
CA GLY B 173 1.29 37.08 -8.96
C GLY B 173 2.09 36.06 -9.76
N ASP B 174 1.80 36.04 -11.07
CA ASP B 174 2.50 35.15 -11.97
C ASP B 174 3.98 35.55 -12.07
N LYS B 175 4.24 36.83 -12.36
CA LYS B 175 5.60 37.32 -12.57
C LYS B 175 6.38 37.38 -11.25
N ALA B 176 5.70 37.66 -10.14
CA ALA B 176 6.37 37.76 -8.84
C ALA B 176 6.87 36.43 -8.32
N GLY B 177 6.23 35.32 -8.74
CA GLY B 177 6.65 33.99 -8.31
C GLY B 177 7.93 33.47 -8.93
N LEU B 178 8.52 34.24 -9.84
CA LEU B 178 9.80 33.95 -10.45
C LEU B 178 10.79 35.06 -10.14
N GLY B 179 10.50 35.88 -9.14
CA GLY B 179 11.35 36.98 -8.74
C GLY B 179 11.54 38.07 -9.76
N ALA B 180 10.60 38.23 -10.73
CA ALA B 180 10.73 39.26 -11.76
C ALA B 180 9.82 40.45 -11.53
N GLY B 181 8.96 40.43 -10.52
CA GLY B 181 8.10 41.56 -10.25
C GLY B 181 7.40 41.43 -8.92
N ASP B 182 6.38 42.27 -8.74
CA ASP B 182 5.60 42.23 -7.51
C ASP B 182 4.10 42.29 -7.79
N ASP B 183 3.65 41.73 -8.90
CA ASP B 183 2.21 41.59 -9.07
C ASP B 183 1.68 40.68 -7.95
N TYR B 184 0.45 40.93 -7.52
CA TYR B 184 -0.17 40.08 -6.52
C TYR B 184 -1.67 40.18 -6.66
N TRP B 185 -2.39 39.45 -5.79
CA TRP B 185 -3.83 39.34 -5.96
C TRP B 185 -4.47 38.76 -4.70
N GLY B 186 -5.77 39.06 -4.56
CA GLY B 186 -6.63 38.42 -3.59
C GLY B 186 -8.01 38.24 -4.19
N GLY B 187 -8.83 37.46 -3.52
CA GLY B 187 -10.15 37.19 -4.04
C GLY B 187 -11.00 36.51 -3.00
N ILE B 188 -12.31 36.63 -3.19
CA ILE B 188 -13.29 36.05 -2.28
C ILE B 188 -14.54 35.73 -3.08
N ALA B 189 -15.28 34.72 -2.63
CA ALA B 189 -16.56 34.37 -3.24
C ALA B 189 -17.45 33.77 -2.16
N ALA B 190 -18.77 33.85 -2.37
CA ALA B 190 -19.66 33.23 -1.40
C ALA B 190 -20.75 32.48 -2.12
N HIS B 191 -21.32 31.49 -1.44
CA HIS B 191 -22.38 30.67 -2.01
C HIS B 191 -23.40 30.41 -0.92
N TYR B 192 -24.64 30.81 -1.15
CA TYR B 192 -25.77 30.51 -0.28
C TYR B 192 -26.70 29.63 -1.07
N LYS B 193 -27.26 28.63 -0.42
CA LYS B 193 -28.02 27.58 -1.09
C LYS B 193 -29.48 27.71 -0.68
N LEU B 194 -30.25 28.44 -1.50
CA LEU B 194 -31.68 28.60 -1.26
C LEU B 194 -32.37 27.47 -1.99
N GLY B 195 -32.68 26.41 -1.24
CA GLY B 195 -33.36 25.26 -1.76
C GLY B 195 -32.69 24.63 -2.97
N PRO B 196 -33.46 24.44 -4.05
CA PRO B 196 -32.87 23.84 -5.27
C PRO B 196 -31.89 24.76 -5.95
N LEU B 197 -32.01 26.06 -5.76
CA LEU B 197 -31.04 26.96 -6.34
C LEU B 197 -29.79 26.99 -5.47
N GLN B 198 -28.76 27.58 -6.04
CA GLN B 198 -27.62 28.05 -5.28
C GLN B 198 -27.23 29.38 -5.85
N LEU B 199 -27.13 30.40 -5.01
CA LEU B 199 -26.73 31.70 -5.48
C LEU B 199 -25.23 31.84 -5.23
N ASP B 200 -24.52 32.34 -6.26
CA ASP B 200 -23.05 32.48 -6.30
C ASP B 200 -22.67 33.93 -6.58
N ALA B 201 -21.76 34.46 -5.78
CA ALA B 201 -21.16 35.76 -6.06
C ALA B 201 -19.65 35.62 -5.91
N ALA B 202 -18.90 36.49 -6.59
CA ALA B 202 -17.45 36.37 -6.50
C ALA B 202 -16.75 37.65 -6.93
N TYR B 203 -15.58 37.89 -6.33
CA TYR B 203 -14.70 39.00 -6.67
C TYR B 203 -13.26 38.50 -6.73
N GLU B 204 -12.45 39.10 -7.60
CA GLU B 204 -11.00 38.90 -7.53
C GLU B 204 -10.28 40.11 -8.11
N GLY B 205 -9.31 40.64 -7.39
CA GLY B 205 -8.60 41.85 -7.80
C GLY B 205 -7.10 41.64 -7.91
N ASN B 206 -6.52 42.15 -9.00
CA ASN B 206 -5.08 42.02 -9.24
C ASN B 206 -4.39 43.38 -9.20
N ARG B 207 -3.15 43.37 -8.73
CA ARG B 207 -2.36 44.58 -8.60
C ARG B 207 -0.95 44.34 -9.12
N ASN B 208 -0.30 45.44 -9.50
CA ASN B 208 1.10 45.48 -9.99
C ASN B 208 1.31 44.58 -11.19
N ILE B 209 0.28 44.50 -12.03
CA ILE B 209 0.31 43.71 -13.26
C ILE B 209 0.96 44.56 -14.34
N GLU B 210 2.17 44.16 -14.76
CA GLU B 210 2.89 44.88 -15.81
C GLU B 210 2.54 44.27 -17.17
N ALA B 211 2.05 45.11 -18.08
CA ALA B 211 1.67 44.66 -19.42
C ALA B 211 1.58 45.86 -20.34
N GLU B 212 1.99 45.67 -21.58
CA GLU B 212 1.90 46.68 -22.62
C GLU B 212 2.63 47.96 -22.25
N GLY B 213 3.62 47.91 -21.37
CA GLY B 213 4.31 49.14 -21.02
C GLY B 213 3.63 49.96 -19.95
N GLN B 214 2.59 49.44 -19.32
CA GLN B 214 1.90 50.12 -18.24
C GLN B 214 1.80 49.15 -17.07
N THR B 215 1.32 49.65 -15.94
CA THR B 215 1.04 48.82 -14.78
C THR B 215 -0.44 48.89 -14.46
N TRP B 216 -1.09 47.74 -14.33
CA TRP B 216 -2.54 47.67 -14.26
C TRP B 216 -3.03 47.18 -12.91
N GLU B 217 -4.26 47.55 -12.61
CA GLU B 217 -5.04 47.01 -11.50
C GLU B 217 -6.30 46.45 -12.12
N ASN B 218 -6.55 45.18 -11.88
CA ASN B 218 -7.69 44.48 -12.47
C ASN B 218 -8.71 44.16 -11.40
N ASN B 219 -9.96 44.58 -11.62
CA ASN B 219 -11.06 44.20 -10.76
C ASN B 219 -12.08 43.39 -11.53
N THR B 220 -12.53 42.30 -10.93
CA THR B 220 -13.44 41.39 -11.60
C THR B 220 -14.45 40.86 -10.61
N TYR B 221 -15.72 40.83 -11.04
CA TYR B 221 -16.88 40.46 -10.23
C TYR B 221 -17.76 39.49 -11.01
N LEU B 222 -18.28 38.49 -10.30
CA LEU B 222 -19.07 37.45 -10.93
C LEU B 222 -20.26 37.13 -10.06
N VAL B 223 -21.44 37.08 -10.69
CA VAL B 223 -22.67 36.66 -10.04
C VAL B 223 -23.29 35.56 -10.86
N GLY B 224 -23.85 34.57 -10.18
CA GLY B 224 -24.37 33.46 -10.95
C GLY B 224 -25.34 32.64 -10.14
N VAL B 225 -26.02 31.74 -10.83
CA VAL B 225 -27.03 30.91 -10.22
C VAL B 225 -26.85 29.50 -10.73
N GLN B 226 -27.36 28.56 -9.94
CA GLN B 226 -27.26 27.15 -10.27
C GLN B 226 -28.51 26.47 -9.73
N GLY B 227 -29.08 25.58 -10.53
CA GLY B 227 -30.24 24.83 -10.09
C GLY B 227 -30.18 23.41 -10.60
N TRP B 228 -30.72 22.50 -9.79
CA TRP B 228 -30.80 21.08 -10.11
C TRP B 228 -32.13 20.54 -9.61
N PHE B 229 -32.99 20.04 -10.51
CA PHE B 229 -34.34 19.66 -10.10
C PHE B 229 -34.61 18.18 -10.38
N GLU B 230 -35.44 17.58 -9.53
CA GLU B 230 -35.82 16.17 -9.70
C GLU B 230 -36.53 15.96 -11.03
N ASN B 231 -37.10 17.04 -11.60
CA ASN B 231 -37.72 16.98 -12.91
C ASN B 231 -36.71 16.66 -14.00
N GLY B 232 -35.42 16.63 -13.67
CA GLY B 232 -34.37 16.42 -14.62
C GLY B 232 -33.81 17.70 -15.18
N ILE B 233 -34.46 18.84 -14.94
CA ILE B 233 -33.95 20.12 -15.41
C ILE B 233 -32.88 20.61 -14.44
N SER B 234 -31.75 21.07 -14.99
CA SER B 234 -30.69 21.71 -14.23
C SER B 234 -30.14 22.85 -15.08
N PHE B 235 -29.67 23.89 -14.43
CA PHE B 235 -29.28 25.07 -15.20
C PHE B 235 -28.29 25.90 -14.41
N PHE B 236 -27.58 26.75 -15.14
CA PHE B 236 -26.69 27.72 -14.54
C PHE B 236 -26.67 28.95 -15.43
N ALA B 237 -26.49 30.11 -14.78
CA ALA B 237 -26.34 31.36 -15.49
C ALA B 237 -25.36 32.21 -14.71
N GLN B 238 -24.57 32.99 -15.42
CA GLN B 238 -23.52 33.74 -14.74
C GLN B 238 -23.22 35.00 -15.52
N TYR B 239 -22.99 36.09 -14.78
CA TYR B 239 -22.57 37.35 -15.35
C TYR B 239 -21.22 37.73 -14.76
N LYS B 240 -20.29 38.10 -15.63
CA LYS B 240 -18.92 38.42 -15.23
C LYS B 240 -18.63 39.86 -15.60
N TYR B 241 -18.18 40.65 -14.63
CA TYR B 241 -17.87 42.06 -14.85
C TYR B 241 -16.38 42.25 -14.64
N MET B 242 -15.70 42.75 -15.67
CA MET B 242 -14.26 42.89 -15.65
C MET B 242 -13.91 44.35 -15.95
N GLU B 243 -13.30 45.01 -15.01
CA GLU B 243 -12.78 46.34 -15.23
C GLU B 243 -11.25 46.27 -15.17
N ALA B 244 -10.59 47.28 -15.71
CA ALA B 244 -9.14 47.30 -15.69
C ALA B 244 -8.67 48.73 -15.88
N ASP B 245 -7.67 49.14 -15.08
CA ASP B 245 -7.15 50.49 -15.11
C ASP B 245 -5.62 50.47 -15.23
N ALA B 246 -5.11 51.12 -16.27
CA ALA B 246 -3.70 51.15 -16.60
C ALA B 246 -2.98 52.34 -15.97
N SER B 247 -1.66 52.24 -15.93
CA SER B 247 -0.81 53.23 -15.28
C SER B 247 -0.77 54.57 -16.01
N ASN B 248 -1.03 54.60 -17.32
CA ASN B 248 -1.07 55.90 -18.00
C ASN B 248 -2.43 56.56 -17.88
N GLY B 249 -3.35 55.98 -17.11
CA GLY B 249 -4.66 56.58 -16.92
C GLY B 249 -5.76 56.05 -17.82
N VAL B 250 -5.49 55.05 -18.67
CA VAL B 250 -6.54 54.45 -19.46
C VAL B 250 -7.47 53.63 -18.58
N ASN B 251 -8.72 53.55 -18.98
CA ASN B 251 -9.68 52.66 -18.34
C ASN B 251 -10.18 51.69 -19.40
N GLU B 252 -10.41 50.45 -18.98
CA GLU B 252 -11.00 49.47 -19.86
C GLU B 252 -12.05 48.70 -19.08
N LYS B 253 -13.09 48.32 -19.80
CA LYS B 253 -14.18 47.56 -19.25
C LYS B 253 -14.63 46.56 -20.29
N GLN B 254 -14.82 45.31 -19.87
CA GLN B 254 -15.47 44.30 -20.68
C GLN B 254 -16.28 43.46 -19.71
N ASP B 255 -17.39 42.93 -20.20
CA ASP B 255 -18.25 42.10 -19.37
C ASP B 255 -18.68 40.91 -20.20
N ALA B 256 -19.26 39.93 -19.53
CA ALA B 256 -19.52 38.68 -20.21
C ALA B 256 -20.60 37.93 -19.46
N MET B 257 -21.05 36.86 -20.10
CA MET B 257 -22.10 36.04 -19.53
C MET B 257 -21.91 34.62 -20.00
N SER B 258 -22.37 33.69 -19.20
CA SER B 258 -22.41 32.31 -19.61
C SER B 258 -23.55 31.60 -18.94
N ALA B 259 -24.27 30.82 -19.73
CA ALA B 259 -25.39 30.03 -19.21
C ALA B 259 -25.42 28.68 -19.92
N GLY B 260 -26.03 27.73 -19.22
CA GLY B 260 -26.08 26.37 -19.67
C GLY B 260 -27.34 25.75 -19.12
N LEU B 261 -28.06 25.08 -20.02
CA LEU B 261 -29.33 24.44 -19.73
C LEU B 261 -29.16 22.96 -20.04
N MET B 262 -29.65 22.10 -19.14
CA MET B 262 -29.44 20.68 -19.37
C MET B 262 -30.63 19.89 -18.84
N TYR B 263 -31.03 18.87 -19.60
CA TYR B 263 -32.05 17.89 -19.23
C TYR B 263 -31.40 16.51 -19.08
N THR B 264 -31.88 15.75 -18.10
CA THR B 264 -31.32 14.48 -17.69
C THR B 264 -32.43 13.43 -17.70
N THR B 265 -32.31 12.42 -18.57
CA THR B 265 -33.22 11.27 -18.58
C THR B 265 -32.38 10.01 -18.36
N GLY B 266 -32.74 9.21 -17.37
CA GLY B 266 -32.09 7.93 -17.19
C GLY B 266 -30.59 8.05 -16.96
N ASP B 267 -29.81 7.47 -17.89
CA ASP B 267 -28.36 7.59 -17.86
C ASP B 267 -27.83 8.62 -18.87
N TRP B 268 -28.67 9.58 -19.26
CA TRP B 268 -28.29 10.51 -20.30
C TRP B 268 -28.39 11.93 -19.75
N GLN B 269 -27.56 12.81 -20.28
CA GLN B 269 -27.68 14.23 -20.00
C GLN B 269 -27.59 14.94 -21.34
N TYR B 270 -28.59 15.76 -21.63
CA TYR B 270 -28.50 16.64 -22.77
C TYR B 270 -28.04 18.00 -22.25
N LYS B 271 -27.15 18.65 -22.98
CA LYS B 271 -26.61 19.92 -22.51
C LYS B 271 -26.46 20.87 -23.67
N LEU B 272 -26.85 22.11 -23.43
CA LEU B 272 -26.73 23.19 -24.37
C LEU B 272 -26.12 24.37 -23.63
N GLY B 273 -25.10 24.98 -24.20
CA GLY B 273 -24.38 26.04 -23.52
C GLY B 273 -24.18 27.24 -24.42
N TYR B 274 -24.11 28.41 -23.80
CA TYR B 274 -23.81 29.66 -24.51
C TYR B 274 -23.01 30.56 -23.60
N ALA B 275 -21.95 31.16 -24.14
CA ALA B 275 -21.18 32.17 -23.41
C ALA B 275 -20.81 33.31 -24.34
N ALA B 276 -20.65 34.51 -23.77
CA ALA B 276 -20.26 35.65 -24.59
C ALA B 276 -19.57 36.72 -23.77
N ASN B 277 -18.39 37.12 -24.22
CA ASN B 277 -17.82 38.41 -23.88
C ASN B 277 -18.40 39.47 -24.78
N PHE B 278 -18.59 40.66 -24.24
CA PHE B 278 -19.18 41.72 -25.04
C PHE B 278 -18.11 42.66 -25.57
N ASP B 279 -18.53 43.63 -26.36
CA ASP B 279 -17.58 44.54 -26.99
C ASP B 279 -16.84 45.30 -25.90
N LEU B 280 -15.59 45.64 -26.16
CA LEU B 280 -14.75 46.26 -25.14
C LEU B 280 -14.87 47.77 -25.17
N GLU B 281 -14.99 48.35 -23.97
CA GLU B 281 -15.01 49.79 -23.80
C GLU B 281 -13.64 50.23 -23.30
N ARG B 282 -13.05 51.21 -23.98
CA ARG B 282 -11.79 51.83 -23.56
C ARG B 282 -11.98 53.33 -23.45
N ASP B 283 -11.85 53.83 -22.23
CA ASP B 283 -11.94 55.26 -21.94
C ASP B 283 -13.30 55.81 -22.35
N GLY B 284 -14.35 55.01 -22.14
CA GLY B 284 -15.72 55.34 -22.51
C GLY B 284 -16.12 55.00 -23.92
N LYS B 285 -15.21 55.20 -24.88
CA LYS B 285 -15.46 54.84 -26.28
C LYS B 285 -15.38 53.33 -26.45
N THR B 286 -16.35 52.77 -27.14
CA THR B 286 -16.39 51.34 -27.38
C THR B 286 -15.57 51.00 -28.61
N LEU B 287 -14.93 49.83 -28.58
CA LEU B 287 -14.06 49.35 -29.64
C LEU B 287 -14.80 48.33 -30.49
N SER B 288 -14.89 48.59 -31.78
CA SER B 288 -15.79 47.87 -32.67
C SER B 288 -15.39 46.41 -32.85
N ASN B 289 -16.40 45.54 -32.86
CA ASN B 289 -16.26 44.10 -33.08
C ASN B 289 -15.13 43.52 -32.22
N THR B 290 -15.42 43.48 -30.92
CA THR B 290 -14.55 42.87 -29.93
C THR B 290 -15.30 41.86 -29.07
N SER B 291 -16.50 41.47 -29.45
CA SER B 291 -17.21 40.49 -28.66
C SER B 291 -16.85 39.10 -29.15
N ASP B 292 -17.04 38.13 -28.28
CA ASP B 292 -16.88 36.72 -28.58
C ASP B 292 -18.13 36.02 -28.10
N ASP B 293 -18.57 35.01 -28.84
CA ASP B 293 -19.70 34.23 -28.39
C ASP B 293 -19.48 32.80 -28.84
N VAL B 294 -19.81 31.87 -27.97
CA VAL B 294 -19.69 30.46 -28.28
C VAL B 294 -20.97 29.79 -27.86
N VAL B 295 -21.45 28.89 -28.70
CA VAL B 295 -22.60 28.05 -28.41
C VAL B 295 -22.18 26.59 -28.56
N SER B 296 -22.80 25.72 -27.76
CA SER B 296 -22.41 24.32 -27.78
C SER B 296 -23.55 23.41 -27.36
N ALA B 297 -23.55 22.20 -27.94
CA ALA B 297 -24.47 21.13 -27.60
C ALA B 297 -23.66 19.86 -27.35
N GLN B 298 -24.12 19.04 -26.41
CA GLN B 298 -23.38 17.85 -26.00
C GLN B 298 -24.32 16.80 -25.44
N ILE B 299 -24.12 15.56 -25.86
CA ILE B 299 -24.80 14.41 -25.27
C ILE B 299 -23.82 13.72 -24.34
N MET B 300 -24.29 13.28 -23.17
CA MET B 300 -23.42 12.65 -22.20
C MET B 300 -24.08 11.40 -21.66
N TYR B 301 -23.35 10.29 -21.67
CA TYR B 301 -23.83 9.01 -21.16
C TYR B 301 -23.10 8.65 -19.88
N PHE B 302 -23.85 8.26 -18.84
CA PHE B 302 -23.26 7.86 -17.56
C PHE B 302 -23.03 6.36 -17.55
N VAL B 303 -21.92 5.96 -18.17
CA VAL B 303 -21.62 4.55 -18.41
C VAL B 303 -21.21 3.81 -17.14
N ASP B 304 -20.69 4.51 -16.13
CA ASP B 304 -20.37 3.92 -14.84
C ASP B 304 -20.40 5.05 -13.82
N PRO B 305 -20.76 4.77 -12.55
CA PRO B 305 -20.81 5.85 -11.55
C PRO B 305 -19.62 6.76 -11.56
N SER B 306 -18.46 6.24 -11.95
CA SER B 306 -17.19 6.94 -11.95
C SER B 306 -16.76 7.38 -13.34
N ALA B 307 -17.60 7.21 -14.37
CA ALA B 307 -17.19 7.56 -15.73
C ALA B 307 -18.37 7.94 -16.63
N VAL B 308 -18.04 8.67 -17.71
CA VAL B 308 -19.02 9.16 -18.68
C VAL B 308 -18.47 9.09 -20.10
N LEU B 309 -19.36 8.89 -21.06
CA LEU B 309 -19.07 9.08 -22.47
C LEU B 309 -19.83 10.30 -22.96
N TYR B 310 -19.25 11.05 -23.89
CA TYR B 310 -19.92 12.26 -24.31
C TYR B 310 -19.53 12.67 -25.72
N ALA B 311 -20.50 13.19 -26.46
CA ALA B 311 -20.26 13.85 -27.74
C ALA B 311 -20.70 15.31 -27.63
N ARG B 312 -20.03 16.17 -28.39
CA ARG B 312 -20.27 17.59 -28.31
C ARG B 312 -19.83 18.26 -29.60
N ALA B 313 -20.53 19.32 -29.96
CA ALA B 313 -20.09 20.19 -31.04
C ALA B 313 -20.34 21.62 -30.62
N ARG B 314 -19.45 22.52 -31.08
CA ARG B 314 -19.49 23.91 -30.63
C ARG B 314 -19.04 24.84 -31.75
N MET B 315 -19.40 26.13 -31.59
CA MET B 315 -19.16 27.16 -32.59
C MET B 315 -18.65 28.43 -31.92
N ASN B 316 -17.46 28.88 -32.32
CA ASN B 316 -16.83 30.07 -31.76
C ASN B 316 -16.76 31.18 -32.79
N ASP B 317 -17.38 32.32 -32.51
CA ASP B 317 -17.07 33.52 -33.28
C ASP B 317 -16.33 34.46 -32.35
N PHE B 318 -15.12 34.84 -32.75
CA PHE B 318 -14.19 35.61 -31.94
C PHE B 318 -14.08 37.01 -32.52
N ASN B 319 -13.40 37.87 -31.77
CA ASN B 319 -13.20 39.28 -32.12
C ASN B 319 -12.37 39.43 -33.38
N GLU B 320 -12.33 40.64 -33.92
CA GLU B 320 -11.56 40.95 -35.13
C GLU B 320 -10.29 41.73 -34.85
N GLY B 321 -9.86 41.81 -33.59
CA GLY B 321 -8.57 42.37 -33.26
C GLY B 321 -8.60 43.58 -32.36
N LEU B 322 -7.51 43.80 -31.63
CA LEU B 322 -7.42 44.89 -30.68
C LEU B 322 -5.97 45.24 -30.43
N ASP B 323 -5.61 46.50 -30.64
CA ASP B 323 -4.27 46.92 -30.31
C ASP B 323 -4.22 47.20 -28.82
N GLY B 324 -3.19 46.69 -28.15
CA GLY B 324 -2.95 47.03 -26.76
C GLY B 324 -2.46 48.46 -26.62
N LEU B 325 -2.25 48.88 -25.38
CA LEU B 325 -1.80 50.23 -25.12
C LEU B 325 -0.36 50.48 -25.53
N ASP B 326 0.13 49.77 -26.56
CA ASP B 326 1.48 49.99 -27.06
C ASP B 326 1.54 49.99 -28.57
N ASP B 327 0.40 50.20 -29.23
CA ASP B 327 0.27 50.22 -30.68
C ASP B 327 0.48 48.84 -31.30
N ALA B 328 0.82 47.83 -30.48
CA ALA B 328 1.03 46.47 -30.93
C ALA B 328 -0.18 45.62 -30.54
N ALA B 329 -0.58 44.73 -31.42
CA ALA B 329 -1.78 43.93 -31.22
C ALA B 329 -1.73 43.17 -29.90
N ARG B 330 -2.90 43.00 -29.30
CA ARG B 330 -3.05 42.26 -28.06
C ARG B 330 -3.55 40.86 -28.39
N TRP B 331 -3.16 39.90 -27.58
CA TRP B 331 -3.56 38.52 -27.85
C TRP B 331 -4.88 38.22 -27.16
N THR B 332 -5.77 37.54 -27.89
CA THR B 332 -7.02 37.01 -27.38
C THR B 332 -7.21 35.61 -27.93
N SER B 333 -8.15 34.88 -27.33
CA SER B 333 -8.46 33.53 -27.80
C SER B 333 -8.79 33.48 -29.28
N GLY B 334 -9.13 34.62 -29.88
CA GLY B 334 -9.40 34.76 -31.29
C GLY B 334 -8.24 35.14 -32.17
N THR B 335 -7.00 35.20 -31.65
CA THR B 335 -5.85 35.52 -32.48
C THR B 335 -5.51 34.39 -33.46
N ASN B 336 -6.18 33.24 -33.32
CA ASN B 336 -6.10 32.15 -34.29
C ASN B 336 -7.32 32.02 -35.20
N GLY B 337 -8.40 32.74 -34.94
CA GLY B 337 -9.56 32.76 -35.81
C GLY B 337 -10.73 31.93 -35.29
N ASP B 338 -11.88 32.12 -35.98
CA ASP B 338 -13.09 31.38 -35.68
C ASP B 338 -12.88 29.90 -35.98
N TYR B 339 -13.64 29.04 -35.30
CA TYR B 339 -13.58 27.61 -35.58
C TYR B 339 -14.75 26.90 -34.91
N ASN B 340 -15.10 25.73 -35.45
CA ASN B 340 -16.06 24.77 -34.91
C ASN B 340 -15.30 23.54 -34.46
N GLU B 341 -15.96 22.70 -33.66
CA GLU B 341 -15.30 21.47 -33.23
C GLU B 341 -16.34 20.43 -32.86
N TYR B 342 -16.14 19.22 -33.37
CA TYR B 342 -16.94 18.05 -33.04
C TYR B 342 -16.05 17.05 -32.34
N SER B 343 -16.56 16.42 -31.28
CA SER B 343 -15.70 15.60 -30.45
C SER B 343 -16.50 14.61 -29.62
N VAL B 344 -15.93 13.43 -29.45
CA VAL B 344 -16.33 12.51 -28.40
C VAL B 344 -15.15 12.39 -27.46
N GLY B 345 -15.43 11.99 -26.24
CA GLY B 345 -14.41 11.83 -25.23
C GLY B 345 -14.85 10.86 -24.16
N VAL B 346 -13.90 10.56 -23.26
CA VAL B 346 -14.16 9.75 -22.08
C VAL B 346 -13.65 10.49 -20.84
N GLU B 347 -14.23 10.15 -19.68
CA GLU B 347 -13.85 10.72 -18.39
C GLU B 347 -14.02 9.68 -17.28
N TYR B 348 -12.92 9.32 -16.59
CA TYR B 348 -12.90 8.27 -15.57
C TYR B 348 -12.25 8.78 -14.29
N TYR B 349 -12.70 8.27 -13.12
CA TYR B 349 -12.24 8.80 -11.83
C TYR B 349 -11.50 7.78 -10.97
N PHE B 350 -10.28 8.17 -10.55
CA PHE B 350 -9.22 7.55 -9.66
C PHE B 350 -8.55 6.25 -10.12
N GLU C 20 -7.02 2.00 7.75
CA GLU C 20 -5.64 2.09 8.22
C GLU C 20 -5.37 0.93 9.16
N VAL C 21 -4.15 0.42 9.10
CA VAL C 21 -3.68 -0.61 10.01
C VAL C 21 -2.84 0.07 11.08
N TYR C 22 -2.91 -0.43 12.30
CA TYR C 22 -2.18 0.19 13.38
C TYR C 22 -1.73 -0.93 14.28
N GLY C 23 -0.45 -1.01 14.52
CA GLY C 23 0.11 -1.93 15.47
C GLY C 23 0.65 -1.29 16.74
N ILE C 24 0.68 -2.10 17.79
CA ILE C 24 1.52 -1.84 18.94
C ILE C 24 2.38 -3.07 19.08
N ILE C 25 3.66 -2.91 18.80
CA ILE C 25 4.65 -3.99 18.94
C ILE C 25 5.16 -3.96 20.36
N ALA C 26 5.21 -5.12 21.02
CA ALA C 26 5.46 -5.13 22.46
C ALA C 26 6.05 -6.47 22.88
N MET C 27 7.35 -6.49 23.17
CA MET C 27 8.03 -7.69 23.62
C MET C 27 8.67 -7.41 24.96
N GLN C 28 8.47 -8.34 25.90
CA GLN C 28 9.05 -8.22 27.22
C GLN C 28 9.62 -9.59 27.56
N ALA C 29 10.91 -9.62 27.87
CA ALA C 29 11.58 -10.83 28.33
C ALA C 29 11.56 -10.79 29.85
N ALA C 30 10.97 -11.80 30.48
CA ALA C 30 10.62 -11.69 31.88
C ALA C 30 10.94 -12.99 32.60
N TYR C 31 11.93 -12.92 33.49
CA TYR C 31 12.25 -13.98 34.45
C TYR C 31 11.42 -13.81 35.72
N ARG C 32 10.77 -14.89 36.17
CA ARG C 32 9.92 -14.87 37.35
C ARG C 32 10.40 -15.90 38.36
N ASP C 33 10.59 -15.47 39.61
CA ASP C 33 11.02 -16.34 40.72
C ASP C 33 9.86 -16.44 41.69
N TYR C 34 9.19 -17.59 41.67
CA TYR C 34 8.02 -17.84 42.49
C TYR C 34 8.43 -18.51 43.78
N ASP C 35 7.76 -18.12 44.88
CA ASP C 35 7.81 -18.91 46.10
C ASP C 35 6.37 -19.17 46.51
N SER C 36 5.91 -20.38 46.23
CA SER C 36 4.55 -20.79 46.51
C SER C 36 4.45 -21.76 47.67
N GLY C 37 5.56 -22.39 48.07
CA GLY C 37 5.46 -23.43 49.06
C GLY C 37 5.33 -24.82 48.49
N ASP C 38 5.49 -24.96 47.18
CA ASP C 38 5.61 -26.25 46.51
C ASP C 38 6.67 -26.03 45.46
N ALA C 39 7.80 -26.74 45.57
CA ALA C 39 8.92 -26.48 44.68
C ALA C 39 8.66 -26.97 43.26
N LYS C 40 7.78 -27.98 43.09
CA LYS C 40 7.39 -28.38 41.74
C LYS C 40 6.58 -27.29 41.07
N GLN C 41 5.55 -26.78 41.74
CA GLN C 41 4.80 -25.63 41.26
C GLN C 41 5.71 -24.44 41.01
N ASP C 42 6.70 -24.24 41.88
CA ASP C 42 7.59 -23.10 41.75
C ASP C 42 8.38 -23.12 40.45
N ASP C 43 8.84 -24.31 40.02
CA ASP C 43 9.61 -24.42 38.79
C ASP C 43 8.71 -24.32 37.57
N ASN C 44 7.52 -24.86 37.68
CA ASN C 44 6.53 -24.71 36.63
C ASN C 44 6.28 -23.23 36.40
N LEU C 45 5.67 -22.58 37.41
CA LEU C 45 5.19 -21.21 37.32
C LEU C 45 6.33 -20.21 37.08
N GLY C 46 7.47 -20.42 37.76
CA GLY C 46 8.63 -19.56 37.61
C GLY C 46 9.48 -19.86 36.39
N GLY C 47 10.58 -19.12 36.28
CA GLY C 47 11.47 -19.21 35.14
C GLY C 47 11.27 -18.06 34.16
N MET C 48 12.11 -18.07 33.13
CA MET C 48 12.16 -16.99 32.14
C MET C 48 11.16 -17.26 31.02
N GLN C 49 10.50 -16.19 30.55
CA GLN C 49 9.54 -16.31 29.45
C GLN C 49 9.52 -15.04 28.61
N LEU C 50 8.84 -15.15 27.46
CA LEU C 50 8.65 -14.03 26.56
C LEU C 50 7.16 -13.68 26.52
N ASN C 51 6.85 -12.44 26.88
CA ASN C 51 5.49 -11.91 26.91
C ASN C 51 5.31 -11.00 25.71
N ASN C 52 4.88 -11.58 24.59
CA ASN C 52 4.60 -10.81 23.41
C ASN C 52 3.19 -10.26 23.53
N GLU C 53 3.08 -8.96 23.77
CA GLU C 53 1.79 -8.27 23.80
C GLU C 53 1.60 -7.41 22.59
N SER C 54 2.33 -7.69 21.52
CA SER C 54 2.14 -6.99 20.27
C SER C 54 0.79 -7.35 19.67
N ARG C 55 0.20 -6.40 18.95
CA ARG C 55 -1.14 -6.60 18.41
C ARG C 55 -1.33 -5.72 17.20
N ILE C 56 -2.07 -6.24 16.22
CA ILE C 56 -2.45 -5.45 15.05
C ILE C 56 -3.96 -5.28 15.02
N GLY C 57 -4.39 -4.08 14.63
CA GLY C 57 -5.78 -3.73 14.57
C GLY C 57 -6.00 -2.81 13.40
N PHE C 58 -7.28 -2.59 13.12
CA PHE C 58 -7.75 -1.74 12.06
C PHE C 58 -8.76 -0.75 12.59
N ARG C 59 -8.72 0.46 12.08
CA ARG C 59 -9.66 1.49 12.52
C ARG C 59 -9.86 2.51 11.40
N GLY C 60 -10.94 3.27 11.50
CA GLY C 60 -11.21 4.30 10.52
C GLY C 60 -12.42 5.13 10.90
N LYS C 61 -12.61 6.21 10.16
CA LYS C 61 -13.80 7.03 10.27
C LYS C 61 -14.40 7.12 8.87
N LYS C 62 -15.68 7.47 8.79
CA LYS C 62 -16.34 7.66 7.50
C LYS C 62 -17.40 8.73 7.68
N GLN C 63 -17.45 9.71 6.78
CA GLN C 63 -18.47 10.76 6.83
C GLN C 63 -19.70 10.30 6.07
N PHE C 64 -20.75 9.94 6.81
CA PHE C 64 -22.00 9.54 6.20
C PHE C 64 -22.64 10.70 5.44
N ALA C 65 -23.07 10.43 4.20
CA ALA C 65 -23.56 11.48 3.31
C ALA C 65 -24.75 12.19 3.90
N ASN C 66 -25.48 11.54 4.79
CA ASN C 66 -26.63 12.12 5.48
C ASN C 66 -26.48 12.11 7.00
N PHE C 67 -25.37 12.59 7.55
CA PHE C 67 -25.19 12.50 8.99
C PHE C 67 -23.93 13.23 9.45
N GLU C 68 -24.13 14.29 10.22
CA GLU C 68 -23.06 15.15 10.68
C GLU C 68 -22.16 14.38 11.64
N PRO C 69 -22.70 13.59 12.58
CA PRO C 69 -21.80 12.78 13.40
C PRO C 69 -20.96 11.86 12.51
N THR C 70 -19.66 11.84 12.76
CA THR C 70 -18.76 11.04 11.95
C THR C 70 -18.78 9.60 12.44
N PHE C 71 -19.00 8.67 11.51
CA PHE C 71 -19.01 7.27 11.85
C PHE C 71 -17.58 6.85 12.14
N ILE C 72 -17.39 6.13 13.23
CA ILE C 72 -16.09 5.61 13.59
C ILE C 72 -16.27 4.13 13.86
N TRP C 73 -15.18 3.38 13.65
CA TRP C 73 -15.18 1.95 13.84
C TRP C 73 -13.75 1.53 14.17
N GLN C 74 -13.62 0.40 14.87
CA GLN C 74 -12.30 -0.14 15.16
C GLN C 74 -12.36 -1.64 15.45
N ILE C 75 -11.41 -2.39 14.89
CA ILE C 75 -11.21 -3.79 15.26
C ILE C 75 -9.75 -3.95 15.64
N GLU C 76 -9.48 -4.20 16.92
CA GLU C 76 -8.13 -4.37 17.43
C GLU C 76 -8.00 -5.81 17.89
N GLY C 77 -7.09 -6.55 17.27
CA GLY C 77 -6.84 -7.92 17.68
C GLY C 77 -6.17 -8.01 19.04
N GLY C 78 -6.02 -9.23 19.53
CA GLY C 78 -5.50 -9.46 20.85
C GLY C 78 -3.98 -9.53 20.92
N TYR C 79 -3.49 -9.87 22.11
CA TYR C 79 -2.09 -10.13 22.33
C TYR C 79 -1.65 -11.32 21.50
N VAL C 80 -0.58 -11.14 20.74
CA VAL C 80 -0.20 -12.14 19.76
C VAL C 80 0.34 -13.42 20.42
N ASP C 81 1.30 -13.30 21.33
CA ASP C 81 1.71 -14.42 22.18
C ASP C 81 2.03 -13.89 23.56
N PRO C 82 1.03 -13.77 24.42
CA PRO C 82 1.29 -13.44 25.83
C PRO C 82 2.07 -14.56 26.49
N SER C 83 2.72 -14.22 27.61
CA SER C 83 3.34 -15.24 28.43
C SER C 83 2.28 -16.10 29.11
N PHE C 84 2.68 -17.26 29.61
CA PHE C 84 1.78 -18.19 30.28
C PHE C 84 0.62 -18.63 29.40
N GLY C 85 0.72 -18.39 28.09
CA GLY C 85 -0.35 -18.63 27.16
C GLY C 85 0.15 -19.02 25.78
N GLY C 86 -0.80 -19.44 24.95
CA GLY C 86 -0.52 -19.88 23.61
C GLY C 86 -0.38 -18.73 22.63
N GLU C 87 -0.15 -19.11 21.37
CA GLU C 87 0.08 -18.18 20.28
C GLU C 87 -1.21 -17.88 19.51
N GLY C 88 -1.18 -16.81 18.73
CA GLY C 88 -2.33 -16.49 17.93
C GLY C 88 -3.38 -15.73 18.72
N ALA C 89 -3.96 -14.72 18.07
CA ALA C 89 -5.09 -13.98 18.62
C ALA C 89 -5.97 -13.55 17.45
N GLY C 90 -7.28 -13.79 17.55
CA GLY C 90 -8.22 -13.31 16.56
C GLY C 90 -8.33 -11.78 16.56
N LEU C 91 -9.22 -11.27 15.69
CA LEU C 91 -9.48 -9.84 15.61
C LEU C 91 -10.67 -9.48 16.46
N GLY C 92 -10.57 -8.38 17.18
CA GLY C 92 -11.63 -8.02 18.10
C GLY C 92 -11.51 -8.55 19.51
N GLU C 93 -10.32 -8.96 19.95
CA GLU C 93 -10.16 -9.35 21.34
C GLU C 93 -9.91 -8.14 22.21
N ARG C 94 -9.45 -7.05 21.62
CA ARG C 94 -9.33 -5.78 22.31
C ARG C 94 -10.32 -4.80 21.67
N ASP C 95 -10.23 -3.53 22.06
CA ASP C 95 -11.28 -2.54 21.81
C ASP C 95 -11.85 -2.61 20.40
N THR C 96 -13.07 -3.16 20.26
CA THR C 96 -13.76 -3.31 18.98
C THR C 96 -15.14 -2.67 19.08
N PHE C 97 -15.43 -1.70 18.21
CA PHE C 97 -16.64 -0.90 18.33
C PHE C 97 -16.95 -0.18 17.04
N VAL C 98 -18.21 0.28 16.95
CA VAL C 98 -18.67 1.31 16.02
C VAL C 98 -19.24 2.43 16.87
N GLY C 99 -19.22 3.64 16.33
CA GLY C 99 -19.73 4.76 17.08
C GLY C 99 -19.70 6.00 16.26
N PHE C 100 -20.10 7.09 16.90
CA PHE C 100 -20.25 8.38 16.27
C PHE C 100 -19.53 9.44 17.08
N GLU C 101 -19.17 10.53 16.40
CA GLU C 101 -18.53 11.61 17.11
C GLU C 101 -18.90 12.96 16.50
N SER C 102 -19.33 13.89 17.34
CA SER C 102 -19.44 15.28 16.96
C SER C 102 -18.58 16.07 17.94
N ALA C 103 -18.01 17.18 17.47
CA ALA C 103 -17.16 17.99 18.33
C ALA C 103 -17.91 18.55 19.55
N SER C 104 -19.19 18.93 19.36
CA SER C 104 -19.96 19.52 20.46
C SER C 104 -20.09 18.53 21.62
N TRP C 105 -20.68 17.38 21.37
CA TRP C 105 -21.09 16.48 22.44
C TRP C 105 -20.18 15.24 22.59
N GLY C 106 -19.04 15.20 21.91
CA GLY C 106 -18.09 14.14 22.18
C GLY C 106 -18.08 12.95 21.23
N GLN C 107 -18.35 11.76 21.77
CA GLN C 107 -18.23 10.51 21.04
C GLN C 107 -18.93 9.35 21.75
N VAL C 108 -19.92 8.74 21.10
CA VAL C 108 -20.62 7.58 21.64
C VAL C 108 -20.12 6.34 20.92
N ARG C 109 -19.85 5.28 21.69
CA ARG C 109 -19.36 4.01 21.16
C ARG C 109 -20.22 2.85 21.66
N LEU C 110 -20.42 1.88 20.78
CA LEU C 110 -21.09 0.63 21.12
C LEU C 110 -20.15 -0.51 20.81
N GLY C 111 -20.10 -1.50 21.68
CA GLY C 111 -19.30 -2.65 21.37
C GLY C 111 -18.44 -3.11 22.51
N ARG C 112 -17.13 -3.22 22.30
CA ARG C 112 -16.18 -3.68 23.31
C ARG C 112 -15.20 -2.56 23.62
N VAL C 113 -15.29 -1.99 24.82
CA VAL C 113 -14.48 -0.87 25.25
C VAL C 113 -14.00 -1.09 26.67
N LEU C 114 -13.22 -0.14 27.19
CA LEU C 114 -12.83 -0.12 28.59
C LEU C 114 -13.87 0.67 29.38
N THR C 115 -14.32 0.13 30.52
CA THR C 115 -15.27 0.89 31.31
C THR C 115 -14.56 2.15 31.83
N PRO C 116 -15.29 3.18 32.25
CA PRO C 116 -14.60 4.42 32.64
C PRO C 116 -13.71 4.24 33.84
N MET C 117 -14.05 3.35 34.76
CA MET C 117 -13.15 3.13 35.88
C MET C 117 -11.95 2.31 35.45
N TYR C 118 -12.16 1.30 34.61
CA TYR C 118 -11.02 0.48 34.29
C TYR C 118 -9.92 1.28 33.60
N GLU C 119 -10.29 2.27 32.79
CA GLU C 119 -9.26 3.10 32.18
C GLU C 119 -8.32 3.67 33.23
N LEU C 120 -8.87 4.14 34.35
CA LEU C 120 -8.04 4.73 35.41
C LEU C 120 -7.37 3.69 36.30
N VAL C 121 -7.97 2.51 36.44
CA VAL C 121 -7.30 1.46 37.20
C VAL C 121 -6.09 0.98 36.42
N ASP C 122 -6.19 1.05 35.10
CA ASP C 122 -5.13 0.65 34.20
C ASP C 122 -4.05 1.72 34.12
N TRP C 123 -4.43 2.91 33.69
CA TRP C 123 -3.48 4.00 33.52
C TRP C 123 -3.96 5.17 34.35
N PRO C 124 -3.13 5.71 35.24
CA PRO C 124 -1.73 5.29 35.32
C PRO C 124 -1.49 4.25 36.40
N ALA C 125 -2.58 3.77 37.02
CA ALA C 125 -2.51 3.13 38.33
C ALA C 125 -1.96 1.71 38.30
N SER C 126 -1.82 1.07 37.13
CA SER C 126 -1.28 -0.28 37.11
C SER C 126 0.15 -0.34 36.57
N ASN C 127 0.62 0.69 35.90
CA ASN C 127 1.98 0.70 35.37
C ASN C 127 2.94 1.22 36.45
N PRO C 128 4.16 0.68 36.66
CA PRO C 128 4.98 -0.34 36.01
C PRO C 128 4.85 -1.76 36.57
N GLY C 129 3.86 -2.52 36.11
CA GLY C 129 3.74 -3.89 36.57
C GLY C 129 3.02 -4.11 37.88
N LEU C 130 2.28 -3.12 38.37
CA LEU C 130 1.57 -3.30 39.62
C LEU C 130 0.28 -4.05 39.40
N GLY C 131 -0.06 -4.31 38.14
CA GLY C 131 -1.39 -4.80 37.79
C GLY C 131 -1.83 -6.02 38.56
N ASP C 132 -0.92 -6.96 38.81
CA ASP C 132 -1.35 -8.18 39.51
C ASP C 132 -2.15 -7.89 40.76
N VAL C 133 -1.97 -6.73 41.37
CA VAL C 133 -2.63 -6.42 42.63
C VAL C 133 -3.70 -5.34 42.46
N TYR C 134 -3.42 -4.26 41.74
CA TYR C 134 -4.39 -3.18 41.62
C TYR C 134 -5.40 -3.42 40.51
N ASP C 135 -5.05 -4.20 39.49
CA ASP C 135 -5.90 -4.47 38.34
C ASP C 135 -6.89 -5.58 38.68
N TRP C 136 -6.44 -6.84 38.74
CA TRP C 136 -7.30 -7.95 39.16
C TRP C 136 -7.00 -8.50 40.56
N GLY C 137 -6.06 -7.91 41.28
CA GLY C 137 -5.66 -8.43 42.58
C GLY C 137 -6.64 -8.12 43.70
N GLY C 138 -7.73 -8.88 43.76
CA GLY C 138 -8.71 -8.62 44.79
C GLY C 138 -8.98 -9.81 45.67
N ALA C 139 -9.51 -9.53 46.88
CA ALA C 139 -10.01 -10.55 47.77
C ALA C 139 -11.52 -10.54 47.89
N ILE C 140 -12.16 -9.48 47.37
CA ILE C 140 -13.60 -9.28 47.50
C ILE C 140 -14.34 -10.23 46.56
N GLY C 141 -15.56 -10.59 46.97
CA GLY C 141 -16.45 -11.41 46.18
C GLY C 141 -17.21 -10.62 45.13
N GLY C 142 -18.15 -11.29 44.48
CA GLY C 142 -18.92 -10.64 43.44
C GLY C 142 -18.05 -10.35 42.23
N ALA C 143 -18.02 -9.09 41.81
CA ALA C 143 -17.22 -8.67 40.66
C ALA C 143 -16.89 -7.20 40.87
N LYS C 144 -15.65 -6.90 41.27
CA LYS C 144 -15.28 -5.54 41.66
C LYS C 144 -15.74 -4.55 40.59
N TYR C 145 -15.17 -4.67 39.40
CA TYR C 145 -15.55 -3.84 38.25
C TYR C 145 -15.23 -4.64 37.00
N GLN C 146 -15.37 -4.01 35.85
CA GLN C 146 -15.19 -4.69 34.58
C GLN C 146 -14.06 -3.98 33.83
N ASP C 147 -13.25 -4.76 33.13
CA ASP C 147 -12.13 -4.18 32.39
C ASP C 147 -12.51 -3.88 30.95
N ARG C 148 -12.69 -4.92 30.16
CA ARG C 148 -13.12 -4.78 28.77
C ARG C 148 -14.33 -5.69 28.59
N GLN C 149 -15.47 -5.09 28.26
CA GLN C 149 -16.77 -5.77 28.16
C GLN C 149 -17.32 -5.61 26.75
N SER C 150 -17.89 -6.69 26.21
CA SER C 150 -18.28 -6.70 24.81
C SER C 150 -19.66 -6.11 24.53
N ASN C 151 -20.50 -5.87 25.54
CA ASN C 151 -21.87 -5.43 25.28
C ASN C 151 -21.99 -4.11 25.99
N THR C 152 -21.54 -3.04 25.35
CA THR C 152 -21.32 -1.81 26.09
C THR C 152 -21.63 -0.59 25.24
N ILE C 153 -22.28 0.39 25.85
CA ILE C 153 -22.42 1.72 25.26
C ILE C 153 -21.63 2.66 26.14
N ARG C 154 -20.81 3.51 25.53
CA ARG C 154 -19.91 4.38 26.30
C ARG C 154 -19.79 5.73 25.61
N TRP C 155 -20.20 6.79 26.32
CA TRP C 155 -20.07 8.16 25.81
C TRP C 155 -18.92 8.86 26.51
N ASP C 156 -18.08 9.54 25.73
CA ASP C 156 -16.98 10.37 26.22
C ASP C 156 -17.28 11.84 25.93
N SER C 157 -17.27 12.66 26.97
CA SER C 157 -17.57 14.06 26.75
C SER C 157 -16.36 14.77 26.18
N PRO C 158 -16.54 15.95 25.60
CA PRO C 158 -15.39 16.74 25.15
C PRO C 158 -14.54 17.26 26.30
N MET C 159 -13.51 18.02 25.97
CA MET C 159 -12.74 18.71 26.98
C MET C 159 -13.46 20.03 27.19
N TYR C 160 -14.35 20.06 28.19
CA TYR C 160 -15.11 21.27 28.45
C TYR C 160 -14.17 22.36 28.98
N ALA C 161 -14.14 23.50 28.27
CA ALA C 161 -13.18 24.57 28.51
C ALA C 161 -11.77 24.11 28.31
N ASP C 162 -11.62 22.96 27.65
CA ASP C 162 -10.33 22.28 27.55
C ASP C 162 -9.76 21.97 28.93
N LYS C 163 -10.64 21.71 29.90
CA LYS C 163 -10.22 21.34 31.24
C LYS C 163 -10.99 20.16 31.84
N PHE C 164 -12.27 19.96 31.51
CA PHE C 164 -13.13 19.02 32.21
C PHE C 164 -13.77 18.05 31.23
N SER C 165 -13.80 16.77 31.61
CA SER C 165 -14.32 15.73 30.74
C SER C 165 -15.03 14.66 31.57
N ILE C 166 -16.09 14.09 31.00
CA ILE C 166 -16.90 13.06 31.65
C ILE C 166 -16.87 11.81 30.77
N ASP C 167 -16.65 10.66 31.41
CA ASP C 167 -16.68 9.36 30.77
C ASP C 167 -17.80 8.59 31.46
N ALA C 168 -18.68 7.96 30.69
CA ALA C 168 -19.84 7.32 31.27
C ALA C 168 -20.28 6.18 30.36
N ALA C 169 -20.66 5.05 30.97
CA ALA C 169 -20.95 3.85 30.18
C ALA C 169 -21.88 2.90 30.92
N VAL C 170 -22.68 2.18 30.13
CA VAL C 170 -23.56 1.14 30.63
C VAL C 170 -23.39 -0.06 29.70
N GLY C 171 -23.59 -1.27 30.22
CA GLY C 171 -23.43 -2.43 29.36
C GLY C 171 -23.90 -3.73 29.99
N ALA C 172 -23.87 -4.80 29.19
CA ALA C 172 -24.29 -6.11 29.67
C ALA C 172 -23.15 -6.82 30.36
N GLY C 173 -23.52 -7.79 31.19
CA GLY C 173 -22.55 -8.50 32.02
C GLY C 173 -21.72 -9.53 31.27
N ASP C 174 -20.87 -10.24 32.03
CA ASP C 174 -20.07 -11.31 31.43
C ASP C 174 -20.97 -12.47 31.03
N LYS C 175 -21.78 -12.97 31.97
CA LYS C 175 -22.65 -14.10 31.67
C LYS C 175 -23.79 -13.68 30.74
N ALA C 176 -24.28 -12.44 30.89
CA ALA C 176 -25.42 -11.98 30.09
C ALA C 176 -25.09 -11.86 28.61
N GLY C 177 -23.81 -11.68 28.26
CA GLY C 177 -23.40 -11.62 26.87
C GLY C 177 -23.36 -12.95 26.13
N LEU C 178 -23.59 -14.05 26.84
CA LEU C 178 -23.69 -15.38 26.25
C LEU C 178 -25.04 -16.01 26.50
N GLY C 179 -26.03 -15.22 26.92
CA GLY C 179 -27.34 -15.76 27.21
C GLY C 179 -27.40 -16.70 28.39
N ALA C 180 -26.48 -16.56 29.35
CA ALA C 180 -26.45 -17.40 30.55
C ALA C 180 -26.84 -16.65 31.81
N GLY C 181 -27.06 -15.35 31.75
CA GLY C 181 -27.42 -14.67 32.96
C GLY C 181 -27.95 -13.28 32.65
N ASP C 182 -28.10 -12.50 33.72
CA ASP C 182 -28.68 -11.17 33.61
C ASP C 182 -27.89 -10.13 34.38
N ASP C 183 -26.56 -10.32 34.49
CA ASP C 183 -25.73 -9.26 34.99
C ASP C 183 -25.69 -8.09 34.01
N TYR C 184 -25.53 -6.90 34.58
CA TYR C 184 -25.44 -5.65 33.86
C TYR C 184 -24.60 -4.72 34.72
N TRP C 185 -24.29 -3.55 34.19
CA TRP C 185 -23.40 -2.65 34.93
C TRP C 185 -23.45 -1.28 34.28
N GLY C 186 -23.12 -0.29 35.10
CA GLY C 186 -22.89 1.05 34.60
C GLY C 186 -21.75 1.64 35.40
N GLY C 187 -21.21 2.71 34.83
CA GLY C 187 -20.06 3.31 35.45
C GLY C 187 -19.86 4.69 34.88
N ILE C 188 -19.21 5.52 35.68
CA ILE C 188 -18.98 6.89 35.30
C ILE C 188 -17.67 7.35 35.93
N ALA C 189 -16.99 8.29 35.27
CA ALA C 189 -15.81 8.91 35.83
C ALA C 189 -15.66 10.29 35.24
N ALA C 190 -15.01 11.18 35.99
CA ALA C 190 -14.70 12.51 35.47
C ALA C 190 -13.27 12.86 35.84
N HIS C 191 -12.71 13.80 35.06
CA HIS C 191 -11.32 14.22 35.18
C HIS C 191 -11.24 15.74 35.00
N TYR C 192 -10.66 16.44 35.96
CA TYR C 192 -10.39 17.86 35.82
C TYR C 192 -8.89 18.09 35.81
N LYS C 193 -8.43 18.92 34.88
CA LYS C 193 -7.01 19.18 34.67
C LYS C 193 -6.75 20.64 35.05
N LEU C 194 -6.39 20.86 36.32
CA LEU C 194 -6.13 22.20 36.88
C LEU C 194 -4.66 22.52 36.73
N GLY C 195 -4.31 23.27 35.69
CA GLY C 195 -2.92 23.60 35.46
C GLY C 195 -2.07 22.35 35.32
N PRO C 196 -1.05 22.23 36.18
CA PRO C 196 -0.17 21.03 36.11
C PRO C 196 -0.79 19.75 36.64
N LEU C 197 -1.78 19.83 37.53
CA LEU C 197 -2.41 18.67 38.13
C LEU C 197 -3.54 18.09 37.23
N GLN C 198 -4.00 16.89 37.59
CA GLN C 198 -5.26 16.32 37.11
C GLN C 198 -5.96 15.51 38.20
N LEU C 199 -7.26 15.74 38.39
CA LEU C 199 -8.06 14.95 39.33
C LEU C 199 -8.95 13.95 38.60
N ASP C 200 -9.02 12.73 39.13
CA ASP C 200 -9.80 11.62 38.58
C ASP C 200 -10.70 11.07 39.68
N ALA C 201 -11.98 10.90 39.39
CA ALA C 201 -12.84 10.12 40.26
C ALA C 201 -13.66 9.18 39.40
N ALA C 202 -14.13 8.08 39.99
CA ALA C 202 -14.84 7.10 39.17
C ALA C 202 -15.71 6.21 40.03
N TYR C 203 -16.80 5.74 39.42
CA TYR C 203 -17.71 4.78 40.03
C TYR C 203 -18.07 3.70 39.02
N GLU C 204 -18.31 2.49 39.51
CA GLU C 204 -18.93 1.46 38.66
C GLU C 204 -19.68 0.44 39.51
N GLY C 205 -20.93 0.19 39.14
CA GLY C 205 -21.79 -0.73 39.86
C GLY C 205 -22.25 -1.89 38.99
N ASN C 206 -22.17 -3.10 39.55
CA ASN C 206 -22.56 -4.34 38.89
C ASN C 206 -23.73 -4.97 39.64
N ARG C 207 -24.65 -5.57 38.92
CA ARG C 207 -25.81 -6.18 39.56
C ARG C 207 -26.05 -7.54 38.94
N ASN C 208 -26.74 -8.40 39.69
CA ASN C 208 -27.09 -9.75 39.24
C ASN C 208 -25.83 -10.54 38.89
N ILE C 209 -24.78 -10.34 39.69
CA ILE C 209 -23.50 -11.06 39.56
C ILE C 209 -23.65 -12.38 40.32
N GLU C 210 -23.70 -13.50 39.61
CA GLU C 210 -23.88 -14.80 40.23
C GLU C 210 -22.51 -15.43 40.51
N ALA C 211 -22.22 -15.69 41.78
CA ALA C 211 -20.91 -16.21 42.19
C ALA C 211 -21.00 -16.81 43.59
N GLU C 212 -20.32 -17.94 43.79
CA GLU C 212 -20.25 -18.62 45.09
C GLU C 212 -21.60 -19.02 45.65
N GLY C 213 -22.59 -19.22 44.77
CA GLY C 213 -23.93 -19.65 45.15
C GLY C 213 -24.89 -18.57 45.59
N GLN C 214 -24.53 -17.30 45.51
CA GLN C 214 -25.39 -16.18 45.84
C GLN C 214 -25.36 -15.21 44.65
N THR C 215 -26.16 -14.14 44.72
CA THR C 215 -26.19 -13.10 43.69
C THR C 215 -25.65 -11.81 44.28
N TRP C 216 -24.74 -11.17 43.57
CA TRP C 216 -23.98 -10.06 44.14
C TRP C 216 -24.35 -8.72 43.52
N GLU C 217 -24.18 -7.66 44.31
CA GLU C 217 -24.26 -6.28 43.84
C GLU C 217 -22.96 -5.62 44.29
N ASN C 218 -22.20 -5.07 43.34
CA ASN C 218 -20.89 -4.49 43.61
C ASN C 218 -20.91 -2.99 43.41
N ASN C 219 -20.51 -2.24 44.43
CA ASN C 219 -20.29 -0.80 44.30
C ASN C 219 -18.80 -0.51 44.55
N THR C 220 -18.18 0.26 43.65
CA THR C 220 -16.74 0.51 43.74
C THR C 220 -16.44 1.92 43.29
N TYR C 221 -15.61 2.61 44.05
CA TYR C 221 -15.33 4.03 43.82
C TYR C 221 -13.83 4.27 43.87
N LEU C 222 -13.34 5.16 43.00
CA LEU C 222 -11.93 5.44 42.81
C LEU C 222 -11.73 6.94 42.75
N VAL C 223 -10.76 7.44 43.53
CA VAL C 223 -10.37 8.85 43.48
C VAL C 223 -8.86 8.90 43.23
N GLY C 224 -8.44 9.85 42.40
CA GLY C 224 -7.04 9.85 42.04
C GLY C 224 -6.58 11.19 41.54
N VAL C 225 -5.26 11.30 41.45
CA VAL C 225 -4.59 12.53 41.09
C VAL C 225 -3.37 12.22 40.25
N GLN C 226 -2.98 13.18 39.41
CA GLN C 226 -1.82 13.04 38.57
C GLN C 226 -1.21 14.40 38.28
N GLY C 227 0.11 14.48 38.31
CA GLY C 227 0.79 15.73 38.01
C GLY C 227 2.05 15.50 37.20
N TRP C 228 2.38 16.50 36.38
CA TRP C 228 3.59 16.49 35.56
C TRP C 228 4.22 17.87 35.65
N PHE C 229 5.43 17.94 36.18
CA PHE C 229 6.08 19.22 36.47
C PHE C 229 7.40 19.30 35.72
N GLU C 230 7.76 20.53 35.34
CA GLU C 230 8.93 20.79 34.51
C GLU C 230 10.23 20.31 35.16
N ASN C 231 10.29 20.18 36.48
CA ASN C 231 11.50 19.63 37.06
C ASN C 231 11.72 18.17 36.67
N GLY C 232 10.80 17.55 35.93
CA GLY C 232 10.92 16.17 35.51
C GLY C 232 10.20 15.17 36.38
N ILE C 233 9.69 15.58 37.54
CA ILE C 233 8.95 14.68 38.40
C ILE C 233 7.50 14.57 37.96
N SER C 234 6.98 13.34 37.95
CA SER C 234 5.60 13.04 37.59
C SER C 234 5.09 12.05 38.63
N PHE C 235 3.78 12.04 38.83
CA PHE C 235 3.30 11.15 39.88
C PHE C 235 1.84 10.84 39.66
N PHE C 236 1.42 9.76 40.30
CA PHE C 236 0.01 9.43 40.33
C PHE C 236 -0.27 8.76 41.65
N ALA C 237 -1.47 8.99 42.17
CA ALA C 237 -1.87 8.35 43.40
C ALA C 237 -3.37 8.11 43.34
N GLN C 238 -3.82 6.98 43.88
CA GLN C 238 -5.21 6.59 43.77
C GLN C 238 -5.69 5.77 44.94
N TYR C 239 -6.90 6.06 45.38
CA TYR C 239 -7.58 5.32 46.42
C TYR C 239 -8.84 4.69 45.86
N LYS C 240 -8.98 3.38 46.05
CA LYS C 240 -10.07 2.60 45.48
C LYS C 240 -10.85 1.95 46.61
N TYR C 241 -12.15 2.21 46.69
CA TYR C 241 -12.98 1.65 47.75
C TYR C 241 -13.99 0.72 47.12
N MET C 242 -13.96 -0.54 47.54
CA MET C 242 -14.72 -1.61 46.92
C MET C 242 -15.62 -2.22 47.98
N GLU C 243 -16.92 -2.11 47.75
CA GLU C 243 -17.94 -2.76 48.54
C GLU C 243 -18.59 -3.85 47.70
N ALA C 244 -19.21 -4.82 48.37
CA ALA C 244 -19.90 -5.91 47.70
C ALA C 244 -20.91 -6.48 48.66
N ASP C 245 -22.14 -6.68 48.21
CA ASP C 245 -23.23 -7.11 49.06
C ASP C 245 -23.83 -8.38 48.44
N ALA C 246 -23.87 -9.44 49.24
CA ALA C 246 -24.34 -10.71 48.75
C ALA C 246 -25.84 -10.85 48.93
N SER C 247 -26.44 -11.76 48.16
CA SER C 247 -27.89 -11.94 48.18
C SER C 247 -28.37 -12.58 49.48
N ASN C 248 -27.53 -13.32 50.19
CA ASN C 248 -27.94 -13.83 51.49
C ASN C 248 -27.75 -12.83 52.59
N GLY C 249 -27.42 -11.58 52.26
CA GLY C 249 -27.27 -10.54 53.26
C GLY C 249 -25.87 -10.35 53.79
N VAL C 250 -24.89 -11.10 53.30
CA VAL C 250 -23.52 -10.86 53.70
C VAL C 250 -23.03 -9.57 53.04
N ASN C 251 -22.15 -8.86 53.74
CA ASN C 251 -21.50 -7.67 53.21
C ASN C 251 -20.00 -7.90 53.23
N GLU C 252 -19.34 -7.34 52.22
CA GLU C 252 -17.89 -7.39 52.10
C GLU C 252 -17.39 -6.01 51.70
N LYS C 253 -16.24 -5.62 52.25
CA LYS C 253 -15.61 -4.35 51.91
C LYS C 253 -14.11 -4.55 51.91
N GLN C 254 -13.45 -4.10 50.84
CA GLN C 254 -12.00 -4.08 50.76
C GLN C 254 -11.62 -2.83 50.00
N ASP C 255 -10.44 -2.29 50.28
CA ASP C 255 -9.99 -1.07 49.63
C ASP C 255 -8.49 -1.16 49.31
N ALA C 256 -8.01 -0.24 48.50
CA ALA C 256 -6.69 -0.37 47.93
C ALA C 256 -6.18 1.02 47.53
N MET C 257 -4.93 1.04 47.11
CA MET C 257 -4.26 2.28 46.76
C MET C 257 -3.23 1.98 45.70
N SER C 258 -2.92 2.98 44.88
CA SER C 258 -1.80 2.82 43.97
C SER C 258 -1.18 4.18 43.71
N ALA C 259 0.14 4.26 43.85
CA ALA C 259 0.79 5.51 43.62
C ALA C 259 2.13 5.25 42.95
N GLY C 260 2.59 6.28 42.27
CA GLY C 260 3.76 6.15 41.42
C GLY C 260 4.52 7.44 41.35
N LEU C 261 5.84 7.31 41.47
CA LEU C 261 6.75 8.42 41.49
C LEU C 261 7.72 8.25 40.34
N MET C 262 7.93 9.30 39.57
CA MET C 262 8.83 9.18 38.45
C MET C 262 9.54 10.50 38.18
N TYR C 263 10.82 10.36 37.85
CA TYR C 263 11.67 11.44 37.38
C TYR C 263 12.05 11.16 35.93
N THR C 264 12.02 12.19 35.11
CA THR C 264 12.30 12.03 33.69
C THR C 264 13.31 13.09 33.31
N THR C 265 14.52 12.64 32.98
CA THR C 265 15.57 13.52 32.52
C THR C 265 16.05 13.07 31.15
N GLY C 266 16.10 14.01 30.20
CA GLY C 266 16.66 13.69 28.90
C GLY C 266 15.87 12.61 28.19
N ASP C 267 16.51 11.48 27.89
CA ASP C 267 15.84 10.33 27.30
C ASP C 267 15.60 9.21 28.30
N TRP C 268 15.53 9.55 29.57
CA TRP C 268 15.41 8.56 30.61
C TRP C 268 14.22 8.87 31.49
N GLN C 269 13.58 7.82 31.96
CA GLN C 269 12.55 7.91 32.98
C GLN C 269 12.83 6.87 34.04
N TYR C 270 12.96 7.32 35.27
CA TYR C 270 12.99 6.42 36.40
C TYR C 270 11.60 6.41 37.01
N LYS C 271 11.16 5.25 37.45
CA LYS C 271 9.80 5.10 37.93
C LYS C 271 9.80 4.21 39.14
N LEU C 272 9.02 4.59 40.13
CA LEU C 272 8.89 3.83 41.34
C LEU C 272 7.41 3.66 41.57
N GLY C 273 6.96 2.44 41.79
CA GLY C 273 5.54 2.20 41.93
C GLY C 273 5.22 1.37 43.14
N TYR C 274 4.06 1.65 43.72
CA TYR C 274 3.57 0.89 44.86
C TYR C 274 2.06 0.77 44.75
N ALA C 275 1.56 -0.46 44.86
CA ALA C 275 0.12 -0.67 44.98
C ALA C 275 -0.13 -1.75 46.02
N ALA C 276 -1.25 -1.61 46.72
CA ALA C 276 -1.61 -2.57 47.77
C ALA C 276 -3.11 -2.58 47.93
N ASN C 277 -3.69 -3.77 47.78
CA ASN C 277 -5.01 -4.08 48.30
C ASN C 277 -4.84 -4.40 49.78
N PHE C 278 -5.82 -3.98 50.60
CA PHE C 278 -5.75 -4.15 52.05
C PHE C 278 -6.62 -5.29 52.55
N ASP C 279 -6.58 -5.53 53.87
CA ASP C 279 -7.29 -6.67 54.42
C ASP C 279 -8.79 -6.54 54.17
N LEU C 280 -9.42 -7.67 53.91
CA LEU C 280 -10.83 -7.68 53.56
C LEU C 280 -11.65 -7.83 54.81
N GLU C 281 -12.71 -7.05 54.87
CA GLU C 281 -13.71 -7.15 55.92
C GLU C 281 -14.95 -7.85 55.35
N ARG C 282 -15.43 -8.86 56.05
CA ARG C 282 -16.65 -9.55 55.69
C ARG C 282 -17.60 -9.46 56.89
N ASP C 283 -18.73 -8.81 56.69
CA ASP C 283 -19.77 -8.73 57.72
C ASP C 283 -19.23 -8.04 58.98
N GLY C 284 -18.44 -7.00 58.79
CA GLY C 284 -17.79 -6.27 59.87
C GLY C 284 -16.48 -6.87 60.36
N LYS C 285 -16.43 -8.19 60.48
CA LYS C 285 -15.22 -8.89 60.88
C LYS C 285 -14.19 -8.89 59.76
N THR C 286 -12.94 -8.62 60.12
CA THR C 286 -11.82 -8.59 59.20
C THR C 286 -11.21 -9.98 59.03
N LEU C 287 -10.70 -10.26 57.84
CA LEU C 287 -10.07 -11.52 57.50
C LEU C 287 -8.55 -11.33 57.59
N SER C 288 -7.89 -12.08 58.48
CA SER C 288 -6.49 -11.81 58.76
C SER C 288 -5.64 -12.20 57.56
N ASN C 289 -4.69 -11.34 57.23
CA ASN C 289 -3.77 -11.58 56.12
C ASN C 289 -4.50 -12.04 54.86
N THR C 290 -5.23 -11.08 54.28
CA THR C 290 -5.85 -11.22 52.96
C THR C 290 -5.48 -10.05 52.07
N SER C 291 -4.47 -9.29 52.46
CA SER C 291 -3.95 -8.18 51.70
C SER C 291 -2.80 -8.59 50.76
N ASP C 292 -2.57 -7.75 49.73
CA ASP C 292 -1.52 -7.91 48.73
C ASP C 292 -0.73 -6.60 48.62
N ASP C 293 0.57 -6.68 48.36
CA ASP C 293 1.36 -5.46 48.21
C ASP C 293 2.36 -5.66 47.09
N VAL C 294 2.57 -4.64 46.26
CA VAL C 294 3.58 -4.72 45.20
C VAL C 294 4.43 -3.46 45.17
N VAL C 295 5.74 -3.64 45.08
CA VAL C 295 6.70 -2.58 44.82
C VAL C 295 7.50 -2.99 43.58
N SER C 296 7.83 -2.00 42.74
CA SER C 296 8.52 -2.27 41.48
C SER C 296 9.27 -1.01 41.05
N ALA C 297 10.38 -1.21 40.35
CA ALA C 297 11.16 -0.10 39.82
C ALA C 297 11.40 -0.33 38.34
N GLN C 298 11.51 0.78 37.60
CA GLN C 298 11.59 0.76 36.14
C GLN C 298 12.43 1.89 35.59
N ILE C 299 13.41 1.54 34.75
CA ILE C 299 14.13 2.52 33.95
C ILE C 299 13.63 2.40 32.52
N MET C 300 13.50 3.55 31.84
CA MET C 300 13.01 3.55 30.48
C MET C 300 13.82 4.50 29.62
N TYR C 301 14.16 4.04 28.43
CA TYR C 301 14.88 4.83 27.45
C TYR C 301 13.93 5.23 26.34
N PHE C 302 13.95 6.51 25.97
CA PHE C 302 13.13 7.00 24.85
C PHE C 302 13.96 6.88 23.59
N VAL C 303 14.03 5.63 23.11
CA VAL C 303 14.98 5.25 22.06
C VAL C 303 14.61 5.86 20.71
N ASP C 304 13.36 6.20 20.51
CA ASP C 304 12.88 6.89 19.32
C ASP C 304 11.57 7.53 19.70
N PRO C 305 11.18 8.61 19.05
CA PRO C 305 9.85 9.18 19.32
C PRO C 305 8.74 8.15 19.28
N SER C 306 8.96 7.04 18.55
CA SER C 306 7.92 6.05 18.32
C SER C 306 8.04 4.76 19.15
N ALA C 307 9.10 4.61 19.96
CA ALA C 307 9.27 3.36 20.73
C ALA C 307 10.15 3.62 21.96
N VAL C 308 10.12 2.66 22.91
CA VAL C 308 10.87 2.72 24.17
C VAL C 308 11.39 1.34 24.57
N LEU C 309 12.53 1.35 25.26
CA LEU C 309 13.12 0.21 25.95
C LEU C 309 13.00 0.40 27.46
N TYR C 310 12.92 -0.71 28.20
CA TYR C 310 12.72 -0.61 29.64
C TYR C 310 13.23 -1.87 30.34
N ALA C 311 13.72 -1.66 31.56
CA ALA C 311 14.02 -2.74 32.49
C ALA C 311 13.12 -2.59 33.70
N ARG C 312 12.84 -3.72 34.36
CA ARG C 312 11.84 -3.66 35.43
C ARG C 312 12.04 -4.81 36.42
N ALA C 313 11.87 -4.50 37.69
CA ALA C 313 11.87 -5.53 38.72
C ALA C 313 10.77 -5.22 39.72
N ARG C 314 10.16 -6.29 40.24
CA ARG C 314 8.97 -6.20 41.08
C ARG C 314 9.01 -7.22 42.22
N MET C 315 8.20 -6.94 43.25
CA MET C 315 8.10 -7.76 44.44
C MET C 315 6.64 -7.90 44.78
N ASN C 316 6.12 -9.13 44.71
CA ASN C 316 4.70 -9.40 44.94
C ASN C 316 4.56 -10.19 46.23
N ASP C 317 3.90 -9.60 47.24
CA ASP C 317 3.50 -10.31 48.44
C ASP C 317 1.99 -10.45 48.42
N PHE C 318 1.49 -11.69 48.39
CA PHE C 318 0.08 -11.94 48.14
C PHE C 318 -0.61 -12.48 49.39
N ASN C 319 -1.92 -12.58 49.29
CA ASN C 319 -2.74 -13.05 50.39
C ASN C 319 -2.48 -14.51 50.71
N GLU C 320 -2.99 -14.93 51.87
CA GLU C 320 -2.94 -16.30 52.34
C GLU C 320 -4.31 -16.95 52.31
N GLY C 321 -5.30 -16.33 51.66
CA GLY C 321 -6.57 -16.98 51.42
C GLY C 321 -7.83 -16.36 52.00
N LEU C 322 -8.96 -16.69 51.38
CA LEU C 322 -10.30 -16.23 51.77
C LEU C 322 -11.25 -17.29 51.23
N ASP C 323 -12.15 -17.77 52.08
CA ASP C 323 -13.18 -18.65 51.58
C ASP C 323 -14.28 -17.80 50.99
N GLY C 324 -14.76 -18.20 49.81
CA GLY C 324 -15.92 -17.56 49.25
C GLY C 324 -17.16 -17.90 50.05
N LEU C 325 -18.25 -17.25 49.72
CA LEU C 325 -19.44 -17.50 50.49
C LEU C 325 -20.03 -18.86 50.14
N ASP C 326 -19.19 -19.86 49.86
CA ASP C 326 -19.71 -21.19 49.53
C ASP C 326 -18.90 -22.30 50.16
N ASP C 327 -18.23 -22.01 51.28
CA ASP C 327 -17.37 -22.96 52.00
C ASP C 327 -16.11 -23.29 51.19
N ALA C 328 -16.08 -22.83 49.95
CA ALA C 328 -14.97 -23.09 49.02
C ALA C 328 -14.13 -21.84 48.80
N ALA C 329 -12.81 -22.05 48.73
CA ALA C 329 -11.85 -20.95 48.61
C ALA C 329 -12.14 -20.10 47.38
N ARG C 330 -11.81 -18.83 47.47
CA ARG C 330 -11.99 -17.89 46.37
C ARG C 330 -10.65 -17.65 45.69
N TRP C 331 -10.68 -17.43 44.39
CA TRP C 331 -9.48 -17.22 43.61
C TRP C 331 -9.07 -15.76 43.66
N THR C 332 -7.78 -15.51 43.86
CA THR C 332 -7.21 -14.17 43.77
C THR C 332 -5.89 -14.28 43.02
N SER C 333 -5.31 -13.14 42.60
CA SER C 333 -4.01 -13.21 41.93
C SER C 333 -2.96 -13.93 42.75
N GLY C 334 -3.17 -14.03 44.06
CA GLY C 334 -2.25 -14.69 44.95
C GLY C 334 -2.54 -16.15 45.13
N THR C 335 -3.50 -16.70 44.40
CA THR C 335 -3.75 -18.13 44.49
C THR C 335 -2.65 -18.95 43.85
N ASN C 336 -1.71 -18.33 43.14
CA ASN C 336 -0.55 -19.03 42.61
C ASN C 336 0.68 -18.82 43.46
N GLY C 337 0.63 -17.90 44.41
CA GLY C 337 1.73 -17.65 45.31
C GLY C 337 2.52 -16.40 44.94
N ASP C 338 3.38 -16.00 45.88
CA ASP C 338 4.25 -14.84 45.74
C ASP C 338 5.27 -15.07 44.63
N TYR C 339 5.76 -13.96 44.07
CA TYR C 339 6.81 -14.07 43.07
C TYR C 339 7.48 -12.70 42.87
N ASN C 340 8.71 -12.74 42.40
CA ASN C 340 9.45 -11.56 41.97
C ASN C 340 9.65 -11.64 40.47
N GLU C 341 9.93 -10.50 39.87
CA GLU C 341 10.13 -10.56 38.43
C GLU C 341 11.01 -9.42 37.96
N TYR C 342 12.01 -9.79 37.19
CA TYR C 342 12.91 -8.89 36.50
C TYR C 342 12.64 -9.05 35.01
N SER C 343 12.68 -7.94 34.28
CA SER C 343 12.22 -7.98 32.91
C SER C 343 12.84 -6.84 32.13
N VAL C 344 13.18 -7.13 30.88
CA VAL C 344 13.47 -6.09 29.90
C VAL C 344 12.43 -6.21 28.80
N GLY C 345 12.14 -5.11 28.13
CA GLY C 345 11.16 -5.13 27.06
C GLY C 345 11.30 -3.98 26.07
N VAL C 346 10.56 -4.11 24.97
CA VAL C 346 10.47 -3.07 23.96
C VAL C 346 8.99 -2.84 23.67
N GLU C 347 8.66 -1.61 23.28
CA GLU C 347 7.29 -1.25 22.90
C GLU C 347 7.34 -0.23 21.77
N TYR C 348 6.72 -0.57 20.64
CA TYR C 348 6.74 0.24 19.42
C TYR C 348 5.31 0.51 18.98
N TYR C 349 5.06 1.74 18.53
CA TYR C 349 3.72 2.20 18.21
C TYR C 349 3.66 2.64 16.75
N PHE C 350 2.68 2.12 16.03
CA PHE C 350 2.42 2.51 14.65
C PHE C 350 0.94 2.22 14.28
N GLU D 20 -5.61 -6.55 -0.85
CA GLU D 20 -6.62 -5.55 -0.54
C GLU D 20 -7.38 -5.90 0.74
N VAL D 21 -7.68 -4.89 1.56
CA VAL D 21 -8.47 -5.08 2.78
C VAL D 21 -9.87 -4.59 2.50
N TYR D 22 -10.88 -5.25 3.07
CA TYR D 22 -12.24 -4.89 2.71
C TYR D 22 -13.22 -5.11 3.84
N GLY D 23 -12.98 -4.56 5.03
CA GLY D 23 -14.00 -4.72 6.06
C GLY D 23 -15.48 -4.51 5.69
N ILE D 24 -16.37 -5.23 6.38
CA ILE D 24 -17.80 -4.94 6.40
C ILE D 24 -18.19 -4.75 7.85
N ILE D 25 -18.31 -3.50 8.28
CA ILE D 25 -18.56 -3.15 9.67
C ILE D 25 -20.05 -3.11 9.93
N ALA D 26 -20.49 -3.75 11.02
CA ALA D 26 -21.91 -4.00 11.24
C ALA D 26 -22.16 -4.25 12.73
N MET D 27 -22.87 -3.33 13.35
CA MET D 27 -23.25 -3.47 14.75
C MET D 27 -24.77 -3.41 14.85
N GLN D 28 -25.34 -4.29 15.67
CA GLN D 28 -26.79 -4.32 15.88
C GLN D 28 -27.07 -4.47 17.35
N ALA D 29 -27.82 -3.51 17.91
CA ALA D 29 -28.29 -3.57 19.29
C ALA D 29 -29.70 -4.15 19.27
N ALA D 30 -29.89 -5.26 19.97
CA ALA D 30 -31.07 -6.10 19.80
C ALA D 30 -31.55 -6.59 21.16
N TYR D 31 -32.72 -6.12 21.57
CA TYR D 31 -33.37 -6.62 22.77
C TYR D 31 -34.23 -7.83 22.43
N ARG D 32 -34.12 -8.89 23.22
CA ARG D 32 -34.84 -10.13 22.98
C ARG D 32 -35.69 -10.46 24.20
N ASP D 33 -36.99 -10.67 23.98
CA ASP D 33 -37.93 -11.03 25.05
C ASP D 33 -38.44 -12.43 24.79
N TYR D 34 -37.97 -13.36 25.59
CA TYR D 34 -38.27 -14.77 25.42
C TYR D 34 -39.49 -15.18 26.25
N ASP D 35 -40.24 -16.14 25.71
CA ASP D 35 -41.24 -16.90 26.46
C ASP D 35 -40.88 -18.36 26.25
N SER D 36 -40.20 -18.95 27.22
CA SER D 36 -39.80 -20.33 27.05
C SER D 36 -40.56 -21.28 27.96
N GLY D 37 -41.21 -20.77 29.00
CA GLY D 37 -41.79 -21.62 30.03
C GLY D 37 -40.87 -21.90 31.21
N ASP D 38 -39.69 -21.27 31.24
CA ASP D 38 -38.81 -21.25 32.41
C ASP D 38 -38.25 -19.83 32.50
N ALA D 39 -38.64 -19.10 33.55
CA ALA D 39 -38.34 -17.67 33.60
C ALA D 39 -36.86 -17.37 33.86
N LYS D 40 -36.12 -18.30 34.48
CA LYS D 40 -34.67 -18.09 34.57
C LYS D 40 -34.05 -18.17 33.18
N GLN D 41 -34.42 -19.20 32.41
CA GLN D 41 -34.02 -19.29 31.02
C GLN D 41 -34.41 -18.04 30.24
N ASP D 42 -35.59 -17.49 30.52
CA ASP D 42 -36.03 -16.26 29.86
C ASP D 42 -35.10 -15.10 30.16
N ASP D 43 -34.61 -15.02 31.41
CA ASP D 43 -33.74 -13.92 31.84
C ASP D 43 -32.32 -14.07 31.30
N ASN D 44 -31.82 -15.29 31.26
CA ASN D 44 -30.53 -15.56 30.65
C ASN D 44 -30.59 -15.18 29.18
N LEU D 45 -31.41 -15.92 28.43
CA LEU D 45 -31.45 -15.78 26.97
C LEU D 45 -31.90 -14.39 26.54
N GLY D 46 -32.90 -13.85 27.23
CA GLY D 46 -33.47 -12.57 26.87
C GLY D 46 -32.60 -11.39 27.27
N GLY D 47 -33.14 -10.20 27.05
CA GLY D 47 -32.43 -8.99 27.37
C GLY D 47 -31.69 -8.44 26.18
N MET D 48 -31.07 -7.29 26.39
CA MET D 48 -30.36 -6.67 25.29
C MET D 48 -28.89 -7.13 25.21
N GLN D 49 -28.38 -7.24 23.98
CA GLN D 49 -26.99 -7.56 23.72
C GLN D 49 -26.49 -6.75 22.54
N LEU D 50 -25.20 -6.82 22.31
CA LEU D 50 -24.59 -6.22 21.15
C LEU D 50 -24.09 -7.31 20.23
N ASN D 51 -24.59 -7.28 18.99
CA ASN D 51 -24.26 -8.22 17.94
C ASN D 51 -23.34 -7.52 16.93
N ASN D 52 -22.04 -7.59 17.19
CA ASN D 52 -21.07 -7.04 16.25
C ASN D 52 -20.78 -8.11 15.21
N GLU D 53 -21.22 -7.86 13.99
CA GLU D 53 -20.95 -8.74 12.87
C GLU D 53 -19.94 -8.12 11.93
N SER D 54 -19.12 -7.22 12.46
CA SER D 54 -18.05 -6.67 11.64
C SER D 54 -17.03 -7.75 11.33
N ARG D 55 -16.42 -7.66 10.15
CA ARG D 55 -15.51 -8.67 9.63
C ARG D 55 -14.53 -7.96 8.71
N ILE D 56 -13.27 -8.36 8.76
CA ILE D 56 -12.25 -7.83 7.87
C ILE D 56 -11.78 -8.94 6.95
N GLY D 57 -11.49 -8.59 5.71
CA GLY D 57 -11.04 -9.59 4.76
C GLY D 57 -9.97 -9.05 3.84
N PHE D 58 -9.33 -9.97 3.16
CA PHE D 58 -8.30 -9.70 2.17
C PHE D 58 -8.65 -10.44 0.91
N ARG D 59 -8.48 -9.79 -0.24
CA ARG D 59 -8.85 -10.37 -1.50
C ARG D 59 -7.93 -9.77 -2.54
N GLY D 60 -7.79 -10.47 -3.66
CA GLY D 60 -6.94 -9.96 -4.73
C GLY D 60 -7.03 -10.82 -5.96
N LYS D 61 -6.47 -10.28 -7.04
CA LYS D 61 -6.30 -10.97 -8.30
C LYS D 61 -4.84 -10.86 -8.74
N LYS D 62 -4.42 -11.80 -9.58
CA LYS D 62 -3.07 -11.80 -10.12
C LYS D 62 -3.12 -12.42 -11.52
N GLN D 63 -2.52 -11.74 -12.49
CA GLN D 63 -2.38 -12.31 -13.83
C GLN D 63 -1.10 -13.12 -13.91
N PHE D 64 -1.21 -14.45 -13.82
CA PHE D 64 -0.03 -15.28 -13.99
C PHE D 64 0.47 -15.13 -15.43
N ALA D 65 1.76 -14.84 -15.59
CA ALA D 65 2.31 -14.57 -16.91
C ALA D 65 2.24 -15.77 -17.83
N ASN D 66 2.14 -16.99 -17.29
CA ASN D 66 2.07 -18.18 -18.12
C ASN D 66 0.74 -18.93 -17.93
N PHE D 67 -0.37 -18.18 -18.00
CA PHE D 67 -1.72 -18.71 -17.74
C PHE D 67 -2.79 -17.63 -17.93
N GLU D 68 -3.69 -17.85 -18.89
CA GLU D 68 -4.71 -16.89 -19.31
C GLU D 68 -5.78 -16.70 -18.23
N PRO D 69 -6.31 -17.74 -17.57
CA PRO D 69 -7.24 -17.47 -16.45
C PRO D 69 -6.60 -16.63 -15.35
N THR D 70 -7.37 -15.66 -14.87
CA THR D 70 -6.91 -14.71 -13.87
C THR D 70 -6.99 -15.32 -12.46
N PHE D 71 -5.88 -15.27 -11.74
CA PHE D 71 -5.85 -15.84 -10.41
C PHE D 71 -6.59 -14.94 -9.44
N ILE D 72 -7.46 -15.53 -8.62
CA ILE D 72 -8.21 -14.80 -7.62
C ILE D 72 -8.07 -15.50 -6.28
N TRP D 73 -8.14 -14.72 -5.20
CA TRP D 73 -8.02 -15.30 -3.88
C TRP D 73 -8.72 -14.38 -2.89
N GLN D 74 -9.17 -14.95 -1.78
CA GLN D 74 -9.80 -14.12 -0.76
C GLN D 74 -9.70 -14.79 0.61
N ILE D 75 -9.40 -14.00 1.64
CA ILE D 75 -9.37 -14.45 3.03
C ILE D 75 -10.32 -13.55 3.83
N GLU D 76 -11.42 -14.11 4.33
CA GLU D 76 -12.41 -13.34 5.05
C GLU D 76 -12.42 -13.78 6.50
N GLY D 77 -12.23 -12.82 7.40
CA GLY D 77 -12.35 -13.11 8.81
C GLY D 77 -13.79 -13.36 9.24
N GLY D 78 -13.94 -13.77 10.50
CA GLY D 78 -15.25 -14.06 11.06
C GLY D 78 -15.87 -12.83 11.68
N TYR D 79 -17.03 -13.05 12.31
CA TYR D 79 -17.68 -12.02 13.11
C TYR D 79 -16.86 -11.72 14.37
N VAL D 80 -16.56 -10.43 14.60
CA VAL D 80 -15.60 -10.07 15.64
C VAL D 80 -16.17 -10.31 17.05
N ASP D 81 -17.37 -9.81 17.35
CA ASP D 81 -18.08 -10.17 18.57
C ASP D 81 -19.57 -10.27 18.27
N PRO D 82 -20.02 -11.43 17.80
CA PRO D 82 -21.46 -11.65 17.63
C PRO D 82 -22.17 -11.67 18.98
N SER D 83 -23.49 -11.54 18.92
CA SER D 83 -24.25 -11.72 20.13
C SER D 83 -24.21 -13.20 20.53
N PHE D 84 -24.53 -13.46 21.79
CA PHE D 84 -24.51 -14.81 22.37
C PHE D 84 -23.15 -15.47 22.30
N GLY D 85 -22.09 -14.70 22.07
CA GLY D 85 -20.78 -15.30 21.87
C GLY D 85 -19.63 -14.43 22.33
N GLY D 86 -18.47 -15.08 22.40
CA GLY D 86 -17.26 -14.45 22.86
C GLY D 86 -16.64 -13.58 21.80
N GLU D 87 -15.52 -12.98 22.17
CA GLU D 87 -14.86 -12.01 21.32
C GLU D 87 -13.80 -12.69 20.47
N GLY D 88 -13.44 -12.03 19.38
CA GLY D 88 -12.38 -12.54 18.51
C GLY D 88 -12.78 -13.59 17.49
N ALA D 89 -12.25 -13.43 16.28
CA ALA D 89 -12.38 -14.44 15.25
C ALA D 89 -11.14 -14.40 14.37
N GLY D 90 -10.56 -15.58 14.11
CA GLY D 90 -9.41 -15.65 13.23
C GLY D 90 -9.77 -15.29 11.79
N LEU D 91 -8.76 -15.34 10.93
CA LEU D 91 -8.96 -15.07 9.52
C LEU D 91 -9.25 -16.36 8.77
N GLY D 92 -10.18 -16.30 7.83
CA GLY D 92 -10.60 -17.49 7.12
C GLY D 92 -11.77 -18.27 7.70
N GLU D 93 -12.61 -17.62 8.54
CA GLU D 93 -13.85 -18.21 9.05
C GLU D 93 -15.03 -18.01 8.10
N ARG D 94 -14.96 -17.03 7.22
CA ARG D 94 -15.93 -16.85 6.16
C ARG D 94 -15.25 -17.03 4.81
N ASP D 95 -15.98 -16.72 3.74
CA ASP D 95 -15.62 -17.10 2.38
C ASP D 95 -14.15 -16.85 2.13
N THR D 96 -13.39 -17.94 2.15
CA THR D 96 -11.95 -17.98 1.96
C THR D 96 -11.63 -18.99 0.88
N PHE D 97 -10.96 -18.54 -0.18
CA PHE D 97 -10.85 -19.38 -1.36
C PHE D 97 -9.71 -18.87 -2.24
N VAL D 98 -9.34 -19.74 -3.19
CA VAL D 98 -8.54 -19.43 -4.36
C VAL D 98 -9.33 -19.84 -5.58
N GLY D 99 -9.01 -19.24 -6.72
CA GLY D 99 -9.73 -19.64 -7.90
C GLY D 99 -9.23 -18.90 -9.11
N PHE D 100 -9.90 -19.19 -10.24
CA PHE D 100 -9.57 -18.65 -11.53
C PHE D 100 -10.82 -18.09 -12.17
N GLU D 101 -10.62 -17.13 -13.06
CA GLU D 101 -11.75 -16.52 -13.75
C GLU D 101 -11.32 -16.15 -15.16
N SER D 102 -12.11 -16.56 -16.14
CA SER D 102 -12.00 -16.08 -17.51
C SER D 102 -13.35 -15.51 -17.96
N ALA D 103 -13.29 -14.53 -18.87
CA ALA D 103 -14.52 -13.99 -19.45
C ALA D 103 -15.32 -15.08 -20.15
N SER D 104 -14.63 -16.05 -20.73
CA SER D 104 -15.26 -17.13 -21.46
C SER D 104 -16.18 -17.94 -20.55
N TRP D 105 -15.60 -18.67 -19.61
CA TRP D 105 -16.32 -19.71 -18.88
C TRP D 105 -16.65 -19.37 -17.44
N GLY D 106 -16.45 -18.13 -17.01
CA GLY D 106 -16.94 -17.79 -15.70
C GLY D 106 -15.88 -17.84 -14.62
N GLN D 107 -16.10 -18.64 -13.58
CA GLN D 107 -15.26 -18.53 -12.40
C GLN D 107 -15.37 -19.76 -11.54
N VAL D 108 -14.27 -20.46 -11.38
CA VAL D 108 -14.17 -21.59 -10.48
C VAL D 108 -13.31 -21.21 -9.28
N ARG D 109 -13.79 -21.55 -8.08
CA ARG D 109 -13.15 -21.26 -6.81
C ARG D 109 -12.99 -22.55 -6.04
N LEU D 110 -11.89 -22.66 -5.31
CA LEU D 110 -11.66 -23.79 -4.42
C LEU D 110 -11.47 -23.28 -3.01
N GLY D 111 -12.11 -23.97 -2.08
CA GLY D 111 -11.94 -23.67 -0.68
C GLY D 111 -13.23 -23.70 0.10
N ARG D 112 -13.51 -22.58 0.78
CA ARG D 112 -14.66 -22.40 1.65
C ARG D 112 -15.50 -21.30 1.04
N VAL D 113 -16.68 -21.67 0.56
CA VAL D 113 -17.60 -20.76 -0.10
C VAL D 113 -19.01 -21.08 0.35
N LEU D 114 -20.00 -20.30 -0.13
CA LEU D 114 -21.42 -20.57 0.13
C LEU D 114 -21.95 -21.50 -0.96
N THR D 115 -22.67 -22.55 -0.57
CA THR D 115 -23.19 -23.47 -1.57
C THR D 115 -24.20 -22.73 -2.45
N PRO D 116 -24.56 -23.28 -3.61
CA PRO D 116 -25.47 -22.53 -4.49
C PRO D 116 -26.83 -22.29 -3.84
N MET D 117 -27.32 -23.23 -3.02
CA MET D 117 -28.61 -23.03 -2.39
C MET D 117 -28.56 -22.06 -1.23
N TYR D 118 -27.53 -22.16 -0.38
CA TYR D 118 -27.51 -21.26 0.77
C TYR D 118 -27.43 -19.80 0.34
N GLU D 119 -26.83 -19.53 -0.82
CA GLU D 119 -26.86 -18.17 -1.36
C GLU D 119 -28.29 -17.66 -1.55
N LEU D 120 -29.20 -18.53 -1.99
CA LEU D 120 -30.58 -18.12 -2.17
C LEU D 120 -31.37 -18.16 -0.86
N VAL D 121 -30.97 -19.01 0.08
CA VAL D 121 -31.63 -19.00 1.38
C VAL D 121 -31.26 -17.74 2.17
N ASP D 122 -30.05 -17.20 1.97
CA ASP D 122 -29.68 -15.95 2.62
C ASP D 122 -30.26 -14.75 1.87
N TRP D 123 -30.01 -14.67 0.58
CA TRP D 123 -30.49 -13.56 -0.21
C TRP D 123 -31.41 -14.11 -1.28
N PRO D 124 -32.65 -13.62 -1.40
CA PRO D 124 -33.09 -12.55 -0.51
C PRO D 124 -33.90 -13.02 0.69
N ALA D 125 -33.99 -14.33 0.90
CA ALA D 125 -35.06 -14.94 1.68
C ALA D 125 -34.91 -14.85 3.21
N SER D 126 -33.76 -14.46 3.76
CA SER D 126 -33.65 -14.29 5.21
C SER D 126 -33.57 -12.82 5.62
N ASN D 127 -33.37 -11.93 4.65
CA ASN D 127 -33.25 -10.47 4.63
C ASN D 127 -33.58 -9.86 5.97
N PRO D 128 -34.90 -9.70 6.39
CA PRO D 128 -35.22 -8.93 7.59
C PRO D 128 -35.35 -9.77 8.86
N GLY D 129 -34.37 -10.61 9.14
CA GLY D 129 -34.37 -11.39 10.36
C GLY D 129 -35.12 -12.71 10.31
N LEU D 130 -35.38 -13.23 9.13
CA LEU D 130 -36.16 -14.46 9.06
C LEU D 130 -35.33 -15.71 9.22
N GLY D 131 -34.01 -15.60 9.27
CA GLY D 131 -33.16 -16.78 9.24
C GLY D 131 -33.50 -17.85 10.26
N ASP D 132 -33.81 -17.45 11.50
CA ASP D 132 -34.10 -18.43 12.55
C ASP D 132 -35.07 -19.50 12.11
N VAL D 133 -35.89 -19.20 11.11
CA VAL D 133 -36.90 -20.10 10.62
C VAL D 133 -36.53 -20.63 9.23
N TYR D 134 -36.11 -19.76 8.33
CA TYR D 134 -35.83 -20.16 6.97
C TYR D 134 -34.40 -20.65 6.73
N ASP D 135 -33.40 -20.18 7.50
CA ASP D 135 -31.99 -20.53 7.33
C ASP D 135 -31.63 -21.86 8.00
N TRP D 136 -31.46 -21.83 9.31
CA TRP D 136 -31.18 -23.05 10.05
C TRP D 136 -32.41 -23.55 10.76
N GLY D 137 -33.53 -22.86 10.62
CA GLY D 137 -34.73 -23.23 11.34
C GLY D 137 -35.29 -24.47 10.73
N GLY D 138 -34.75 -25.62 11.06
CA GLY D 138 -35.31 -26.80 10.43
C GLY D 138 -35.86 -27.79 11.43
N ALA D 139 -36.73 -28.65 10.96
CA ALA D 139 -37.14 -29.82 11.70
C ALA D 139 -36.66 -31.12 11.06
N ILE D 140 -36.22 -31.07 9.79
CA ILE D 140 -35.88 -32.27 9.05
C ILE D 140 -34.58 -32.87 9.59
N GLY D 141 -34.49 -34.19 9.55
CA GLY D 141 -33.32 -34.85 10.06
C GLY D 141 -32.18 -34.78 9.09
N GLY D 142 -31.08 -35.40 9.48
CA GLY D 142 -29.92 -35.38 8.61
C GLY D 142 -29.37 -33.98 8.50
N ALA D 143 -29.26 -33.49 7.26
CA ALA D 143 -28.66 -32.18 7.01
C ALA D 143 -29.26 -31.62 5.73
N LYS D 144 -30.16 -30.64 5.88
CA LYS D 144 -30.87 -30.05 4.73
C LYS D 144 -29.89 -29.65 3.64
N TYR D 145 -29.01 -28.69 3.96
CA TYR D 145 -28.02 -28.12 3.07
C TYR D 145 -26.87 -27.62 3.92
N GLN D 146 -25.95 -26.86 3.31
CA GLN D 146 -24.79 -26.32 4.01
C GLN D 146 -24.72 -24.80 3.91
N ASP D 147 -24.49 -24.17 5.05
CA ASP D 147 -24.30 -22.74 5.14
C ASP D 147 -22.79 -22.55 5.15
N ARG D 148 -22.23 -22.19 3.99
CA ARG D 148 -20.78 -21.96 3.89
C ARG D 148 -19.99 -23.21 4.24
N GLN D 149 -19.44 -23.88 3.22
CA GLN D 149 -18.78 -25.16 3.39
C GLN D 149 -17.32 -25.11 2.96
N SER D 150 -16.45 -25.69 3.78
CA SER D 150 -15.05 -25.83 3.40
C SER D 150 -14.87 -27.12 2.62
N ASN D 151 -13.71 -27.26 1.98
CA ASN D 151 -13.48 -28.38 1.09
C ASN D 151 -14.57 -28.38 0.04
N THR D 152 -14.46 -27.48 -0.93
CA THR D 152 -15.50 -27.28 -1.92
C THR D 152 -14.87 -26.72 -3.19
N ILE D 153 -15.31 -27.22 -4.34
CA ILE D 153 -15.04 -26.58 -5.63
C ILE D 153 -16.37 -26.07 -6.13
N ARG D 154 -16.41 -24.82 -6.58
CA ARG D 154 -17.67 -24.18 -6.97
C ARG D 154 -17.47 -23.35 -8.22
N TRP D 155 -18.23 -23.69 -9.26
CA TRP D 155 -18.19 -22.97 -10.52
C TRP D 155 -19.39 -22.04 -10.60
N ASP D 156 -19.12 -20.79 -10.94
CA ASP D 156 -20.12 -19.77 -11.20
C ASP D 156 -20.04 -19.43 -12.69
N SER D 157 -21.16 -19.58 -13.38
CA SER D 157 -21.16 -19.32 -14.81
C SER D 157 -21.25 -17.83 -15.01
N PRO D 158 -20.94 -17.34 -16.23
CA PRO D 158 -21.20 -15.92 -16.53
C PRO D 158 -22.69 -15.64 -16.68
N MET D 159 -23.05 -14.39 -16.93
CA MET D 159 -24.43 -14.05 -17.26
C MET D 159 -24.55 -14.13 -18.77
N TYR D 160 -24.95 -15.31 -19.25
CA TYR D 160 -25.09 -15.56 -20.67
C TYR D 160 -26.27 -14.75 -21.21
N ALA D 161 -26.01 -13.99 -22.27
CA ALA D 161 -26.99 -13.07 -22.84
C ALA D 161 -27.43 -12.01 -21.83
N ASP D 162 -26.70 -11.89 -20.72
CA ASP D 162 -27.06 -11.01 -19.61
C ASP D 162 -28.44 -11.33 -19.02
N LYS D 163 -28.90 -12.57 -19.12
CA LYS D 163 -30.21 -12.93 -18.59
C LYS D 163 -30.12 -14.19 -17.73
N PHE D 164 -29.19 -15.09 -18.07
CA PHE D 164 -29.15 -16.46 -17.56
C PHE D 164 -27.79 -16.80 -16.99
N SER D 165 -27.78 -17.45 -15.81
CA SER D 165 -26.55 -17.82 -15.11
C SER D 165 -26.76 -19.10 -14.29
N ILE D 166 -25.70 -19.91 -14.19
CA ILE D 166 -25.70 -21.18 -13.47
C ILE D 166 -24.66 -21.14 -12.35
N ASP D 167 -25.03 -21.65 -11.18
CA ASP D 167 -24.13 -21.82 -10.06
C ASP D 167 -24.10 -23.31 -9.73
N ALA D 168 -22.90 -23.87 -9.59
CA ALA D 168 -22.75 -25.32 -9.41
C ALA D 168 -21.51 -25.60 -8.57
N ALA D 169 -21.65 -26.52 -7.62
CA ALA D 169 -20.60 -26.80 -6.65
C ALA D 169 -20.81 -28.16 -5.99
N VAL D 170 -19.71 -28.80 -5.66
CA VAL D 170 -19.68 -30.01 -4.84
C VAL D 170 -18.54 -29.88 -3.84
N GLY D 171 -18.68 -30.60 -2.73
CA GLY D 171 -17.66 -30.46 -1.70
C GLY D 171 -17.71 -31.57 -0.69
N ALA D 172 -16.78 -31.51 0.24
CA ALA D 172 -16.76 -32.54 1.26
C ALA D 172 -17.72 -32.15 2.36
N GLY D 173 -18.17 -33.15 3.10
CA GLY D 173 -19.12 -32.91 4.15
C GLY D 173 -18.46 -32.25 5.34
N ASP D 174 -19.27 -31.96 6.36
CA ASP D 174 -18.77 -31.35 7.59
C ASP D 174 -17.91 -32.36 8.36
N LYS D 175 -18.44 -33.58 8.57
CA LYS D 175 -17.72 -34.59 9.33
C LYS D 175 -16.50 -35.10 8.55
N ALA D 176 -16.61 -35.20 7.23
CA ALA D 176 -15.54 -35.70 6.38
C ALA D 176 -14.35 -34.76 6.30
N GLY D 177 -14.56 -33.47 6.55
CA GLY D 177 -13.48 -32.49 6.55
C GLY D 177 -12.55 -32.57 7.73
N LEU D 178 -12.85 -33.44 8.70
CA LEU D 178 -11.98 -33.70 9.84
C LEU D 178 -11.54 -35.15 9.89
N GLY D 179 -11.71 -35.90 8.81
CA GLY D 179 -11.37 -37.30 8.80
C GLY D 179 -12.20 -38.20 9.70
N ALA D 180 -13.44 -37.81 10.04
CA ALA D 180 -14.28 -38.67 10.86
C ALA D 180 -15.38 -39.36 10.06
N GLY D 181 -15.50 -39.07 8.77
CA GLY D 181 -16.51 -39.72 7.96
C GLY D 181 -16.29 -39.46 6.49
N ASP D 182 -17.34 -39.77 5.70
CA ASP D 182 -17.32 -39.55 4.24
C ASP D 182 -18.61 -38.92 3.74
N ASP D 183 -19.24 -38.06 4.54
CA ASP D 183 -20.35 -37.27 4.03
C ASP D 183 -19.86 -36.31 2.94
N TYR D 184 -20.72 -36.03 1.97
CA TYR D 184 -20.40 -35.08 0.91
C TYR D 184 -21.67 -34.47 0.38
N TRP D 185 -21.53 -33.63 -0.64
CA TRP D 185 -22.68 -32.92 -1.16
C TRP D 185 -22.34 -32.30 -2.52
N GLY D 186 -23.40 -32.07 -3.29
CA GLY D 186 -23.32 -31.25 -4.48
C GLY D 186 -24.61 -30.45 -4.60
N GLY D 187 -24.57 -29.46 -5.46
CA GLY D 187 -25.72 -28.59 -5.61
C GLY D 187 -25.57 -27.73 -6.83
N ILE D 188 -26.73 -27.29 -7.32
CA ILE D 188 -26.77 -26.49 -8.53
C ILE D 188 -27.95 -25.56 -8.38
N ALA D 189 -27.85 -24.39 -9.00
CA ALA D 189 -28.91 -23.40 -9.02
C ALA D 189 -28.84 -22.64 -10.33
N ALA D 190 -29.96 -22.08 -10.76
CA ALA D 190 -29.95 -21.26 -11.95
C ALA D 190 -30.79 -20.02 -11.69
N HIS D 191 -30.50 -18.97 -12.46
CA HIS D 191 -31.22 -17.71 -12.34
C HIS D 191 -31.48 -17.20 -13.75
N TYR D 192 -32.74 -17.02 -14.10
CA TYR D 192 -33.09 -16.41 -15.36
C TYR D 192 -33.79 -15.10 -15.06
N LYS D 193 -33.47 -14.06 -15.82
CA LYS D 193 -33.96 -12.72 -15.51
C LYS D 193 -34.96 -12.24 -16.58
N LEU D 194 -36.24 -12.43 -16.29
CA LEU D 194 -37.33 -11.99 -17.15
C LEU D 194 -37.71 -10.59 -16.73
N GLY D 195 -37.19 -9.59 -17.44
CA GLY D 195 -37.46 -8.19 -17.17
C GLY D 195 -37.19 -7.78 -15.74
N PRO D 196 -38.17 -7.14 -15.09
CA PRO D 196 -37.97 -6.78 -13.68
C PRO D 196 -37.95 -7.98 -12.77
N LEU D 197 -38.56 -9.07 -13.17
CA LEU D 197 -38.49 -10.23 -12.33
C LEU D 197 -37.15 -10.91 -12.52
N GLN D 198 -36.87 -11.84 -11.62
CA GLN D 198 -35.84 -12.84 -11.82
C GLN D 198 -36.39 -14.13 -11.29
N LEU D 199 -36.39 -15.15 -12.12
CA LEU D 199 -36.84 -16.45 -11.67
C LEU D 199 -35.58 -17.26 -11.36
N ASP D 200 -35.55 -17.88 -10.17
CA ASP D 200 -34.43 -18.69 -9.72
C ASP D 200 -34.93 -19.97 -9.04
N ALA D 201 -34.27 -21.07 -9.36
CA ALA D 201 -34.52 -22.34 -8.70
C ALA D 201 -33.19 -22.93 -8.23
N ALA D 202 -33.26 -23.88 -7.31
CA ALA D 202 -32.03 -24.43 -6.76
C ALA D 202 -32.25 -25.81 -6.16
N TYR D 203 -31.18 -26.62 -6.18
CA TYR D 203 -31.15 -27.95 -5.57
C TYR D 203 -29.84 -28.10 -4.82
N GLU D 204 -29.87 -28.90 -3.73
CA GLU D 204 -28.64 -29.35 -3.06
C GLU D 204 -28.86 -30.70 -2.39
N GLY D 205 -27.97 -31.65 -2.65
CA GLY D 205 -28.15 -32.97 -2.09
C GLY D 205 -27.00 -33.42 -1.22
N ASN D 206 -27.26 -33.97 -0.04
CA ASN D 206 -26.22 -34.43 0.86
C ASN D 206 -26.26 -35.94 1.04
N ARG D 207 -25.07 -36.51 1.20
CA ARG D 207 -24.93 -37.95 1.31
C ARG D 207 -24.01 -38.29 2.47
N ASN D 208 -24.18 -39.51 2.98
CA ASN D 208 -23.36 -40.10 4.06
C ASN D 208 -23.38 -39.27 5.34
N ILE D 209 -24.56 -38.68 5.62
CA ILE D 209 -24.79 -37.86 6.80
C ILE D 209 -25.13 -38.79 7.96
N GLU D 210 -24.21 -38.89 8.92
CA GLU D 210 -24.40 -39.73 10.10
C GLU D 210 -25.07 -38.90 11.19
N ALA D 211 -26.25 -39.35 11.64
CA ALA D 211 -27.00 -38.64 12.67
C ALA D 211 -28.06 -39.56 13.25
N GLU D 212 -28.32 -39.39 14.54
CA GLU D 212 -29.38 -40.10 15.24
C GLU D 212 -29.25 -41.61 15.14
N GLY D 213 -28.03 -42.11 14.95
CA GLY D 213 -27.82 -43.55 14.87
C GLY D 213 -28.07 -44.17 13.51
N GLN D 214 -28.34 -43.38 12.49
CA GLN D 214 -28.47 -43.89 11.14
C GLN D 214 -27.78 -42.93 10.19
N THR D 215 -27.73 -43.30 8.92
CA THR D 215 -27.12 -42.48 7.89
C THR D 215 -28.15 -41.96 6.88
N TRP D 216 -28.12 -40.65 6.61
CA TRP D 216 -29.14 -39.94 5.88
C TRP D 216 -28.66 -39.44 4.52
N GLU D 217 -29.62 -39.29 3.62
CA GLU D 217 -29.42 -38.58 2.36
C GLU D 217 -30.48 -37.50 2.30
N ASN D 218 -30.05 -36.25 2.16
CA ASN D 218 -30.98 -35.13 2.12
C ASN D 218 -31.00 -34.54 0.72
N ASN D 219 -32.20 -34.42 0.16
CA ASN D 219 -32.42 -33.74 -1.10
C ASN D 219 -33.26 -32.51 -0.84
N THR D 220 -32.84 -31.39 -1.42
CA THR D 220 -33.54 -30.16 -1.15
C THR D 220 -33.61 -29.32 -2.41
N TYR D 221 -34.80 -28.76 -2.67
CA TYR D 221 -35.17 -28.02 -3.88
C TYR D 221 -35.82 -26.72 -3.46
N LEU D 222 -35.48 -25.64 -4.17
CA LEU D 222 -35.96 -24.31 -3.84
C LEU D 222 -36.31 -23.59 -5.14
N VAL D 223 -37.50 -22.97 -5.15
CA VAL D 223 -37.95 -22.13 -6.26
C VAL D 223 -38.34 -20.80 -5.67
N GLY D 224 -38.04 -19.74 -6.40
CA GLY D 224 -38.34 -18.42 -5.87
C GLY D 224 -38.34 -17.41 -6.97
N VAL D 225 -38.84 -16.22 -6.64
CA VAL D 225 -38.92 -15.12 -7.59
C VAL D 225 -38.58 -13.86 -6.82
N GLN D 226 -38.13 -12.86 -7.57
CA GLN D 226 -37.87 -11.56 -6.98
C GLN D 226 -38.01 -10.50 -8.04
N GLY D 227 -38.47 -9.33 -7.60
CA GLY D 227 -38.64 -8.20 -8.48
C GLY D 227 -38.21 -6.93 -7.79
N TRP D 228 -37.76 -5.98 -8.60
CA TRP D 228 -37.33 -4.67 -8.12
C TRP D 228 -37.93 -3.66 -9.09
N PHE D 229 -38.81 -2.78 -8.60
CA PHE D 229 -39.58 -1.96 -9.52
C PHE D 229 -39.31 -0.47 -9.32
N GLU D 230 -39.40 0.26 -10.45
CA GLU D 230 -39.19 1.71 -10.44
C GLU D 230 -40.22 2.42 -9.58
N ASN D 231 -41.37 1.79 -9.32
CA ASN D 231 -42.36 2.33 -8.40
C ASN D 231 -41.83 2.35 -6.97
N GLY D 232 -40.66 1.76 -6.73
CA GLY D 232 -40.17 1.61 -5.39
C GLY D 232 -40.57 0.28 -4.78
N ILE D 233 -41.47 -0.45 -5.44
CA ILE D 233 -41.89 -1.75 -4.97
C ILE D 233 -40.83 -2.78 -5.35
N SER D 234 -40.53 -3.65 -4.39
CA SER D 234 -39.64 -4.77 -4.60
C SER D 234 -40.24 -5.93 -3.83
N PHE D 235 -39.99 -7.15 -4.28
CA PHE D 235 -40.60 -8.26 -3.58
C PHE D 235 -39.80 -9.52 -3.83
N PHE D 236 -39.99 -10.51 -2.95
CA PHE D 236 -39.42 -11.82 -3.16
C PHE D 236 -40.32 -12.86 -2.49
N ALA D 237 -40.35 -14.05 -3.09
CA ALA D 237 -41.06 -15.18 -2.55
C ALA D 237 -40.31 -16.43 -2.95
N GLN D 238 -40.32 -17.42 -2.06
CA GLN D 238 -39.57 -18.64 -2.29
C GLN D 238 -40.28 -19.78 -1.60
N TYR D 239 -40.28 -20.92 -2.24
CA TYR D 239 -40.75 -22.18 -1.68
C TYR D 239 -39.59 -23.14 -1.62
N LYS D 240 -39.42 -23.76 -0.46
CA LYS D 240 -38.29 -24.64 -0.21
C LYS D 240 -38.86 -26.02 0.09
N TYR D 241 -38.37 -27.03 -0.64
CA TYR D 241 -38.84 -28.41 -0.45
C TYR D 241 -37.68 -29.25 0.04
N MET D 242 -37.87 -29.88 1.20
CA MET D 242 -36.84 -30.63 1.89
C MET D 242 -37.30 -32.05 2.13
N GLU D 243 -36.62 -33.01 1.50
CA GLU D 243 -36.86 -34.41 1.79
C GLU D 243 -35.62 -34.98 2.45
N ALA D 244 -35.82 -36.08 3.17
CA ALA D 244 -34.73 -36.71 3.89
C ALA D 244 -35.11 -38.16 4.15
N ASP D 245 -34.15 -39.07 3.93
CA ASP D 245 -34.32 -40.51 4.10
C ASP D 245 -33.18 -41.06 4.94
N ALA D 246 -33.53 -41.76 6.02
CA ALA D 246 -32.59 -42.35 6.96
C ALA D 246 -32.27 -43.81 6.62
N SER D 247 -31.20 -44.30 7.24
CA SER D 247 -30.67 -45.62 6.93
C SER D 247 -31.58 -46.77 7.35
N ASN D 248 -32.45 -46.59 8.33
CA ASN D 248 -33.36 -47.67 8.68
C ASN D 248 -34.61 -47.72 7.80
N GLY D 249 -34.69 -46.89 6.75
CA GLY D 249 -35.84 -46.88 5.88
C GLY D 249 -36.88 -45.83 6.20
N VAL D 250 -36.63 -44.99 7.20
CA VAL D 250 -37.57 -43.90 7.51
C VAL D 250 -37.50 -42.83 6.42
N ASN D 251 -38.63 -42.18 6.17
CA ASN D 251 -38.71 -41.04 5.29
C ASN D 251 -39.20 -39.83 6.07
N GLU D 252 -38.66 -38.68 5.74
CA GLU D 252 -39.10 -37.44 6.35
C GLU D 252 -39.22 -36.38 5.27
N LYS D 253 -40.18 -35.50 5.46
CA LYS D 253 -40.37 -34.39 4.55
C LYS D 253 -40.82 -33.19 5.34
N GLN D 254 -40.24 -32.04 5.05
CA GLN D 254 -40.71 -30.77 5.58
C GLN D 254 -40.58 -29.79 4.43
N ASP D 255 -41.43 -28.79 4.41
CA ASP D 255 -41.40 -27.81 3.34
C ASP D 255 -41.50 -26.45 3.96
N ALA D 256 -41.18 -25.43 3.19
CA ALA D 256 -41.09 -24.12 3.81
C ALA D 256 -41.24 -23.08 2.73
N MET D 257 -41.42 -21.84 3.19
CA MET D 257 -41.62 -20.73 2.29
C MET D 257 -41.10 -19.49 2.99
N SER D 258 -40.72 -18.51 2.18
CA SER D 258 -40.32 -17.21 2.71
C SER D 258 -40.62 -16.15 1.68
N ALA D 259 -41.19 -15.04 2.16
CA ALA D 259 -41.54 -13.93 1.29
C ALA D 259 -41.26 -12.61 1.99
N GLY D 260 -41.06 -11.59 1.16
CA GLY D 260 -40.67 -10.28 1.62
C GLY D 260 -41.10 -9.19 0.67
N LEU D 261 -41.68 -8.15 1.25
CA LEU D 261 -42.24 -7.04 0.52
C LEU D 261 -41.55 -5.75 0.97
N MET D 262 -41.20 -4.89 0.02
CA MET D 262 -40.47 -3.68 0.36
C MET D 262 -40.90 -2.54 -0.53
N TYR D 263 -41.12 -1.37 0.09
CA TYR D 263 -41.34 -0.12 -0.61
C TYR D 263 -40.21 0.84 -0.26
N THR D 264 -39.81 1.64 -1.27
CA THR D 264 -38.67 2.54 -1.20
C THR D 264 -39.11 3.93 -1.64
N THR D 265 -39.06 4.90 -0.72
CA THR D 265 -39.30 6.30 -1.04
C THR D 265 -38.02 7.05 -0.69
N GLY D 266 -37.47 7.77 -1.67
CA GLY D 266 -36.32 8.62 -1.39
C GLY D 266 -35.12 7.85 -0.85
N ASP D 267 -34.71 8.16 0.38
CA ASP D 267 -33.63 7.46 1.06
C ASP D 267 -34.13 6.47 2.11
N TRP D 268 -35.36 5.99 1.97
CA TRP D 268 -35.95 5.13 2.97
C TRP D 268 -36.39 3.83 2.31
N GLN D 269 -36.36 2.75 3.08
CA GLN D 269 -36.92 1.48 2.62
C GLN D 269 -37.77 0.91 3.73
N TYR D 270 -39.03 0.60 3.42
CA TYR D 270 -39.91 -0.11 4.33
C TYR D 270 -39.94 -1.58 3.93
N LYS D 271 -39.95 -2.46 4.93
CA LYS D 271 -39.87 -3.89 4.65
C LYS D 271 -40.70 -4.72 5.61
N LEU D 272 -41.38 -5.74 5.08
CA LEU D 272 -42.08 -6.75 5.87
C LEU D 272 -41.68 -8.12 5.36
N GLY D 273 -41.36 -9.03 6.26
CA GLY D 273 -40.94 -10.36 5.86
C GLY D 273 -41.71 -11.41 6.62
N TYR D 274 -41.94 -12.55 5.96
CA TYR D 274 -42.60 -13.71 6.57
C TYR D 274 -41.96 -14.97 6.04
N ALA D 275 -41.64 -15.89 6.95
CA ALA D 275 -41.15 -17.21 6.56
C ALA D 275 -41.78 -18.28 7.44
N ALA D 276 -41.93 -19.48 6.89
CA ALA D 276 -42.54 -20.56 7.66
C ALA D 276 -42.10 -21.91 7.13
N ASN D 277 -41.57 -22.73 8.02
CA ASN D 277 -41.53 -24.17 7.84
C ASN D 277 -42.83 -24.77 8.31
N PHE D 278 -43.29 -25.80 7.61
CA PHE D 278 -44.55 -26.39 7.96
C PHE D 278 -44.33 -27.66 8.78
N ASP D 279 -45.44 -28.28 9.16
CA ASP D 279 -45.35 -29.47 10.00
C ASP D 279 -44.64 -30.58 9.23
N LEU D 280 -43.92 -31.40 9.97
CA LEU D 280 -43.08 -32.44 9.39
C LEU D 280 -43.81 -33.78 9.21
N GLU D 281 -43.59 -34.38 8.05
CA GLU D 281 -44.10 -35.71 7.77
C GLU D 281 -42.98 -36.73 7.97
N ARG D 282 -43.24 -37.74 8.80
CA ARG D 282 -42.32 -38.84 9.03
C ARG D 282 -43.05 -40.12 8.72
N ASP D 283 -42.56 -40.85 7.71
CA ASP D 283 -43.13 -42.13 7.32
C ASP D 283 -44.60 -41.98 6.89
N GLY D 284 -44.91 -40.86 6.24
CA GLY D 284 -46.28 -40.58 5.87
C GLY D 284 -47.08 -39.91 6.96
N LYS D 285 -46.84 -40.31 8.22
CA LYS D 285 -47.51 -39.72 9.38
C LYS D 285 -46.95 -38.34 9.69
N THR D 286 -47.84 -37.36 9.84
CA THR D 286 -47.45 -36.00 10.16
C THR D 286 -47.39 -35.82 11.68
N LEU D 287 -46.44 -35.01 12.13
CA LEU D 287 -46.16 -34.81 13.55
C LEU D 287 -46.72 -33.48 14.07
N SER D 288 -47.47 -33.57 15.17
CA SER D 288 -48.29 -32.46 15.65
C SER D 288 -47.46 -31.28 16.15
N ASN D 289 -47.90 -30.08 15.78
CA ASN D 289 -47.30 -28.81 16.21
C ASN D 289 -45.78 -28.83 16.06
N THR D 290 -45.35 -28.80 14.78
CA THR D 290 -43.93 -28.73 14.42
C THR D 290 -43.65 -27.58 13.46
N SER D 291 -44.57 -26.62 13.32
CA SER D 291 -44.36 -25.54 12.38
C SER D 291 -43.51 -24.44 13.00
N ASP D 292 -42.96 -23.60 12.12
CA ASP D 292 -42.23 -22.40 12.51
C ASP D 292 -42.79 -21.25 11.67
N ASP D 293 -42.94 -20.07 12.28
CA ASP D 293 -43.29 -18.92 11.48
C ASP D 293 -42.68 -17.69 12.11
N VAL D 294 -42.19 -16.79 11.28
CA VAL D 294 -41.58 -15.57 11.73
C VAL D 294 -42.19 -14.44 10.92
N VAL D 295 -42.52 -13.36 11.60
CA VAL D 295 -43.02 -12.17 10.97
C VAL D 295 -42.09 -11.04 11.30
N SER D 296 -41.88 -10.11 10.37
CA SER D 296 -40.90 -9.09 10.71
C SER D 296 -41.16 -7.81 9.91
N ALA D 297 -40.91 -6.67 10.56
CA ALA D 297 -40.96 -5.36 9.94
C ALA D 297 -39.68 -4.60 10.26
N GLN D 298 -39.23 -3.78 9.31
CA GLN D 298 -37.95 -3.09 9.44
C GLN D 298 -37.98 -1.81 8.64
N ILE D 299 -37.52 -0.74 9.26
CA ILE D 299 -37.29 0.51 8.55
C ILE D 299 -35.81 0.64 8.33
N MET D 300 -35.41 1.09 7.14
CA MET D 300 -34.00 1.20 6.80
C MET D 300 -33.75 2.54 6.12
N TYR D 301 -32.75 3.26 6.62
CA TYR D 301 -32.34 4.55 6.07
C TYR D 301 -31.00 4.42 5.37
N PHE D 302 -30.90 4.96 4.15
CA PHE D 302 -29.64 4.89 3.40
C PHE D 302 -28.80 6.14 3.67
N VAL D 303 -28.11 6.10 4.81
CA VAL D 303 -27.39 7.25 5.35
C VAL D 303 -26.15 7.61 4.53
N ASP D 304 -25.62 6.65 3.76
CA ASP D 304 -24.52 6.85 2.81
C ASP D 304 -24.60 5.73 1.79
N PRO D 305 -24.15 5.96 0.55
CA PRO D 305 -24.13 4.87 -0.44
C PRO D 305 -23.52 3.59 0.06
N SER D 306 -22.61 3.68 1.02
CA SER D 306 -21.85 2.59 1.57
C SER D 306 -22.36 2.12 2.92
N ALA D 307 -23.48 2.66 3.41
CA ALA D 307 -23.96 2.32 4.74
C ALA D 307 -25.47 2.50 4.87
N VAL D 308 -26.04 1.82 5.87
CA VAL D 308 -27.47 1.86 6.14
C VAL D 308 -27.68 1.88 7.65
N LEU D 309 -28.75 2.55 8.07
CA LEU D 309 -29.26 2.47 9.42
C LEU D 309 -30.58 1.73 9.37
N TYR D 310 -30.88 0.93 10.39
CA TYR D 310 -32.10 0.16 10.31
C TYR D 310 -32.63 -0.15 11.69
N ALA D 311 -33.95 -0.13 11.81
CA ALA D 311 -34.66 -0.64 12.97
C ALA D 311 -35.58 -1.76 12.51
N ARG D 312 -35.79 -2.74 13.39
CA ARG D 312 -36.57 -3.91 13.02
C ARG D 312 -37.12 -4.57 14.27
N ALA D 313 -38.29 -5.17 14.14
CA ALA D 313 -38.83 -6.01 15.19
C ALA D 313 -39.45 -7.24 14.56
N ARG D 314 -39.37 -8.36 15.27
CA ARG D 314 -39.75 -9.65 14.73
C ARG D 314 -40.37 -10.53 15.82
N MET D 315 -41.12 -11.53 15.37
CA MET D 315 -41.87 -12.44 16.26
C MET D 315 -41.69 -13.88 15.77
N ASN D 316 -41.11 -14.75 16.61
CA ASN D 316 -40.86 -16.14 16.25
C ASN D 316 -41.73 -17.08 17.08
N ASP D 317 -42.58 -17.85 16.41
CA ASP D 317 -43.28 -18.97 17.08
C ASP D 317 -42.67 -20.28 16.58
N PHE D 318 -42.17 -21.05 17.53
CA PHE D 318 -41.38 -22.26 17.28
C PHE D 318 -42.16 -23.50 17.70
N ASN D 319 -41.54 -24.64 17.44
CA ASN D 319 -42.08 -25.99 17.56
C ASN D 319 -42.46 -26.32 18.99
N GLU D 320 -43.19 -27.42 19.15
CA GLU D 320 -43.55 -27.96 20.46
C GLU D 320 -42.79 -29.24 20.77
N GLY D 321 -41.74 -29.55 20.01
CA GLY D 321 -40.85 -30.65 20.33
C GLY D 321 -40.81 -31.71 19.26
N LEU D 322 -39.70 -32.44 19.17
CA LEU D 322 -39.56 -33.46 18.15
C LEU D 322 -38.49 -34.45 18.59
N ASP D 323 -38.88 -35.72 18.72
CA ASP D 323 -37.89 -36.73 19.01
C ASP D 323 -37.24 -37.17 17.71
N GLY D 324 -35.91 -37.25 17.71
CA GLY D 324 -35.19 -37.80 16.58
C GLY D 324 -35.30 -39.30 16.49
N LEU D 325 -34.73 -39.85 15.42
CA LEU D 325 -34.78 -41.29 15.20
C LEU D 325 -33.89 -42.06 16.18
N ASP D 326 -33.72 -41.55 17.41
CA ASP D 326 -32.98 -42.25 18.45
C ASP D 326 -33.66 -42.11 19.80
N ASP D 327 -34.95 -41.80 19.81
CA ASP D 327 -35.75 -41.63 21.02
C ASP D 327 -35.34 -40.40 21.81
N ALA D 328 -34.31 -39.67 21.38
CA ALA D 328 -33.85 -38.44 22.00
C ALA D 328 -34.26 -37.24 21.15
N ALA D 329 -34.63 -36.16 21.82
CA ALA D 329 -35.10 -34.96 21.15
C ALA D 329 -34.09 -34.44 20.12
N ARG D 330 -34.60 -33.77 19.10
CA ARG D 330 -33.77 -33.12 18.09
C ARG D 330 -33.60 -31.66 18.45
N TRP D 331 -32.52 -31.07 17.97
CA TRP D 331 -32.35 -29.64 18.14
C TRP D 331 -32.97 -28.92 16.96
N THR D 332 -33.72 -27.86 17.25
CA THR D 332 -34.28 -26.96 16.26
C THR D 332 -34.09 -25.55 16.79
N SER D 333 -34.26 -24.56 15.93
CA SER D 333 -34.17 -23.18 16.40
C SER D 333 -35.14 -22.89 17.53
N GLY D 334 -36.14 -23.74 17.71
CA GLY D 334 -37.12 -23.59 18.77
C GLY D 334 -36.81 -24.31 20.07
N THR D 335 -35.63 -24.91 20.20
CA THR D 335 -35.23 -25.57 21.45
C THR D 335 -34.96 -24.54 22.56
N ASN D 336 -34.92 -23.25 22.24
CA ASN D 336 -34.86 -22.20 23.24
C ASN D 336 -36.19 -21.51 23.49
N GLY D 337 -37.21 -21.79 22.68
CA GLY D 337 -38.55 -21.26 22.91
C GLY D 337 -38.86 -20.08 22.01
N ASP D 338 -40.14 -19.71 22.01
CA ASP D 338 -40.57 -18.55 21.24
C ASP D 338 -39.89 -17.31 21.80
N TYR D 339 -39.73 -16.28 20.96
CA TYR D 339 -39.11 -15.04 21.42
C TYR D 339 -39.33 -13.93 20.40
N ASN D 340 -39.36 -12.68 20.90
CA ASN D 340 -39.44 -11.46 20.11
C ASN D 340 -38.14 -10.69 20.20
N GLU D 341 -37.94 -9.78 19.26
CA GLU D 341 -36.72 -8.98 19.30
C GLU D 341 -36.95 -7.67 18.56
N TYR D 342 -36.54 -6.59 19.21
CA TYR D 342 -36.56 -5.27 18.63
C TYR D 342 -35.12 -4.80 18.57
N SER D 343 -34.73 -4.17 17.47
CA SER D 343 -33.31 -3.90 17.27
C SER D 343 -33.09 -2.77 16.27
N VAL D 344 -32.06 -1.98 16.54
CA VAL D 344 -31.48 -1.06 15.59
C VAL D 344 -30.06 -1.51 15.31
N GLY D 345 -29.56 -1.11 14.15
CA GLY D 345 -28.21 -1.45 13.76
C GLY D 345 -27.66 -0.50 12.72
N VAL D 346 -26.37 -0.66 12.45
CA VAL D 346 -25.68 0.05 11.41
C VAL D 346 -24.91 -0.98 10.58
N GLU D 347 -24.68 -0.65 9.30
CA GLU D 347 -23.89 -1.51 8.41
C GLU D 347 -23.13 -0.66 7.40
N TYR D 348 -21.79 -0.78 7.38
CA TYR D 348 -20.89 0.01 6.54
C TYR D 348 -19.98 -0.94 5.74
N TYR D 349 -19.71 -0.58 4.48
CA TYR D 349 -18.95 -1.41 3.55
C TYR D 349 -17.73 -0.67 3.03
N PHE D 350 -16.59 -1.34 3.03
CA PHE D 350 -15.38 -0.79 2.39
C PHE D 350 -14.43 -1.91 1.91
N GLU E 20 -2.62 0.53 -10.29
CA GLU E 20 -1.40 -0.23 -10.04
C GLU E 20 -0.18 0.48 -10.65
N VAL E 21 0.95 0.39 -9.95
CA VAL E 21 2.22 0.93 -10.43
C VAL E 21 3.05 -0.20 -10.99
N TYR E 22 3.82 0.10 -12.04
CA TYR E 22 4.61 -0.92 -12.73
C TYR E 22 5.89 -0.27 -13.20
N GLY E 23 6.98 -0.56 -12.56
CA GLY E 23 8.26 -0.11 -13.05
C GLY E 23 8.95 -1.02 -14.06
N ILE E 24 9.82 -0.41 -14.86
CA ILE E 24 10.89 -1.11 -15.54
C ILE E 24 12.19 -0.43 -15.13
N ILE E 25 12.99 -1.12 -14.32
CA ILE E 25 14.28 -0.61 -13.87
C ILE E 25 15.34 -1.03 -14.88
N ALA E 26 16.21 -0.09 -15.28
CA ALA E 26 17.09 -0.34 -16.42
C ALA E 26 18.32 0.57 -16.34
N MET E 27 19.46 -0.01 -15.96
CA MET E 27 20.71 0.73 -15.92
C MET E 27 21.69 0.03 -16.81
N GLN E 28 22.39 0.80 -17.63
CA GLN E 28 23.38 0.30 -18.55
C GLN E 28 24.56 1.23 -18.43
N ALA E 29 25.71 0.66 -18.10
CA ALA E 29 26.97 1.40 -18.03
C ALA E 29 27.68 1.25 -19.36
N ALA E 30 27.93 2.36 -20.05
CA ALA E 30 28.36 2.28 -21.44
C ALA E 30 29.46 3.29 -21.71
N TYR E 31 30.66 2.77 -21.98
CA TYR E 31 31.79 3.54 -22.50
C TYR E 31 31.76 3.49 -24.03
N ARG E 32 31.93 4.64 -24.69
CA ARG E 32 31.85 4.77 -26.15
C ARG E 32 33.13 5.37 -26.71
N ASP E 33 33.67 4.74 -27.77
CA ASP E 33 34.90 5.16 -28.44
C ASP E 33 34.51 5.74 -29.80
N TYR E 34 34.56 7.06 -29.90
CA TYR E 34 34.15 7.75 -31.11
C TYR E 34 35.34 8.02 -32.00
N ASP E 35 35.13 7.87 -33.31
CA ASP E 35 36.06 8.36 -34.32
C ASP E 35 35.30 9.19 -35.34
N SER E 36 35.35 10.50 -35.17
CA SER E 36 34.66 11.41 -36.05
C SER E 36 35.61 12.17 -36.96
N GLY E 37 36.90 12.20 -36.66
CA GLY E 37 37.82 13.02 -37.39
C GLY E 37 38.04 14.39 -36.81
N ASP E 38 37.48 14.67 -35.64
CA ASP E 38 37.76 15.88 -34.87
C ASP E 38 37.95 15.40 -33.44
N ALA E 39 39.17 15.56 -32.92
CA ALA E 39 39.48 15.00 -31.61
C ALA E 39 38.81 15.77 -30.49
N LYS E 40 38.49 17.05 -30.69
CA LYS E 40 37.70 17.76 -29.69
C LYS E 40 36.29 17.18 -29.62
N GLN E 41 35.63 17.07 -30.77
CA GLN E 41 34.33 16.40 -30.83
C GLN E 41 34.41 14.96 -30.35
N ASP E 42 35.50 14.27 -30.63
CA ASP E 42 35.62 12.87 -30.23
C ASP E 42 35.59 12.71 -28.71
N ASP E 43 36.25 13.60 -27.97
CA ASP E 43 36.29 13.47 -26.51
C ASP E 43 34.95 13.83 -25.91
N ASN E 44 34.25 14.77 -26.51
CA ASN E 44 32.92 15.14 -26.09
C ASN E 44 31.99 13.93 -26.17
N LEU E 45 31.68 13.46 -27.40
CA LEU E 45 30.68 12.40 -27.58
C LEU E 45 31.13 11.08 -26.94
N GLY E 46 32.43 10.80 -26.99
CA GLY E 46 32.95 9.58 -26.40
C GLY E 46 33.12 9.67 -24.89
N GLY E 47 33.61 8.59 -24.31
CA GLY E 47 33.75 8.49 -22.88
C GLY E 47 32.62 7.69 -22.26
N MET E 48 32.70 7.49 -20.95
CA MET E 48 31.73 6.66 -20.26
C MET E 48 30.55 7.44 -19.71
N GLN E 49 29.36 6.84 -19.78
CA GLN E 49 28.13 7.41 -19.22
C GLN E 49 27.24 6.31 -18.68
N LEU E 50 26.20 6.74 -17.97
CA LEU E 50 25.18 5.85 -17.44
C LEU E 50 23.87 6.14 -18.16
N ASN E 51 23.31 5.12 -18.80
CA ASN E 51 22.06 5.24 -19.56
C ASN E 51 20.97 4.62 -18.69
N ASN E 52 20.39 5.43 -17.81
CA ASN E 52 19.30 5.01 -16.96
C ASN E 52 18.02 5.17 -17.75
N GLU E 53 17.42 4.04 -18.15
CA GLU E 53 16.15 4.02 -18.86
C GLU E 53 15.03 3.49 -17.99
N SER E 54 15.17 3.64 -16.68
CA SER E 54 14.10 3.25 -15.77
C SER E 54 12.88 4.14 -15.94
N ARG E 55 11.71 3.57 -15.68
CA ARG E 55 10.47 4.29 -15.86
C ARG E 55 9.42 3.72 -14.92
N ILE E 56 8.60 4.63 -14.39
CA ILE E 56 7.48 4.27 -13.54
C ILE E 56 6.21 4.62 -14.31
N GLY E 57 5.22 3.74 -14.23
CA GLY E 57 3.99 3.96 -14.95
C GLY E 57 2.81 3.46 -14.15
N PHE E 58 1.63 3.88 -14.61
CA PHE E 58 0.39 3.48 -14.00
C PHE E 58 -0.59 3.01 -15.08
N ARG E 59 -1.31 1.94 -14.76
CA ARG E 59 -2.29 1.43 -15.69
C ARG E 59 -3.37 0.70 -14.90
N GLY E 60 -4.51 0.49 -15.55
CA GLY E 60 -5.60 -0.21 -14.91
C GLY E 60 -6.70 -0.48 -15.89
N LYS E 61 -7.66 -1.28 -15.44
CA LYS E 61 -8.87 -1.51 -16.18
C LYS E 61 -10.02 -1.23 -15.23
N LYS E 62 -11.21 -0.96 -15.79
CA LYS E 62 -12.41 -0.83 -14.99
C LYS E 62 -13.56 -1.32 -15.87
N GLN E 63 -14.44 -2.15 -15.29
CA GLN E 63 -15.61 -2.64 -16.01
C GLN E 63 -16.74 -1.65 -15.86
N PHE E 64 -17.02 -0.91 -16.93
CA PHE E 64 -18.10 0.06 -16.93
C PHE E 64 -19.44 -0.64 -16.74
N ALA E 65 -20.26 -0.08 -15.84
CA ALA E 65 -21.50 -0.76 -15.47
C ALA E 65 -22.40 -0.95 -16.68
N ASN E 66 -22.28 -0.09 -17.68
CA ASN E 66 -23.06 -0.19 -18.90
C ASN E 66 -22.20 -0.35 -20.16
N PHE E 67 -21.31 -1.34 -20.18
CA PHE E 67 -20.44 -1.50 -21.34
C PHE E 67 -19.61 -2.77 -21.24
N GLU E 68 -19.85 -3.69 -22.16
CA GLU E 68 -19.19 -4.98 -22.17
C GLU E 68 -17.71 -4.76 -22.47
N PRO E 69 -17.34 -3.91 -23.44
CA PRO E 69 -15.90 -3.64 -23.62
C PRO E 69 -15.32 -3.12 -22.31
N THR E 70 -14.18 -3.68 -21.93
CA THR E 70 -13.52 -3.28 -20.69
C THR E 70 -12.67 -2.04 -20.93
N PHE E 71 -12.91 -1.00 -20.13
CA PHE E 71 -12.13 0.22 -20.27
C PHE E 71 -10.76 -0.03 -19.69
N ILE E 72 -9.75 0.33 -20.46
CA ILE E 72 -8.35 0.18 -20.09
C ILE E 72 -7.69 1.53 -20.27
N TRP E 73 -6.64 1.76 -19.49
CA TRP E 73 -5.93 3.03 -19.53
C TRP E 73 -4.52 2.77 -19.03
N GLN E 74 -3.59 3.61 -19.46
CA GLN E 74 -2.21 3.51 -19.03
C GLN E 74 -1.50 4.85 -19.17
N ILE E 75 -0.70 5.20 -18.15
CA ILE E 75 0.20 6.34 -18.21
C ILE E 75 1.61 5.87 -17.85
N GLU E 76 2.51 5.86 -18.83
CA GLU E 76 3.88 5.40 -18.62
C GLU E 76 4.83 6.57 -18.76
N GLY E 77 5.58 6.85 -17.69
CA GLY E 77 6.56 7.93 -17.71
C GLY E 77 7.76 7.62 -18.59
N GLY E 78 8.63 8.61 -18.74
CA GLY E 78 9.77 8.47 -19.61
C GLY E 78 10.98 7.85 -18.93
N TYR E 79 12.08 7.83 -19.69
CA TYR E 79 13.38 7.44 -19.16
C TYR E 79 13.84 8.46 -18.14
N VAL E 80 14.22 8.00 -16.93
CA VAL E 80 14.47 8.92 -15.82
C VAL E 80 15.77 9.71 -16.02
N ASP E 81 16.85 9.04 -16.39
CA ASP E 81 18.09 9.71 -16.79
C ASP E 81 18.77 8.95 -17.91
N PRO E 82 18.35 9.19 -19.15
CA PRO E 82 19.08 8.64 -20.29
C PRO E 82 20.50 9.16 -20.36
N SER E 83 21.32 8.47 -21.15
CA SER E 83 22.63 8.98 -21.48
C SER E 83 22.49 10.17 -22.44
N PHE E 84 23.53 10.99 -22.53
CA PHE E 84 23.56 12.15 -23.42
C PHE E 84 22.41 13.13 -23.18
N GLY E 85 21.71 13.00 -22.05
CA GLY E 85 20.53 13.78 -21.77
C GLY E 85 20.41 14.12 -20.30
N GLY E 86 19.48 15.02 -20.02
CA GLY E 86 19.28 15.51 -18.67
C GLY E 86 18.51 14.55 -17.81
N GLU E 87 18.27 14.98 -16.58
CA GLU E 87 17.58 14.15 -15.60
C GLU E 87 16.10 14.48 -15.60
N GLY E 88 15.31 13.58 -15.03
CA GLY E 88 13.89 13.83 -14.94
C GLY E 88 13.11 13.48 -16.19
N ALA E 89 11.93 12.91 -15.97
CA ALA E 89 10.99 12.61 -17.03
C ALA E 89 9.57 12.75 -16.48
N GLY E 90 8.70 13.45 -17.20
CA GLY E 90 7.30 13.55 -16.86
C GLY E 90 6.56 12.23 -17.08
N LEU E 91 5.26 12.28 -16.80
CA LEU E 91 4.37 11.14 -17.00
C LEU E 91 3.66 11.22 -18.34
N GLY E 92 3.56 10.08 -19.02
CA GLY E 92 2.98 10.03 -20.33
C GLY E 92 3.93 10.28 -21.48
N GLU E 93 5.24 10.16 -21.27
CA GLU E 93 6.19 10.30 -22.37
C GLU E 93 6.32 9.00 -23.13
N ARG E 94 5.95 7.90 -22.51
CA ARG E 94 5.89 6.64 -23.21
C ARG E 94 4.44 6.20 -23.27
N ASP E 95 4.20 4.98 -23.77
CA ASP E 95 2.85 4.56 -24.17
C ASP E 95 1.83 5.01 -23.14
N THR E 96 1.08 6.06 -23.46
CA THR E 96 0.08 6.58 -22.53
C THR E 96 -1.25 6.71 -23.28
N PHE E 97 -2.28 6.00 -22.80
CA PHE E 97 -3.48 5.82 -23.61
C PHE E 97 -4.67 5.40 -22.76
N VAL E 98 -5.87 5.57 -23.37
CA VAL E 98 -7.12 4.91 -22.95
C VAL E 98 -7.63 4.13 -24.15
N GLY E 99 -8.43 3.11 -23.86
CA GLY E 99 -8.94 2.28 -24.91
C GLY E 99 -9.88 1.27 -24.33
N PHE E 100 -10.37 0.42 -25.20
CA PHE E 100 -11.40 -0.56 -24.86
C PHE E 100 -10.94 -1.92 -25.36
N GLU E 101 -11.44 -2.98 -24.73
CA GLU E 101 -11.06 -4.31 -25.17
C GLU E 101 -12.21 -5.29 -24.99
N SER E 102 -12.49 -6.05 -26.04
CA SER E 102 -13.37 -7.20 -25.94
C SER E 102 -12.60 -8.42 -26.40
N ALA E 103 -12.94 -9.57 -25.83
CA ALA E 103 -12.25 -10.80 -26.21
C ALA E 103 -12.47 -11.12 -27.69
N SER E 104 -13.70 -10.91 -28.20
CA SER E 104 -14.01 -11.26 -29.58
C SER E 104 -13.15 -10.47 -30.56
N TRP E 105 -13.20 -9.15 -30.50
CA TRP E 105 -12.61 -8.31 -31.53
C TRP E 105 -11.31 -7.61 -31.09
N GLY E 106 -10.72 -8.00 -29.96
CA GLY E 106 -9.38 -7.51 -29.60
C GLY E 106 -9.31 -6.35 -28.64
N GLN E 107 -8.70 -5.24 -29.08
CA GLN E 107 -8.54 -4.06 -28.25
C GLN E 107 -8.13 -2.82 -29.08
N VAL E 108 -8.93 -1.76 -29.02
CA VAL E 108 -8.57 -0.51 -29.67
C VAL E 108 -8.11 0.47 -28.61
N ARG E 109 -7.03 1.19 -28.93
CA ARG E 109 -6.43 2.18 -28.04
C ARG E 109 -6.38 3.52 -28.76
N LEU E 110 -6.51 4.58 -27.97
CA LEU E 110 -6.36 5.95 -28.43
C LEU E 110 -5.27 6.60 -27.61
N GLY E 111 -4.45 7.42 -28.23
CA GLY E 111 -3.50 8.17 -27.46
C GLY E 111 -2.13 8.10 -28.04
N ARG E 112 -1.14 7.69 -27.23
CA ARG E 112 0.27 7.62 -27.63
C ARG E 112 0.71 6.17 -27.57
N VAL E 113 0.93 5.58 -28.74
CA VAL E 113 1.25 4.17 -28.85
C VAL E 113 2.38 4.00 -29.85
N LEU E 114 2.83 2.75 -30.03
CA LEU E 114 3.82 2.37 -31.03
C LEU E 114 3.11 2.03 -32.33
N THR E 115 3.59 2.56 -33.47
CA THR E 115 2.92 2.18 -34.72
C THR E 115 3.16 0.68 -34.95
N PRO E 116 2.33 0.01 -35.78
CA PRO E 116 2.49 -1.45 -35.92
C PRO E 116 3.81 -1.85 -36.53
N MET E 117 4.34 -1.01 -37.40
CA MET E 117 5.65 -1.32 -37.96
C MET E 117 6.74 -1.07 -36.95
N TYR E 118 6.62 0.00 -36.17
CA TYR E 118 7.69 0.31 -35.23
C TYR E 118 7.88 -0.79 -34.19
N GLU E 119 6.81 -1.47 -33.78
CA GLU E 119 6.97 -2.55 -32.82
C GLU E 119 8.00 -3.57 -33.31
N LEU E 120 7.95 -3.91 -34.60
CA LEU E 120 8.87 -4.91 -35.15
C LEU E 120 10.25 -4.34 -35.43
N VAL E 121 10.38 -3.03 -35.65
CA VAL E 121 11.72 -2.47 -35.77
C VAL E 121 12.40 -2.47 -34.41
N ASP E 122 11.63 -2.35 -33.33
CA ASP E 122 12.19 -2.37 -32.00
C ASP E 122 12.49 -3.81 -31.57
N TRP E 123 11.47 -4.65 -31.59
CA TRP E 123 11.60 -6.04 -31.22
C TRP E 123 11.03 -6.89 -32.34
N PRO E 124 11.80 -7.82 -32.90
CA PRO E 124 13.15 -8.10 -32.43
C PRO E 124 14.27 -7.41 -33.20
N ALA E 125 13.97 -6.49 -34.12
CA ALA E 125 14.94 -6.10 -35.15
C ALA E 125 16.04 -5.15 -34.66
N SER E 126 15.88 -4.53 -33.48
CA SER E 126 16.89 -3.65 -32.93
C SER E 126 17.59 -4.27 -31.70
N ASN E 127 17.06 -5.41 -31.21
CA ASN E 127 17.40 -6.28 -30.06
C ASN E 127 18.77 -6.10 -29.40
N PRO E 128 19.97 -6.46 -30.02
CA PRO E 128 21.24 -6.32 -29.30
C PRO E 128 21.98 -5.00 -29.54
N GLY E 129 21.26 -3.87 -29.43
CA GLY E 129 21.94 -2.60 -29.61
C GLY E 129 22.13 -2.10 -31.03
N LEU E 130 21.37 -2.61 -31.99
CA LEU E 130 21.49 -2.23 -33.40
C LEU E 130 20.71 -0.99 -33.75
N GLY E 131 19.92 -0.46 -32.80
CA GLY E 131 18.94 0.57 -33.12
C GLY E 131 19.51 1.75 -33.88
N ASP E 132 20.68 2.24 -33.50
CA ASP E 132 21.26 3.40 -34.18
C ASP E 132 21.21 3.28 -35.68
N VAL E 133 21.12 2.07 -36.20
CA VAL E 133 21.16 1.82 -37.63
C VAL E 133 19.79 1.40 -38.17
N TYR E 134 19.13 0.43 -37.51
CA TYR E 134 17.86 -0.05 -38.03
C TYR E 134 16.67 0.77 -37.55
N ASP E 135 16.78 1.42 -36.40
CA ASP E 135 15.70 2.19 -35.77
C ASP E 135 15.63 3.55 -36.46
N TRP E 136 16.52 4.49 -36.13
CA TRP E 136 16.55 5.81 -36.76
C TRP E 136 17.69 6.01 -37.75
N GLY E 137 18.51 4.99 -37.97
CA GLY E 137 19.65 5.15 -38.85
C GLY E 137 19.18 5.23 -40.27
N GLY E 138 18.73 6.39 -40.71
CA GLY E 138 18.27 6.46 -42.08
C GLY E 138 19.00 7.48 -42.93
N ALA E 139 18.99 7.26 -44.24
CA ALA E 139 19.45 8.26 -45.20
C ALA E 139 18.30 8.84 -46.01
N ILE E 140 17.12 8.23 -45.96
CA ILE E 140 16.02 8.68 -46.78
C ILE E 140 15.45 9.98 -46.22
N GLY E 141 14.89 10.79 -47.11
CA GLY E 141 14.22 12.03 -46.74
C GLY E 141 12.81 11.77 -46.24
N GLY E 142 12.09 12.85 -46.01
CA GLY E 142 10.72 12.71 -45.54
C GLY E 142 10.68 12.15 -44.14
N ALA E 143 9.91 11.06 -43.96
CA ALA E 143 9.76 10.43 -42.65
C ALA E 143 9.42 8.95 -42.87
N LYS E 144 10.41 8.08 -42.66
CA LYS E 144 10.24 6.66 -42.97
C LYS E 144 9.00 6.10 -42.27
N TYR E 145 9.01 6.08 -40.94
CA TYR E 145 7.92 5.58 -40.11
C TYR E 145 7.97 6.35 -38.81
N GLN E 146 7.14 5.95 -37.85
CA GLN E 146 7.01 6.71 -36.61
C GLN E 146 7.33 5.89 -35.36
N ASP E 147 8.02 6.55 -34.42
CA ASP E 147 8.32 5.95 -33.13
C ASP E 147 7.03 5.77 -32.35
N ARG E 148 6.75 6.78 -31.54
CA ARG E 148 5.49 6.95 -30.85
C ARG E 148 4.89 8.25 -31.36
N GLN E 149 3.60 8.24 -31.68
CA GLN E 149 2.88 9.45 -32.06
C GLN E 149 1.74 9.55 -31.06
N SER E 150 1.53 10.73 -30.50
CA SER E 150 0.57 10.86 -29.41
C SER E 150 -0.86 11.18 -29.85
N ASN E 151 -1.18 11.08 -31.14
CA ASN E 151 -2.50 11.41 -31.65
C ASN E 151 -2.83 10.24 -32.55
N THR E 152 -3.28 9.14 -31.94
CA THR E 152 -3.28 7.87 -32.65
C THR E 152 -4.44 6.97 -32.23
N ILE E 153 -5.04 6.30 -33.21
CA ILE E 153 -5.98 5.23 -32.94
C ILE E 153 -5.35 3.95 -33.44
N ARG E 154 -5.42 2.90 -32.64
CA ARG E 154 -4.73 1.65 -32.96
C ARG E 154 -5.57 0.46 -32.53
N TRP E 155 -5.91 -0.40 -33.49
CA TRP E 155 -6.64 -1.62 -33.19
C TRP E 155 -5.69 -2.82 -33.23
N ASP E 156 -5.78 -3.68 -32.23
CA ASP E 156 -5.03 -4.93 -32.16
C ASP E 156 -5.97 -6.11 -32.29
N SER E 157 -5.70 -6.99 -33.23
CA SER E 157 -6.61 -8.10 -33.42
C SER E 157 -6.41 -9.13 -32.31
N PRO E 158 -7.39 -10.01 -32.11
CA PRO E 158 -7.17 -11.16 -31.23
C PRO E 158 -6.20 -12.13 -31.87
N MET E 159 -5.87 -13.21 -31.18
CA MET E 159 -5.06 -14.26 -31.78
C MET E 159 -6.01 -15.25 -32.42
N TYR E 160 -6.25 -15.09 -33.72
CA TYR E 160 -7.18 -15.98 -34.42
C TYR E 160 -6.60 -17.39 -34.48
N ALA E 161 -7.36 -18.35 -33.94
CA ALA E 161 -6.92 -19.72 -33.73
C ALA E 161 -5.73 -19.76 -32.78
N ASP E 162 -5.50 -18.68 -32.05
CA ASP E 162 -4.28 -18.51 -31.26
C ASP E 162 -3.05 -18.63 -32.15
N LYS E 163 -3.21 -18.21 -33.39
CA LYS E 163 -2.11 -18.30 -34.35
C LYS E 163 -1.95 -17.06 -35.23
N PHE E 164 -2.99 -16.30 -35.54
CA PHE E 164 -2.94 -15.20 -36.50
C PHE E 164 -3.43 -13.91 -35.85
N SER E 165 -2.71 -12.81 -36.10
CA SER E 165 -2.96 -11.54 -35.45
C SER E 165 -2.74 -10.39 -36.41
N ILE E 166 -3.60 -9.37 -36.32
CA ILE E 166 -3.52 -8.18 -37.16
C ILE E 166 -3.41 -6.96 -36.25
N ASP E 167 -2.46 -6.09 -36.56
CA ASP E 167 -2.26 -4.84 -35.85
C ASP E 167 -2.43 -3.73 -36.87
N ALA E 168 -3.21 -2.71 -36.55
CA ALA E 168 -3.55 -1.68 -37.53
C ALA E 168 -3.84 -0.36 -36.82
N ALA E 169 -3.38 0.75 -37.40
CA ALA E 169 -3.47 2.03 -36.74
C ALA E 169 -3.37 3.18 -37.75
N VAL E 170 -3.99 4.31 -37.40
CA VAL E 170 -3.86 5.58 -38.10
C VAL E 170 -3.68 6.65 -37.03
N GLY E 171 -3.10 7.78 -37.43
CA GLY E 171 -2.87 8.82 -36.45
C GLY E 171 -2.43 10.14 -37.07
N ALA E 172 -2.27 11.15 -36.20
CA ALA E 172 -1.81 12.45 -36.65
C ALA E 172 -0.29 12.49 -36.67
N GLY E 173 0.24 13.40 -37.47
CA GLY E 173 1.67 13.52 -37.65
C GLY E 173 2.37 14.21 -36.50
N ASP E 174 3.69 14.38 -36.66
CA ASP E 174 4.48 15.07 -35.64
C ASP E 174 4.08 16.56 -35.57
N LYS E 175 4.15 17.26 -36.71
CA LYS E 175 3.82 18.68 -36.73
C LYS E 175 2.32 18.91 -36.58
N ALA E 176 1.49 18.01 -37.11
CA ALA E 176 0.04 18.20 -37.04
C ALA E 176 -0.49 18.13 -35.62
N GLY E 177 0.19 17.40 -34.74
CA GLY E 177 -0.19 17.33 -33.34
C GLY E 177 0.09 18.58 -32.52
N LEU E 178 0.70 19.60 -33.13
CA LEU E 178 0.94 20.89 -32.50
C LEU E 178 0.28 22.02 -33.26
N GLY E 179 -0.62 21.70 -34.18
CA GLY E 179 -1.25 22.74 -34.97
C GLY E 179 -0.30 23.46 -35.90
N ALA E 180 0.78 22.79 -36.32
CA ALA E 180 1.73 23.35 -37.27
C ALA E 180 1.64 22.72 -38.65
N GLY E 181 0.84 21.68 -38.80
CA GLY E 181 0.76 21.05 -40.09
C GLY E 181 -0.42 20.11 -40.17
N ASP E 182 -0.40 19.29 -41.21
CA ASP E 182 -1.44 18.32 -41.52
C ASP E 182 -0.82 16.99 -41.86
N ASP E 183 0.26 16.65 -41.15
CA ASP E 183 0.87 15.34 -41.27
C ASP E 183 -0.14 14.30 -40.79
N TYR E 184 -0.14 13.16 -41.44
CA TYR E 184 -0.97 12.05 -40.98
C TYR E 184 -0.29 10.78 -41.45
N TRP E 185 -0.81 9.65 -41.01
CA TRP E 185 -0.12 8.40 -41.32
C TRP E 185 -1.04 7.26 -40.99
N GLY E 186 -0.81 6.14 -41.66
CA GLY E 186 -1.44 4.90 -41.29
C GLY E 186 -0.46 3.77 -41.49
N GLY E 187 -0.76 2.65 -40.86
CA GLY E 187 0.16 1.54 -40.88
C GLY E 187 -0.56 0.29 -40.43
N ILE E 188 -0.05 -0.85 -40.88
CA ILE E 188 -0.67 -2.14 -40.58
C ILE E 188 0.44 -3.19 -40.54
N ALA E 189 0.22 -4.24 -39.76
CA ALA E 189 1.15 -5.37 -39.76
C ALA E 189 0.38 -6.63 -39.39
N ALA E 190 0.91 -7.78 -39.80
CA ALA E 190 0.31 -9.04 -39.39
C ALA E 190 1.40 -10.04 -39.01
N HIS E 191 1.01 -10.99 -38.15
CA HIS E 191 1.93 -12.00 -37.60
C HIS E 191 1.22 -13.35 -37.57
N TYR E 192 1.81 -14.34 -38.23
CA TYR E 192 1.34 -15.71 -38.20
C TYR E 192 2.39 -16.57 -37.53
N LYS E 193 1.95 -17.46 -36.62
CA LYS E 193 2.82 -18.26 -35.78
C LYS E 193 2.68 -19.71 -36.25
N LEU E 194 3.57 -20.11 -37.17
CA LEU E 194 3.57 -21.44 -37.79
C LEU E 194 4.43 -22.38 -36.96
N GLY E 195 3.80 -23.13 -36.06
CA GLY E 195 4.56 -24.01 -35.21
C GLY E 195 5.62 -23.19 -34.49
N PRO E 196 6.88 -23.56 -34.68
CA PRO E 196 7.99 -22.81 -34.05
C PRO E 196 8.26 -21.43 -34.65
N LEU E 197 7.83 -21.19 -35.89
CA LEU E 197 8.06 -19.97 -36.64
C LEU E 197 7.10 -18.84 -36.26
N GLN E 198 7.47 -17.63 -36.68
CA GLN E 198 6.55 -16.52 -36.76
C GLN E 198 6.92 -15.63 -37.93
N LEU E 199 5.96 -15.34 -38.80
CA LEU E 199 6.18 -14.46 -39.93
C LEU E 199 5.59 -13.08 -39.65
N ASP E 200 6.33 -12.03 -40.01
CA ASP E 200 5.94 -10.65 -39.76
C ASP E 200 5.97 -9.86 -41.07
N ALA E 201 4.90 -9.15 -41.37
CA ALA E 201 4.93 -8.16 -42.44
C ALA E 201 4.30 -6.87 -41.95
N ALA E 202 4.69 -5.75 -42.55
CA ALA E 202 4.20 -4.47 -42.05
C ALA E 202 4.32 -3.38 -43.12
N TYR E 203 3.38 -2.43 -43.05
CA TYR E 203 3.36 -1.27 -43.91
C TYR E 203 3.11 -0.03 -43.07
N GLU E 204 3.71 1.10 -43.48
CA GLU E 204 3.33 2.37 -42.89
C GLU E 204 3.60 3.49 -43.89
N GLY E 205 2.58 4.31 -44.12
CA GLY E 205 2.68 5.43 -45.02
C GLY E 205 2.38 6.75 -44.34
N ASN E 206 3.20 7.76 -44.59
CA ASN E 206 3.04 9.11 -44.06
C ASN E 206 2.75 10.05 -45.22
N ARG E 207 1.99 11.10 -44.95
CA ARG E 207 1.66 12.07 -45.98
C ARG E 207 1.86 13.46 -45.43
N ASN E 208 2.02 14.41 -46.35
CA ASN E 208 2.15 15.82 -46.00
C ASN E 208 3.32 16.06 -45.05
N ILE E 209 4.42 15.34 -45.25
CA ILE E 209 5.61 15.47 -44.43
C ILE E 209 6.41 16.67 -44.94
N GLU E 210 6.43 17.76 -44.16
CA GLU E 210 7.12 18.96 -44.57
C GLU E 210 8.57 18.89 -44.09
N ALA E 211 9.51 18.86 -45.03
CA ALA E 211 10.92 18.66 -44.72
C ALA E 211 11.77 19.03 -45.93
N GLU E 212 12.93 19.63 -45.69
CA GLU E 212 13.86 20.05 -46.73
C GLU E 212 13.24 21.04 -47.72
N GLY E 213 12.21 21.77 -47.31
CA GLY E 213 11.55 22.71 -48.18
C GLY E 213 10.54 22.13 -49.15
N GLN E 214 10.24 20.83 -49.01
CA GLN E 214 9.29 20.15 -49.88
C GLN E 214 8.29 19.41 -49.01
N THR E 215 7.28 18.82 -49.64
CA THR E 215 6.29 18.00 -48.95
C THR E 215 6.46 16.56 -49.43
N TRP E 216 6.55 15.63 -48.49
CA TRP E 216 6.94 14.27 -48.82
C TRP E 216 5.80 13.28 -48.56
N GLU E 217 5.86 12.15 -49.28
CA GLU E 217 5.01 11.00 -49.02
C GLU E 217 5.93 9.79 -48.90
N ASN E 218 5.89 9.10 -47.76
CA ASN E 218 6.77 7.96 -47.51
C ASN E 218 5.97 6.67 -47.45
N ASN E 219 6.39 5.68 -48.24
CA ASN E 219 5.84 4.33 -48.15
C ASN E 219 6.92 3.35 -47.70
N THR E 220 6.63 2.52 -46.72
CA THR E 220 7.65 1.63 -46.15
C THR E 220 7.05 0.27 -45.80
N TYR E 221 7.78 -0.79 -46.15
CA TYR E 221 7.29 -2.15 -46.01
C TYR E 221 8.36 -3.03 -45.37
N LEU E 222 7.92 -3.92 -44.49
CA LEU E 222 8.79 -4.72 -43.64
C LEU E 222 8.37 -6.18 -43.73
N VAL E 223 9.36 -7.07 -43.91
CA VAL E 223 9.16 -8.50 -43.92
C VAL E 223 10.11 -9.12 -42.91
N GLY E 224 9.63 -10.13 -42.17
CA GLY E 224 10.45 -10.68 -41.12
C GLY E 224 10.02 -12.05 -40.67
N VAL E 225 10.91 -12.69 -39.93
CA VAL E 225 10.72 -14.06 -39.46
C VAL E 225 11.35 -14.22 -38.08
N GLN E 226 10.84 -15.20 -37.32
CA GLN E 226 11.30 -15.47 -35.96
C GLN E 226 11.16 -16.95 -35.60
N GLY E 227 12.16 -17.51 -34.92
CA GLY E 227 12.07 -18.88 -34.45
C GLY E 227 12.71 -19.06 -33.09
N TRP E 228 12.15 -20.00 -32.31
CA TRP E 228 12.67 -20.38 -30.98
C TRP E 228 12.59 -21.89 -30.85
N PHE E 229 13.73 -22.56 -30.76
CA PHE E 229 13.77 -24.01 -30.82
C PHE E 229 14.40 -24.59 -29.57
N GLU E 230 13.93 -25.80 -29.21
CA GLU E 230 14.33 -26.44 -27.96
C GLU E 230 15.85 -26.56 -27.83
N ASN E 231 16.57 -26.64 -28.95
CA ASN E 231 18.02 -26.72 -28.82
C ASN E 231 18.64 -25.43 -28.29
N GLY E 232 17.87 -24.37 -28.07
CA GLY E 232 18.42 -23.14 -27.58
C GLY E 232 18.70 -22.08 -28.63
N ILE E 233 18.56 -22.41 -29.90
CA ILE E 233 18.75 -21.39 -30.93
C ILE E 233 17.48 -20.58 -31.08
N SER E 234 17.64 -19.27 -31.25
CA SER E 234 16.55 -18.36 -31.52
C SER E 234 17.05 -17.40 -32.59
N PHE E 235 16.14 -16.86 -33.38
CA PHE E 235 16.63 -16.01 -34.45
C PHE E 235 15.55 -15.08 -34.94
N PHE E 236 15.99 -14.01 -35.59
CA PHE E 236 15.10 -13.12 -36.28
C PHE E 236 15.84 -12.55 -37.46
N ALA E 237 15.12 -12.33 -38.55
CA ALA E 237 15.70 -11.72 -39.72
C ALA E 237 14.61 -10.87 -40.36
N GLN E 238 14.99 -9.72 -40.93
CA GLN E 238 14.03 -8.76 -41.42
C GLN E 238 14.55 -7.95 -42.58
N TYR E 239 13.68 -7.71 -43.55
CA TYR E 239 13.96 -6.87 -44.68
C TYR E 239 13.02 -5.67 -44.62
N LYS E 240 13.59 -4.47 -44.71
CA LYS E 240 12.84 -3.22 -44.60
C LYS E 240 13.03 -2.44 -45.88
N TYR E 241 11.94 -2.12 -46.56
CA TYR E 241 12.02 -1.41 -47.84
C TYR E 241 11.38 -0.06 -47.69
N MET E 242 12.19 0.97 -47.91
CA MET E 242 11.80 2.35 -47.64
C MET E 242 11.86 3.13 -48.94
N GLU E 243 10.69 3.57 -49.41
CA GLU E 243 10.56 4.47 -50.53
C GLU E 243 10.03 5.81 -50.02
N ALA E 244 10.30 6.87 -50.79
CA ALA E 244 9.85 8.21 -50.42
C ALA E 244 9.86 9.08 -51.67
N ASP E 245 8.77 9.82 -51.89
CA ASP E 245 8.59 10.63 -53.09
C ASP E 245 8.31 12.06 -52.67
N ALA E 246 9.11 12.99 -53.20
CA ALA E 246 8.96 14.38 -52.83
C ALA E 246 8.00 15.09 -53.74
N SER E 247 7.44 16.19 -53.22
CA SER E 247 6.38 16.91 -53.93
C SER E 247 6.91 17.62 -55.17
N ASN E 248 8.20 17.91 -55.24
CA ASN E 248 8.80 18.45 -56.45
C ASN E 248 9.16 17.35 -57.44
N GLY E 249 8.73 16.13 -57.20
CA GLY E 249 8.93 15.04 -58.14
C GLY E 249 10.18 14.20 -57.95
N VAL E 250 11.00 14.51 -56.95
CA VAL E 250 12.14 13.65 -56.67
C VAL E 250 11.62 12.34 -56.11
N ASN E 251 12.37 11.27 -56.36
CA ASN E 251 12.13 9.97 -55.76
C ASN E 251 13.39 9.55 -55.01
N GLU E 252 13.22 8.88 -53.88
CA GLU E 252 14.32 8.34 -53.11
C GLU E 252 13.94 6.95 -52.65
N LYS E 253 14.93 6.05 -52.59
CA LYS E 253 14.72 4.67 -52.17
C LYS E 253 15.91 4.17 -51.36
N GLN E 254 15.64 3.54 -50.23
CA GLN E 254 16.67 2.89 -49.43
C GLN E 254 16.05 1.64 -48.80
N ASP E 255 16.88 0.64 -48.52
CA ASP E 255 16.40 -0.57 -47.88
C ASP E 255 17.43 -1.10 -46.90
N ALA E 256 17.02 -2.01 -46.03
CA ALA E 256 17.85 -2.40 -44.91
C ALA E 256 17.44 -3.78 -44.43
N MET E 257 18.22 -4.31 -43.49
CA MET E 257 18.05 -5.65 -42.98
C MET E 257 18.48 -5.69 -41.54
N SER E 258 17.90 -6.61 -40.78
CA SER E 258 18.42 -6.82 -39.43
C SER E 258 18.20 -8.26 -39.05
N ALA E 259 19.26 -8.90 -38.56
CA ALA E 259 19.15 -10.30 -38.19
C ALA E 259 19.94 -10.57 -36.94
N GLY E 260 19.54 -11.64 -36.26
CA GLY E 260 20.09 -11.96 -34.97
C GLY E 260 20.05 -13.45 -34.69
N LEU E 261 21.16 -13.97 -34.22
CA LEU E 261 21.30 -15.39 -33.96
C LEU E 261 21.66 -15.52 -32.50
N MET E 262 21.00 -16.43 -31.81
CA MET E 262 21.25 -16.55 -30.39
C MET E 262 21.12 -17.99 -29.96
N TYR E 263 22.03 -18.37 -29.09
CA TYR E 263 22.01 -19.65 -28.40
C TYR E 263 21.74 -19.34 -26.94
N THR E 264 20.89 -20.15 -26.32
CA THR E 264 20.47 -19.92 -24.95
C THR E 264 20.61 -21.23 -24.20
N THR E 265 21.57 -21.29 -23.30
CA THR E 265 21.82 -22.46 -22.48
C THR E 265 21.67 -22.14 -21.01
N GLY E 266 20.88 -22.95 -20.30
CA GLY E 266 20.77 -22.79 -18.86
C GLY E 266 20.22 -21.42 -18.51
N ASP E 267 21.01 -20.62 -17.78
CA ASP E 267 20.64 -19.24 -17.48
C ASP E 267 21.44 -18.23 -18.29
N TRP E 268 21.89 -18.63 -19.46
CA TRP E 268 22.74 -17.80 -20.30
C TRP E 268 22.14 -17.68 -21.70
N GLN E 269 22.36 -16.52 -22.30
CA GLN E 269 22.07 -16.33 -23.71
C GLN E 269 23.24 -15.61 -24.37
N TYR E 270 23.78 -16.22 -25.42
CA TYR E 270 24.73 -15.56 -26.30
C TYR E 270 23.97 -15.09 -27.53
N LYS E 271 24.30 -13.90 -28.02
CA LYS E 271 23.53 -13.29 -29.08
C LYS E 271 24.42 -12.55 -30.06
N LEU E 272 24.09 -12.67 -31.34
CA LEU E 272 24.79 -11.97 -32.40
C LEU E 272 23.77 -11.23 -33.24
N GLY E 273 24.02 -9.95 -33.48
CA GLY E 273 23.13 -9.14 -34.28
C GLY E 273 23.92 -8.38 -35.32
N TYR E 274 23.26 -8.17 -36.46
CA TYR E 274 23.83 -7.40 -37.55
C TYR E 274 22.68 -6.64 -38.19
N ALA E 275 22.88 -5.34 -38.39
CA ALA E 275 21.93 -4.54 -39.14
C ALA E 275 22.67 -3.59 -40.06
N ALA E 276 22.05 -3.32 -41.20
CA ALA E 276 22.64 -2.42 -42.17
C ALA E 276 21.56 -1.82 -43.07
N ASN E 277 21.57 -0.51 -43.18
CA ASN E 277 20.96 0.19 -44.29
C ASN E 277 21.92 0.16 -45.46
N PHE E 278 21.39 0.06 -46.67
CA PHE E 278 22.25 0.02 -47.83
C PHE E 278 22.27 1.40 -48.48
N ASP E 279 23.03 1.52 -49.56
CA ASP E 279 23.19 2.83 -50.19
C ASP E 279 21.84 3.35 -50.66
N LEU E 280 21.69 4.66 -50.59
CA LEU E 280 20.44 5.30 -50.96
C LEU E 280 20.44 5.66 -52.43
N GLU E 281 19.33 5.37 -53.09
CA GLU E 281 19.11 5.77 -54.47
C GLU E 281 18.18 6.98 -54.51
N ARG E 282 18.59 8.01 -55.22
CA ARG E 282 17.75 9.19 -55.40
C ARG E 282 17.57 9.44 -56.89
N ASP E 283 16.33 9.37 -57.35
CA ASP E 283 16.01 9.68 -58.75
C ASP E 283 16.74 8.73 -59.69
N GLY E 284 16.83 7.47 -59.30
CA GLY E 284 17.55 6.43 -60.03
C GLY E 284 19.03 6.36 -59.72
N LYS E 285 19.67 7.52 -59.58
CA LYS E 285 21.10 7.60 -59.26
C LYS E 285 21.35 7.21 -57.81
N THR E 286 22.38 6.39 -57.61
CA THR E 286 22.78 5.93 -56.30
C THR E 286 23.76 6.91 -55.66
N LEU E 287 23.68 7.05 -54.34
CA LEU E 287 24.55 7.95 -53.60
C LEU E 287 25.67 7.12 -52.97
N SER E 288 26.92 7.43 -53.34
CA SER E 288 28.05 6.57 -52.98
C SER E 288 28.38 6.71 -51.51
N ASN E 289 28.66 5.57 -50.87
CA ASN E 289 28.99 5.52 -49.45
C ASN E 289 27.98 6.35 -48.63
N THR E 290 26.74 5.84 -48.59
CA THR E 290 25.68 6.36 -47.74
C THR E 290 25.00 5.25 -46.95
N SER E 291 25.62 4.08 -46.90
CA SER E 291 25.14 2.94 -46.12
C SER E 291 25.71 2.96 -44.68
N ASP E 292 25.03 2.23 -43.80
CA ASP E 292 25.38 2.10 -42.39
C ASP E 292 25.45 0.60 -42.07
N ASP E 293 26.34 0.21 -41.16
CA ASP E 293 26.38 -1.19 -40.77
C ASP E 293 26.72 -1.26 -39.28
N VAL E 294 26.08 -2.19 -38.56
CA VAL E 294 26.40 -2.41 -37.14
C VAL E 294 26.55 -3.90 -36.86
N VAL E 295 27.61 -4.24 -36.11
CA VAL E 295 27.83 -5.57 -35.56
C VAL E 295 27.87 -5.41 -34.06
N SER E 296 27.33 -6.39 -33.32
CA SER E 296 27.24 -6.31 -31.86
C SER E 296 27.14 -7.72 -31.30
N ALA E 297 27.71 -7.93 -30.11
CA ALA E 297 27.63 -9.22 -29.43
C ALA E 297 27.21 -9.00 -27.99
N GLN E 298 26.48 -9.98 -27.45
CA GLN E 298 25.87 -9.80 -26.14
C GLN E 298 25.74 -11.09 -25.35
N ILE E 299 26.21 -11.06 -24.10
CA ILE E 299 26.00 -12.12 -23.13
C ILE E 299 24.94 -11.67 -22.13
N MET E 300 24.06 -12.60 -21.74
CA MET E 300 22.99 -12.26 -20.81
C MET E 300 22.81 -13.36 -19.78
N TYR E 301 22.69 -12.94 -18.52
CA TYR E 301 22.46 -13.84 -17.41
C TYR E 301 21.03 -13.66 -16.91
N PHE E 302 20.33 -14.78 -16.70
CA PHE E 302 18.97 -14.73 -16.17
C PHE E 302 19.06 -14.84 -14.66
N VAL E 303 19.39 -13.69 -14.04
CA VAL E 303 19.74 -13.63 -12.64
C VAL E 303 18.55 -13.87 -11.72
N ASP E 304 17.34 -13.64 -12.21
CA ASP E 304 16.12 -13.88 -11.45
C ASP E 304 15.03 -14.01 -12.48
N PRO E 305 13.94 -14.71 -12.17
CA PRO E 305 12.79 -14.69 -13.06
C PRO E 305 12.37 -13.28 -13.48
N SER E 306 12.68 -12.27 -12.65
CA SER E 306 12.21 -10.90 -12.85
C SER E 306 13.26 -9.94 -13.39
N ALA E 307 14.49 -10.37 -13.61
CA ALA E 307 15.50 -9.39 -14.03
C ALA E 307 16.63 -10.11 -14.76
N VAL E 308 17.47 -9.31 -15.44
CA VAL E 308 18.63 -9.81 -16.17
C VAL E 308 19.81 -8.85 -16.02
N LEU E 309 21.02 -9.42 -15.99
CA LEU E 309 22.29 -8.71 -16.10
C LEU E 309 22.89 -9.08 -17.48
N TYR E 310 23.62 -8.15 -18.10
CA TYR E 310 24.09 -8.34 -19.48
C TYR E 310 25.33 -7.51 -19.78
N ALA E 311 26.21 -8.05 -20.61
CA ALA E 311 27.34 -7.34 -21.20
C ALA E 311 27.20 -7.27 -22.72
N ARG E 312 27.76 -6.22 -23.33
CA ARG E 312 27.56 -6.03 -24.76
C ARG E 312 28.63 -5.14 -25.39
N ALA E 313 29.03 -5.49 -26.61
CA ALA E 313 29.90 -4.61 -27.38
C ALA E 313 29.48 -4.63 -28.85
N ARG E 314 29.63 -3.46 -29.51
CA ARG E 314 29.14 -3.26 -30.87
C ARG E 314 30.06 -2.34 -31.65
N MET E 315 29.90 -2.37 -32.98
CA MET E 315 30.74 -1.64 -33.94
C MET E 315 29.86 -0.98 -34.99
N ASN E 316 29.91 0.36 -35.04
CA ASN E 316 29.06 1.18 -35.90
C ASN E 316 29.90 1.85 -37.00
N ASP E 317 29.63 1.51 -38.26
CA ASP E 317 30.18 2.21 -39.42
C ASP E 317 29.04 2.94 -40.12
N PHE E 318 29.14 4.27 -40.20
CA PHE E 318 28.04 5.08 -40.68
C PHE E 318 28.37 5.70 -42.02
N ASN E 319 27.37 6.38 -42.57
CA ASN E 319 27.49 7.03 -43.86
C ASN E 319 28.49 8.19 -43.79
N GLU E 320 28.89 8.66 -44.98
CA GLU E 320 29.78 9.79 -45.14
C GLU E 320 29.04 11.03 -45.62
N GLY E 321 27.72 11.03 -45.53
CA GLY E 321 27.01 12.26 -45.80
C GLY E 321 26.01 12.20 -46.93
N LEU E 322 25.05 13.12 -46.87
CA LEU E 322 23.97 13.20 -47.85
C LEU E 322 23.34 14.59 -47.76
N ASP E 323 23.23 15.27 -48.90
CA ASP E 323 22.50 16.52 -48.95
C ASP E 323 21.02 16.23 -49.19
N GLY E 324 20.16 16.88 -48.40
CA GLY E 324 18.74 16.83 -48.64
C GLY E 324 18.34 17.63 -49.86
N LEU E 325 17.07 17.56 -50.19
CA LEU E 325 16.60 18.25 -51.38
C LEU E 325 16.51 19.76 -51.18
N ASP E 326 17.43 20.35 -50.40
CA ASP E 326 17.39 21.79 -50.24
C ASP E 326 18.77 22.38 -50.29
N ASP E 327 19.70 21.69 -50.95
CA ASP E 327 21.10 22.10 -51.06
C ASP E 327 21.80 21.98 -49.71
N ALA E 328 21.03 21.68 -48.66
CA ALA E 328 21.51 21.59 -47.28
C ALA E 328 21.60 20.15 -46.83
N ALA E 329 22.67 19.84 -46.08
CA ALA E 329 22.94 18.48 -45.65
C ALA E 329 21.77 17.89 -44.89
N ARG E 330 21.61 16.59 -45.00
CA ARG E 330 20.54 15.93 -44.26
C ARG E 330 21.14 15.23 -43.05
N TRP E 331 20.37 15.18 -41.97
CA TRP E 331 20.81 14.56 -40.73
C TRP E 331 20.50 13.09 -40.78
N THR E 332 21.46 12.28 -40.36
CA THR E 332 21.28 10.85 -40.24
C THR E 332 21.87 10.42 -38.91
N SER E 333 21.53 9.19 -38.51
CA SER E 333 22.10 8.66 -37.27
C SER E 333 23.62 8.73 -37.28
N GLY E 334 24.21 8.79 -38.46
CA GLY E 334 25.64 8.89 -38.57
C GLY E 334 26.16 10.30 -38.68
N THR E 335 25.31 11.30 -38.52
CA THR E 335 25.85 12.66 -38.65
C THR E 335 26.80 13.01 -37.50
N ASN E 336 26.91 12.15 -36.48
CA ASN E 336 27.83 12.35 -35.37
C ASN E 336 29.12 11.57 -35.50
N GLY E 337 29.19 10.65 -36.45
CA GLY E 337 30.40 9.90 -36.69
C GLY E 337 30.33 8.49 -36.14
N ASP E 338 31.30 7.69 -36.60
CA ASP E 338 31.42 6.29 -36.21
C ASP E 338 31.80 6.19 -34.72
N TYR E 339 31.44 5.07 -34.11
CA TYR E 339 31.82 4.84 -32.73
C TYR E 339 31.65 3.37 -32.40
N ASN E 340 32.40 2.92 -31.39
CA ASN E 340 32.29 1.58 -30.82
C ASN E 340 31.73 1.69 -29.41
N GLU E 341 31.19 0.60 -28.89
CA GLU E 341 30.63 0.71 -27.56
C GLU E 341 30.58 -0.62 -26.83
N TYR E 342 31.10 -0.62 -25.61
CA TYR E 342 31.06 -1.73 -24.68
C TYR E 342 30.23 -1.32 -23.46
N SER E 343 29.47 -2.26 -22.91
CA SER E 343 28.50 -1.91 -21.88
C SER E 343 28.12 -3.13 -21.04
N VAL E 344 27.88 -2.88 -19.75
CA VAL E 344 27.13 -3.79 -18.88
C VAL E 344 25.85 -3.09 -18.45
N GLY E 345 24.84 -3.90 -18.12
CA GLY E 345 23.59 -3.31 -17.66
C GLY E 345 22.76 -4.26 -16.83
N VAL E 346 21.74 -3.69 -16.19
CA VAL E 346 20.74 -4.48 -15.47
C VAL E 346 19.36 -3.96 -15.87
N GLU E 347 18.39 -4.87 -15.86
CA GLU E 347 17.02 -4.53 -16.17
C GLU E 347 16.08 -5.37 -15.32
N TYR E 348 15.18 -4.72 -14.58
CA TYR E 348 14.28 -5.37 -13.66
C TYR E 348 12.85 -5.01 -14.04
N TYR E 349 11.94 -5.97 -13.93
CA TYR E 349 10.56 -5.80 -14.35
C TYR E 349 9.63 -6.04 -13.18
N PHE E 350 8.76 -5.07 -12.92
CA PHE E 350 7.76 -5.19 -11.87
C PHE E 350 6.53 -4.30 -12.16
N GLU F 20 4.43 -3.69 6.54
CA GLU F 20 4.03 -4.20 5.24
C GLU F 20 3.20 -5.44 5.45
N VAL F 21 2.25 -5.67 4.52
CA VAL F 21 1.44 -6.88 4.51
C VAL F 21 2.05 -7.82 3.47
N TYR F 22 2.04 -9.11 3.78
CA TYR F 22 2.69 -10.09 2.91
C TYR F 22 1.89 -11.38 3.01
N GLY F 23 1.18 -11.71 1.96
CA GLY F 23 0.55 -13.00 1.91
C GLY F 23 1.44 -14.12 1.37
N ILE F 24 1.12 -15.32 1.80
CA ILE F 24 1.47 -16.54 1.10
C ILE F 24 0.14 -17.22 0.88
N ILE F 25 -0.33 -17.20 -0.36
CA ILE F 25 -1.57 -17.87 -0.74
C ILE F 25 -1.23 -19.28 -1.23
N ALA F 26 -1.97 -20.29 -0.76
CA ALA F 26 -1.55 -21.68 -0.93
C ALA F 26 -2.72 -22.64 -0.82
N MET F 27 -3.14 -23.22 -1.93
CA MET F 27 -4.22 -24.19 -1.94
C MET F 27 -3.73 -25.52 -2.51
N GLN F 28 -4.09 -26.63 -1.86
CA GLN F 28 -3.71 -27.95 -2.32
C GLN F 28 -4.90 -28.87 -2.23
N ALA F 29 -5.33 -29.42 -3.37
CA ALA F 29 -6.41 -30.39 -3.41
C ALA F 29 -5.78 -31.78 -3.42
N ALA F 30 -6.09 -32.58 -2.41
CA ALA F 30 -5.32 -33.79 -2.16
C ALA F 30 -6.26 -34.92 -1.81
N TYR F 31 -6.32 -35.92 -2.69
CA TYR F 31 -7.02 -37.17 -2.43
C TYR F 31 -6.07 -38.14 -1.74
N ARG F 32 -6.54 -38.75 -0.66
CA ARG F 32 -5.73 -39.64 0.16
C ARG F 32 -6.39 -41.01 0.21
N ASP F 33 -5.60 -42.03 -0.10
CA ASP F 33 -6.05 -43.43 -0.08
C ASP F 33 -5.35 -44.15 1.07
N TYR F 34 -6.08 -44.38 2.15
CA TYR F 34 -5.54 -44.96 3.38
C TYR F 34 -5.69 -46.48 3.33
N ASP F 35 -4.70 -47.16 3.91
CA ASP F 35 -4.78 -48.59 4.21
C ASP F 35 -4.45 -48.71 5.68
N SER F 36 -5.49 -48.80 6.52
CA SER F 36 -5.26 -48.82 7.95
C SER F 36 -5.55 -50.16 8.61
N GLY F 37 -6.27 -51.05 7.95
CA GLY F 37 -6.73 -52.24 8.62
C GLY F 37 -8.10 -52.10 9.23
N ASP F 38 -8.77 -50.98 8.98
CA ASP F 38 -10.18 -50.76 9.31
C ASP F 38 -10.81 -50.00 8.15
N ALA F 39 -11.79 -50.60 7.47
CA ALA F 39 -12.33 -49.98 6.27
C ALA F 39 -13.17 -48.74 6.58
N LYS F 40 -13.75 -48.66 7.78
CA LYS F 40 -14.42 -47.44 8.20
C LYS F 40 -13.42 -46.31 8.40
N GLN F 41 -12.38 -46.58 9.21
CA GLN F 41 -11.28 -45.66 9.41
C GLN F 41 -10.66 -45.23 8.09
N ASP F 42 -10.52 -46.18 7.15
CA ASP F 42 -10.00 -45.81 5.84
C ASP F 42 -10.94 -44.83 5.14
N ASP F 43 -12.27 -45.03 5.32
CA ASP F 43 -13.29 -44.19 4.67
C ASP F 43 -13.34 -42.80 5.30
N ASN F 44 -13.16 -42.73 6.63
CA ASN F 44 -13.05 -41.49 7.39
C ASN F 44 -11.85 -40.65 6.97
N LEU F 45 -10.64 -41.19 7.22
CA LEU F 45 -9.40 -40.47 6.98
C LEU F 45 -9.18 -40.18 5.50
N GLY F 46 -9.53 -41.13 4.64
CA GLY F 46 -9.38 -40.93 3.23
C GLY F 46 -10.46 -40.08 2.59
N GLY F 47 -10.31 -39.92 1.28
CA GLY F 47 -11.15 -39.05 0.49
C GLY F 47 -10.44 -37.75 0.19
N MET F 48 -11.12 -36.92 -0.61
CA MET F 48 -10.55 -35.68 -1.11
C MET F 48 -10.77 -34.56 -0.11
N GLN F 49 -9.76 -33.71 0.04
CA GLN F 49 -9.88 -32.53 0.88
C GLN F 49 -9.11 -31.38 0.24
N LEU F 50 -9.37 -30.18 0.75
CA LEU F 50 -8.70 -28.96 0.30
C LEU F 50 -7.84 -28.43 1.44
N ASN F 51 -6.56 -28.25 1.18
CA ASN F 51 -5.59 -27.80 2.18
C ASN F 51 -5.25 -26.33 1.93
N ASN F 52 -6.00 -25.45 2.58
CA ASN F 52 -5.69 -24.03 2.46
C ASN F 52 -4.60 -23.71 3.48
N GLU F 53 -3.41 -23.43 2.97
CA GLU F 53 -2.30 -22.98 3.79
C GLU F 53 -2.01 -21.52 3.54
N SER F 54 -2.99 -20.77 3.06
CA SER F 54 -2.74 -19.36 2.87
C SER F 54 -2.54 -18.70 4.23
N ARG F 55 -1.76 -17.61 4.21
CA ARG F 55 -1.39 -16.89 5.42
C ARG F 55 -1.21 -15.43 5.09
N ILE F 56 -1.63 -14.59 6.02
CA ILE F 56 -1.39 -13.15 5.94
C ILE F 56 -0.43 -12.86 7.05
N GLY F 57 0.51 -11.96 6.80
CA GLY F 57 1.45 -11.59 7.82
C GLY F 57 1.74 -10.11 7.71
N PHE F 58 2.30 -9.60 8.80
CA PHE F 58 2.70 -8.20 8.91
C PHE F 58 4.12 -8.17 9.43
N ARG F 59 4.95 -7.33 8.82
CA ARG F 59 6.34 -7.28 9.24
C ARG F 59 6.89 -5.90 8.92
N GLY F 60 7.97 -5.53 9.61
CA GLY F 60 8.52 -4.22 9.34
C GLY F 60 9.84 -4.00 10.05
N LYS F 61 10.50 -2.92 9.65
CA LYS F 61 11.73 -2.43 10.26
C LYS F 61 11.52 -0.99 10.69
N LYS F 62 12.32 -0.59 11.67
CA LYS F 62 12.30 0.77 12.17
C LYS F 62 13.71 1.12 12.58
N GLN F 63 14.22 2.24 12.10
CA GLN F 63 15.52 2.71 12.57
C GLN F 63 15.26 3.57 13.80
N PHE F 64 15.49 3.01 14.97
CA PHE F 64 15.31 3.78 16.19
C PHE F 64 16.29 4.94 16.20
N ALA F 65 15.78 6.13 16.47
CA ALA F 65 16.58 7.34 16.35
C ALA F 65 17.77 7.35 17.29
N ASN F 66 17.71 6.63 18.41
CA ASN F 66 18.84 6.61 19.34
C ASN F 66 19.41 5.22 19.59
N PHE F 67 19.74 4.46 18.54
CA PHE F 67 20.21 3.07 18.65
C PHE F 67 20.51 2.53 17.25
N GLU F 68 21.77 2.14 16.97
CA GLU F 68 22.15 1.84 15.58
C GLU F 68 21.54 0.58 14.97
N PRO F 69 21.46 -0.54 15.69
CA PRO F 69 20.76 -1.71 15.15
C PRO F 69 19.32 -1.40 14.74
N THR F 70 18.95 -1.87 13.57
CA THR F 70 17.62 -1.63 13.07
C THR F 70 16.64 -2.61 13.69
N PHE F 71 15.53 -2.06 14.20
CA PHE F 71 14.48 -2.86 14.79
C PHE F 71 13.69 -3.58 13.70
N ILE F 72 13.39 -4.83 13.95
CA ILE F 72 12.58 -5.62 13.03
C ILE F 72 11.47 -6.26 13.85
N TRP F 73 10.35 -6.53 13.18
CA TRP F 73 9.21 -7.16 13.82
C TRP F 73 8.40 -7.85 12.73
N GLN F 74 7.70 -8.91 13.10
CA GLN F 74 6.80 -9.61 12.19
C GLN F 74 5.75 -10.39 12.99
N ILE F 75 4.50 -10.31 12.55
CA ILE F 75 3.39 -11.11 13.09
C ILE F 75 2.74 -11.81 11.89
N GLU F 76 2.84 -13.13 11.84
CA GLU F 76 2.32 -13.92 10.74
C GLU F 76 1.16 -14.77 11.23
N GLY F 77 0.02 -14.65 10.57
CA GLY F 77 -1.13 -15.47 10.90
C GLY F 77 -0.97 -16.94 10.51
N GLY F 78 -1.94 -17.76 10.91
CA GLY F 78 -1.87 -19.19 10.68
C GLY F 78 -2.48 -19.66 9.36
N TYR F 79 -2.48 -20.99 9.18
CA TYR F 79 -3.14 -21.61 8.04
C TYR F 79 -4.64 -21.40 8.17
N VAL F 80 -5.24 -20.81 7.12
CA VAL F 80 -6.62 -20.31 7.23
C VAL F 80 -7.63 -21.46 7.27
N ASP F 81 -7.54 -22.42 6.36
CA ASP F 81 -8.28 -23.68 6.49
C ASP F 81 -7.43 -24.85 6.02
N PRO F 82 -6.58 -25.38 6.91
CA PRO F 82 -5.84 -26.60 6.59
C PRO F 82 -6.76 -27.78 6.32
N SER F 83 -6.20 -28.79 5.67
CA SER F 83 -6.94 -30.04 5.57
C SER F 83 -6.99 -30.67 6.97
N PHE F 84 -7.92 -31.60 7.14
CA PHE F 84 -8.12 -32.31 8.38
C PHE F 84 -8.41 -31.40 9.57
N GLY F 85 -8.76 -30.13 9.33
CA GLY F 85 -8.97 -29.19 10.40
C GLY F 85 -10.03 -28.16 10.08
N GLY F 86 -10.45 -27.44 11.12
CA GLY F 86 -11.44 -26.42 10.98
C GLY F 86 -10.83 -25.15 10.44
N GLU F 87 -11.68 -24.13 10.29
CA GLU F 87 -11.28 -22.87 9.69
C GLU F 87 -10.87 -21.82 10.75
N GLY F 88 -10.19 -20.79 10.29
CA GLY F 88 -9.76 -19.68 11.12
C GLY F 88 -8.48 -19.90 11.92
N ALA F 89 -7.59 -18.91 11.85
CA ALA F 89 -6.36 -18.90 12.64
C ALA F 89 -6.00 -17.46 12.93
N GLY F 90 -5.70 -17.16 14.20
CA GLY F 90 -5.31 -15.83 14.60
C GLY F 90 -3.99 -15.39 13.99
N LEU F 91 -3.56 -14.20 14.37
CA LEU F 91 -2.28 -13.66 13.96
C LEU F 91 -1.21 -13.94 15.01
N GLY F 92 -0.03 -14.34 14.55
CA GLY F 92 1.00 -14.79 15.45
C GLY F 92 1.02 -16.27 15.71
N GLU F 93 0.38 -17.07 14.85
CA GLU F 93 0.40 -18.53 14.87
C GLU F 93 1.59 -19.13 14.12
N ARG F 94 2.20 -18.35 13.23
CA ARG F 94 3.48 -18.67 12.58
C ARG F 94 4.51 -17.61 13.00
N ASP F 95 5.65 -17.57 12.30
CA ASP F 95 6.81 -16.79 12.77
C ASP F 95 6.43 -15.39 13.21
N THR F 96 6.39 -15.17 14.53
CA THR F 96 6.06 -13.86 15.11
C THR F 96 7.13 -13.46 16.11
N PHE F 97 7.77 -12.32 15.88
CA PHE F 97 8.96 -11.96 16.62
C PHE F 97 9.18 -10.46 16.54
N VAL F 98 10.00 -9.96 17.47
CA VAL F 98 10.68 -8.69 17.33
C VAL F 98 12.16 -8.99 17.44
N GLY F 99 12.98 -8.10 16.92
CA GLY F 99 14.41 -8.33 17.00
C GLY F 99 15.19 -7.18 16.40
N PHE F 100 16.50 -7.35 16.40
CA PHE F 100 17.42 -6.31 15.95
C PHE F 100 18.37 -6.90 14.95
N GLU F 101 18.89 -6.05 14.07
CA GLU F 101 19.87 -6.50 13.09
C GLU F 101 20.89 -5.39 12.85
N SER F 102 22.17 -5.76 12.92
CA SER F 102 23.25 -4.94 12.40
C SER F 102 24.03 -5.78 11.40
N ALA F 103 24.65 -5.12 10.42
CA ALA F 103 25.40 -5.84 9.41
C ALA F 103 26.53 -6.64 10.01
N SER F 104 27.21 -6.07 11.01
CA SER F 104 28.40 -6.70 11.57
C SER F 104 28.10 -8.07 12.17
N TRP F 105 27.21 -8.11 13.18
CA TRP F 105 27.06 -9.29 14.03
C TRP F 105 25.78 -10.11 13.76
N GLY F 106 25.06 -9.80 12.69
CA GLY F 106 23.95 -10.65 12.31
C GLY F 106 22.56 -10.15 12.67
N GLN F 107 21.81 -10.94 13.44
CA GLN F 107 20.38 -10.69 13.68
C GLN F 107 19.89 -11.47 14.89
N VAL F 108 19.45 -10.77 15.92
CA VAL F 108 18.80 -11.41 17.06
C VAL F 108 17.30 -11.17 16.96
N ARG F 109 16.51 -12.24 17.09
CA ARG F 109 15.06 -12.15 17.12
C ARG F 109 14.55 -12.88 18.35
N LEU F 110 13.54 -12.32 18.98
CA LEU F 110 12.93 -12.91 20.16
C LEU F 110 11.45 -13.16 19.94
N GLY F 111 10.99 -14.28 20.44
CA GLY F 111 9.59 -14.59 20.35
C GLY F 111 9.44 -16.00 19.88
N ARG F 112 8.80 -16.11 18.72
CA ARG F 112 8.49 -17.36 18.06
C ARG F 112 9.21 -17.41 16.71
N VAL F 113 10.17 -18.34 16.59
CA VAL F 113 10.94 -18.56 15.37
C VAL F 113 11.01 -20.07 15.16
N LEU F 114 11.64 -20.53 14.07
CA LEU F 114 11.94 -21.95 13.88
C LEU F 114 13.30 -22.29 14.46
N THR F 115 13.41 -23.44 15.14
CA THR F 115 14.72 -23.74 15.72
C THR F 115 15.73 -23.89 14.58
N PRO F 116 17.03 -23.79 14.87
CA PRO F 116 17.99 -23.86 13.77
C PRO F 116 18.00 -25.22 13.11
N MET F 117 17.72 -26.29 13.87
CA MET F 117 17.64 -27.61 13.28
C MET F 117 16.37 -27.81 12.47
N TYR F 118 15.23 -27.36 12.99
CA TYR F 118 13.98 -27.55 12.26
C TYR F 118 14.02 -26.82 10.92
N GLU F 119 14.75 -25.72 10.86
CA GLU F 119 14.92 -24.99 9.61
C GLU F 119 15.37 -25.92 8.49
N LEU F 120 16.33 -26.81 8.80
CA LEU F 120 16.87 -27.77 7.82
C LEU F 120 15.99 -29.02 7.69
N VAL F 121 15.18 -29.33 8.72
CA VAL F 121 14.24 -30.43 8.56
C VAL F 121 13.13 -30.05 7.60
N ASP F 122 12.76 -28.78 7.60
CA ASP F 122 11.72 -28.30 6.70
C ASP F 122 12.27 -28.09 5.31
N TRP F 123 13.32 -27.29 5.20
CA TRP F 123 13.95 -27.03 3.93
C TRP F 123 15.39 -27.47 4.00
N PRO F 124 15.82 -28.34 3.06
CA PRO F 124 14.84 -28.81 2.07
C PRO F 124 14.22 -30.17 2.36
N ALA F 125 14.51 -30.72 3.53
CA ALA F 125 14.41 -32.15 3.77
C ALA F 125 13.00 -32.68 3.94
N SER F 126 11.97 -31.85 4.10
CA SER F 126 10.63 -32.43 4.29
C SER F 126 9.72 -32.34 3.08
N ASN F 127 9.98 -31.44 2.15
CA ASN F 127 9.23 -31.24 0.91
C ASN F 127 9.78 -32.17 -0.18
N PRO F 128 8.96 -32.83 -1.02
CA PRO F 128 7.51 -32.86 -1.27
C PRO F 128 6.74 -33.96 -0.55
N GLY F 129 6.21 -33.71 0.65
CA GLY F 129 5.44 -34.72 1.34
C GLY F 129 6.25 -35.72 2.13
N LEU F 130 7.53 -35.45 2.31
CA LEU F 130 8.37 -36.30 3.12
C LEU F 130 8.19 -35.94 4.58
N GLY F 131 7.44 -34.87 4.83
CA GLY F 131 7.29 -34.38 6.18
C GLY F 131 6.69 -35.40 7.12
N ASP F 132 5.63 -36.10 6.69
CA ASP F 132 4.97 -37.06 7.57
C ASP F 132 6.00 -37.97 8.20
N VAL F 133 7.14 -38.15 7.55
CA VAL F 133 8.19 -39.07 7.96
C VAL F 133 9.40 -38.34 8.51
N TYR F 134 9.90 -37.35 7.79
CA TYR F 134 11.12 -36.72 8.26
C TYR F 134 10.88 -35.62 9.28
N ASP F 135 9.71 -34.98 9.24
CA ASP F 135 9.40 -33.81 10.06
C ASP F 135 8.93 -34.19 11.46
N TRP F 136 7.69 -34.64 11.63
CA TRP F 136 7.21 -35.02 12.96
C TRP F 136 7.08 -36.52 13.14
N GLY F 137 7.35 -37.29 12.10
CA GLY F 137 7.19 -38.73 12.13
C GLY F 137 8.26 -39.46 12.89
N GLY F 138 8.15 -39.53 14.21
CA GLY F 138 9.19 -40.20 14.98
C GLY F 138 8.64 -41.38 15.72
N ALA F 139 9.51 -42.28 16.14
CA ALA F 139 9.15 -43.36 17.03
C ALA F 139 9.78 -43.20 18.41
N ILE F 140 10.69 -42.23 18.54
CA ILE F 140 11.45 -42.00 19.76
C ILE F 140 10.59 -41.38 20.84
N GLY F 141 10.92 -41.68 22.10
CA GLY F 141 10.24 -41.06 23.22
C GLY F 141 10.78 -39.68 23.49
N GLY F 142 10.25 -39.06 24.55
CA GLY F 142 10.68 -37.70 24.91
C GLY F 142 10.25 -36.70 23.87
N ALA F 143 11.20 -35.89 23.37
CA ALA F 143 10.87 -34.83 22.42
C ALA F 143 12.09 -34.55 21.55
N LYS F 144 12.08 -35.04 20.31
CA LYS F 144 13.24 -34.97 19.42
C LYS F 144 13.78 -33.55 19.27
N TYR F 145 12.98 -32.66 18.67
CA TYR F 145 13.34 -31.26 18.39
C TYR F 145 12.05 -30.43 18.35
N GLN F 146 12.14 -29.18 17.90
CA GLN F 146 10.96 -28.32 17.92
C GLN F 146 10.61 -27.69 16.58
N ASP F 147 9.32 -27.67 16.29
CA ASP F 147 8.77 -26.97 15.14
C ASP F 147 8.32 -25.58 15.64
N ARG F 148 8.88 -24.52 15.06
CA ARG F 148 8.49 -23.18 15.49
C ARG F 148 8.93 -22.95 16.94
N GLN F 149 8.01 -22.86 17.91
CA GLN F 149 8.25 -22.56 19.34
C GLN F 149 8.28 -21.10 19.73
N SER F 150 7.49 -20.76 20.74
CA SER F 150 7.51 -19.44 21.33
C SER F 150 8.48 -19.44 22.50
N ASN F 151 8.74 -18.26 23.05
CA ASN F 151 9.77 -18.06 24.07
C ASN F 151 11.11 -18.58 23.56
N THR F 152 11.63 -17.83 22.61
CA THR F 152 12.82 -18.28 21.93
C THR F 152 13.59 -17.04 21.53
N ILE F 153 14.88 -17.08 21.73
CA ILE F 153 15.75 -16.08 21.16
C ILE F 153 16.63 -16.79 20.14
N ARG F 154 16.80 -16.17 18.97
CA ARG F 154 17.51 -16.81 17.88
C ARG F 154 18.43 -15.78 17.25
N TRP F 155 19.73 -16.10 17.21
CA TRP F 155 20.71 -15.27 16.55
C TRP F 155 21.11 -15.95 15.24
N ASP F 156 21.01 -15.21 14.14
CA ASP F 156 21.41 -15.65 12.81
C ASP F 156 22.64 -14.84 12.43
N SER F 157 23.75 -15.52 12.18
CA SER F 157 25.04 -14.86 11.91
C SER F 157 25.10 -14.35 10.49
N PRO F 158 26.02 -13.43 10.19
CA PRO F 158 26.19 -12.97 8.81
C PRO F 158 26.74 -14.04 7.89
N MET F 159 26.93 -13.68 6.62
CA MET F 159 27.59 -14.57 5.67
C MET F 159 29.07 -14.26 5.73
N TYR F 160 29.76 -14.97 6.62
CA TYR F 160 31.18 -14.78 6.83
C TYR F 160 31.98 -15.27 5.63
N ALA F 161 32.87 -14.43 5.13
CA ALA F 161 33.68 -14.68 3.93
C ALA F 161 32.83 -14.91 2.70
N ASP F 162 31.55 -14.56 2.77
CA ASP F 162 30.58 -14.89 1.73
C ASP F 162 30.55 -16.40 1.47
N LYS F 163 30.88 -17.19 2.53
CA LYS F 163 30.95 -18.65 2.50
C LYS F 163 30.30 -19.34 3.71
N PHE F 164 30.31 -18.74 4.89
CA PHE F 164 30.04 -19.43 6.14
C PHE F 164 29.01 -18.70 6.98
N SER F 165 28.09 -19.45 7.60
CA SER F 165 27.00 -18.84 8.39
C SER F 165 26.64 -19.72 9.58
N ILE F 166 26.25 -19.08 10.68
CA ILE F 166 25.89 -19.75 11.93
C ILE F 166 24.47 -19.39 12.34
N ASP F 167 23.70 -20.38 12.76
CA ASP F 167 22.40 -20.18 13.36
C ASP F 167 22.44 -20.83 14.75
N ALA F 168 21.99 -20.12 15.77
CA ALA F 168 22.09 -20.60 17.15
C ALA F 168 20.97 -20.01 17.97
N ALA F 169 20.37 -20.83 18.85
CA ALA F 169 19.17 -20.39 19.57
C ALA F 169 18.92 -21.23 20.82
N VAL F 170 18.31 -20.60 21.82
CA VAL F 170 17.78 -21.27 23.01
C VAL F 170 16.41 -20.71 23.34
N GLY F 171 15.62 -21.52 24.04
CA GLY F 171 14.27 -21.13 24.35
C GLY F 171 13.64 -22.04 25.38
N ALA F 172 12.42 -21.67 25.78
CA ALA F 172 11.65 -22.40 26.77
C ALA F 172 10.87 -23.52 26.13
N GLY F 173 10.48 -24.48 26.95
CA GLY F 173 9.80 -25.65 26.46
C GLY F 173 8.35 -25.45 26.12
N ASP F 174 7.70 -26.54 25.76
CA ASP F 174 6.27 -26.47 25.50
C ASP F 174 5.51 -26.19 26.80
N LYS F 175 5.67 -27.04 27.82
CA LYS F 175 4.94 -26.80 29.05
C LYS F 175 5.48 -25.59 29.81
N ALA F 176 6.78 -25.30 29.70
CA ALA F 176 7.32 -24.17 30.44
C ALA F 176 6.73 -22.87 29.96
N GLY F 177 6.32 -22.83 28.69
CA GLY F 177 5.67 -21.66 28.12
C GLY F 177 4.26 -21.41 28.61
N LEU F 178 3.69 -22.33 29.37
CA LEU F 178 2.43 -22.12 30.05
C LEU F 178 2.57 -22.22 31.55
N GLY F 179 3.80 -22.21 32.06
CA GLY F 179 3.99 -22.38 33.49
C GLY F 179 3.55 -23.73 33.97
N ALA F 180 3.58 -24.73 33.10
CA ALA F 180 3.19 -26.10 33.43
C ALA F 180 4.38 -27.03 33.60
N GLY F 181 5.59 -26.53 33.42
CA GLY F 181 6.77 -27.34 33.58
C GLY F 181 8.02 -26.49 33.49
N ASP F 182 9.14 -27.14 33.26
CA ASP F 182 10.42 -26.47 33.03
C ASP F 182 11.14 -27.07 31.82
N ASP F 183 10.40 -27.42 30.76
CA ASP F 183 11.07 -27.81 29.53
C ASP F 183 11.90 -26.64 29.01
N TYR F 184 13.05 -26.93 28.43
CA TYR F 184 13.83 -25.90 27.76
C TYR F 184 14.68 -26.60 26.71
N TRP F 185 15.41 -25.82 25.91
CA TRP F 185 16.15 -26.43 24.81
C TRP F 185 17.15 -25.42 24.27
N GLY F 186 18.16 -25.92 23.58
CA GLY F 186 19.02 -25.09 22.78
C GLY F 186 19.36 -25.84 21.51
N GLY F 187 19.86 -25.11 20.54
CA GLY F 187 20.14 -25.72 19.25
C GLY F 187 21.03 -24.83 18.42
N ILE F 188 21.76 -25.45 17.49
CA ILE F 188 22.74 -24.72 16.71
C ILE F 188 22.85 -25.37 15.34
N ALA F 189 23.15 -24.55 14.32
CA ALA F 189 23.33 -25.07 12.98
C ALA F 189 24.33 -24.21 12.20
N ALA F 190 25.02 -24.84 11.25
CA ALA F 190 25.97 -24.10 10.44
C ALA F 190 25.87 -24.53 8.99
N HIS F 191 26.34 -23.64 8.11
CA HIS F 191 26.25 -23.80 6.65
C HIS F 191 27.53 -23.32 5.98
N TYR F 192 28.18 -24.19 5.20
CA TYR F 192 29.34 -23.80 4.39
C TYR F 192 29.02 -23.96 2.91
N LYS F 193 29.50 -23.01 2.11
CA LYS F 193 29.19 -22.95 0.68
C LYS F 193 30.43 -23.22 -0.16
N LEU F 194 30.56 -24.46 -0.63
CA LEU F 194 31.61 -24.86 -1.57
C LEU F 194 31.02 -24.88 -2.98
N GLY F 195 31.25 -23.81 -3.75
CA GLY F 195 30.75 -23.74 -5.10
C GLY F 195 29.26 -23.99 -5.16
N PRO F 196 28.83 -24.97 -5.98
CA PRO F 196 27.42 -25.34 -6.02
C PRO F 196 26.95 -26.05 -4.78
N LEU F 197 27.84 -26.64 -3.99
CA LEU F 197 27.43 -27.35 -2.81
C LEU F 197 27.16 -26.39 -1.66
N GLN F 198 26.42 -26.91 -0.68
CA GLN F 198 26.27 -26.31 0.64
C GLN F 198 26.26 -27.44 1.66
N LEU F 199 27.07 -27.29 2.71
CA LEU F 199 27.10 -28.29 3.76
C LEU F 199 26.26 -27.77 4.92
N ASP F 200 25.43 -28.64 5.47
CA ASP F 200 24.47 -28.30 6.51
C ASP F 200 24.77 -29.19 7.71
N ALA F 201 25.00 -28.59 8.86
CA ALA F 201 25.03 -29.37 10.08
C ALA F 201 24.22 -28.62 11.13
N ALA F 202 23.67 -29.38 12.08
CA ALA F 202 22.78 -28.82 13.09
C ALA F 202 22.68 -29.75 14.29
N TYR F 203 22.48 -29.15 15.45
CA TYR F 203 22.27 -29.88 16.69
C TYR F 203 21.11 -29.27 17.44
N GLU F 204 20.36 -30.09 18.16
CA GLU F 204 19.39 -29.53 19.11
C GLU F 204 19.09 -30.50 20.25
N GLY F 205 19.13 -30.00 21.47
CA GLY F 205 18.90 -30.81 22.65
C GLY F 205 17.79 -30.26 23.53
N ASN F 206 16.94 -31.15 24.05
CA ASN F 206 15.84 -30.77 24.93
C ASN F 206 16.04 -31.34 26.33
N ARG F 207 15.62 -30.58 27.34
CA ARG F 207 15.78 -31.01 28.72
C ARG F 207 14.48 -30.85 29.50
N ASN F 208 14.33 -31.68 30.53
CA ASN F 208 13.16 -31.69 31.39
C ASN F 208 11.86 -31.93 30.60
N ILE F 209 11.92 -32.77 29.59
CA ILE F 209 10.74 -33.11 28.79
C ILE F 209 9.95 -34.17 29.55
N GLU F 210 8.81 -33.76 30.12
CA GLU F 210 8.01 -34.64 30.95
C GLU F 210 7.02 -35.38 30.04
N ALA F 211 7.14 -36.71 29.98
CA ALA F 211 6.36 -37.55 29.09
C ALA F 211 6.45 -39.00 29.55
N GLU F 212 5.36 -39.74 29.33
CA GLU F 212 5.26 -41.18 29.61
C GLU F 212 5.58 -41.50 31.07
N GLY F 213 5.44 -40.54 31.97
CA GLY F 213 5.75 -40.80 33.34
C GLY F 213 7.22 -40.69 33.70
N GLN F 214 8.05 -40.25 32.77
CA GLN F 214 9.45 -40.08 33.06
C GLN F 214 9.88 -38.69 32.59
N THR F 215 11.13 -38.35 32.86
CA THR F 215 11.69 -37.09 32.41
C THR F 215 12.75 -37.38 31.36
N TRP F 216 12.68 -36.71 30.21
CA TRP F 216 13.48 -37.10 29.06
C TRP F 216 14.49 -36.03 28.70
N GLU F 217 15.59 -36.47 28.10
CA GLU F 217 16.55 -35.58 27.46
C GLU F 217 16.83 -36.09 26.04
N ASN F 218 16.53 -35.26 25.06
CA ASN F 218 16.71 -35.62 23.67
C ASN F 218 17.84 -34.82 23.07
N ASN F 219 18.81 -35.52 22.51
CA ASN F 219 19.86 -34.90 21.71
C ASN F 219 19.70 -35.44 20.30
N THR F 220 19.74 -34.54 19.33
CA THR F 220 19.48 -34.90 17.95
C THR F 220 20.46 -34.13 17.08
N TYR F 221 21.07 -34.85 16.13
CA TYR F 221 22.18 -34.36 15.31
C TYR F 221 21.87 -34.57 13.83
N LEU F 222 22.22 -33.57 13.01
CA LEU F 222 21.87 -33.60 11.60
C LEU F 222 23.01 -33.09 10.77
N VAL F 223 23.35 -33.84 9.73
CA VAL F 223 24.31 -33.44 8.71
C VAL F 223 23.68 -33.66 7.34
N GLY F 224 23.92 -32.73 6.42
CA GLY F 224 23.31 -32.78 5.11
C GLY F 224 24.05 -31.92 4.12
N VAL F 225 23.69 -32.11 2.85
CA VAL F 225 24.32 -31.41 1.75
C VAL F 225 23.25 -31.00 0.73
N GLN F 226 23.56 -29.94 -0.03
CA GLN F 226 22.65 -29.37 -1.01
C GLN F 226 23.48 -28.84 -2.16
N GLY F 227 23.02 -29.07 -3.38
CA GLY F 227 23.75 -28.60 -4.55
C GLY F 227 22.83 -28.16 -5.64
N TRP F 228 23.28 -27.16 -6.40
CA TRP F 228 22.54 -26.60 -7.52
C TRP F 228 23.53 -26.38 -8.66
N PHE F 229 23.28 -27.02 -9.79
CA PHE F 229 24.24 -27.05 -10.88
C PHE F 229 23.66 -26.36 -12.12
N GLU F 230 24.55 -25.74 -12.87
CA GLU F 230 24.17 -24.95 -14.05
C GLU F 230 23.38 -25.76 -15.06
N ASN F 231 23.57 -27.09 -15.12
CA ASN F 231 22.78 -27.89 -16.04
C ASN F 231 21.33 -28.03 -15.61
N GLY F 232 20.96 -27.60 -14.41
CA GLY F 232 19.61 -27.81 -13.91
C GLY F 232 19.45 -28.96 -12.93
N ILE F 233 20.50 -29.76 -12.71
CA ILE F 233 20.39 -30.82 -11.70
C ILE F 233 20.65 -30.21 -10.34
N SER F 234 19.79 -30.55 -9.38
CA SER F 234 19.88 -30.13 -8.00
C SER F 234 19.48 -31.31 -7.12
N PHE F 235 19.98 -31.31 -5.89
CA PHE F 235 19.77 -32.47 -5.03
C PHE F 235 19.94 -32.03 -3.60
N PHE F 236 19.48 -32.89 -2.69
CA PHE F 236 19.78 -32.74 -1.28
C PHE F 236 19.74 -34.11 -0.62
N ALA F 237 20.58 -34.30 0.39
CA ALA F 237 20.61 -35.52 1.19
C ALA F 237 20.97 -35.14 2.63
N GLN F 238 20.39 -35.85 3.61
CA GLN F 238 20.53 -35.47 5.00
C GLN F 238 20.48 -36.67 5.90
N TYR F 239 21.31 -36.65 6.94
CA TYR F 239 21.34 -37.67 7.97
C TYR F 239 20.95 -37.06 9.30
N LYS F 240 19.97 -37.67 9.96
CA LYS F 240 19.41 -37.22 11.23
C LYS F 240 19.61 -38.35 12.23
N TYR F 241 20.28 -38.05 13.35
CA TYR F 241 20.61 -39.01 14.39
C TYR F 241 19.94 -38.57 15.69
N MET F 242 19.16 -39.46 16.30
CA MET F 242 18.31 -39.06 17.42
C MET F 242 18.59 -39.84 18.69
N GLU F 243 18.99 -39.12 19.74
CA GLU F 243 19.23 -39.68 21.07
C GLU F 243 18.12 -39.21 22.02
N ALA F 244 17.89 -40.02 23.06
CA ALA F 244 16.89 -39.71 24.08
C ALA F 244 17.16 -40.58 25.28
N ASP F 245 17.13 -39.98 26.48
CA ASP F 245 17.38 -40.72 27.73
C ASP F 245 16.27 -40.43 28.71
N ALA F 246 15.59 -41.47 29.19
CA ALA F 246 14.52 -41.24 30.15
C ALA F 246 15.10 -41.33 31.54
N SER F 247 14.38 -40.73 32.49
CA SER F 247 14.87 -40.54 33.86
C SER F 247 15.06 -41.86 34.61
N ASN F 248 14.40 -42.93 34.19
CA ASN F 248 14.61 -44.24 34.79
C ASN F 248 15.84 -44.95 34.24
N GLY F 249 16.64 -44.26 33.43
CA GLY F 249 17.86 -44.81 32.88
C GLY F 249 17.66 -45.49 31.55
N VAL F 250 16.43 -45.52 31.06
CA VAL F 250 16.18 -46.11 29.76
C VAL F 250 16.80 -45.19 28.73
N ASN F 251 17.30 -45.80 27.66
CA ASN F 251 17.84 -45.06 26.54
C ASN F 251 17.18 -45.52 25.25
N GLU F 252 16.98 -44.57 24.33
CA GLU F 252 16.45 -44.84 23.01
C GLU F 252 17.30 -44.10 21.98
N LYS F 253 17.48 -44.73 20.82
CA LYS F 253 18.25 -44.19 19.70
C LYS F 253 17.55 -44.54 18.41
N GLN F 254 17.36 -43.56 17.53
CA GLN F 254 16.84 -43.82 16.19
C GLN F 254 17.43 -42.84 15.19
N ASP F 255 17.54 -43.28 13.95
CA ASP F 255 18.16 -42.47 12.91
C ASP F 255 17.30 -42.49 11.66
N ALA F 256 17.61 -41.55 10.77
CA ALA F 256 16.74 -41.27 9.66
C ALA F 256 17.52 -40.55 8.57
N MET F 257 16.90 -40.44 7.41
CA MET F 257 17.52 -39.79 6.29
C MET F 257 16.41 -39.22 5.42
N SER F 258 16.74 -38.19 4.66
CA SER F 258 15.83 -37.71 3.62
C SER F 258 16.65 -37.12 2.49
N ALA F 259 16.35 -37.53 1.28
CA ALA F 259 17.11 -37.00 0.17
C ALA F 259 16.15 -36.75 -0.98
N GLY F 260 16.55 -35.86 -1.86
CA GLY F 260 15.66 -35.44 -2.93
C GLY F 260 16.42 -35.05 -4.17
N LEU F 261 15.94 -35.48 -5.32
CA LEU F 261 16.63 -35.17 -6.57
C LEU F 261 15.65 -34.42 -7.47
N MET F 262 16.15 -33.39 -8.14
CA MET F 262 15.30 -32.61 -9.03
C MET F 262 16.09 -32.06 -10.21
N TYR F 263 15.52 -32.22 -11.40
CA TYR F 263 16.07 -31.63 -12.61
C TYR F 263 15.12 -30.52 -13.05
N THR F 264 15.70 -29.40 -13.49
CA THR F 264 14.93 -28.20 -13.81
C THR F 264 15.29 -27.77 -15.23
N THR F 265 14.30 -27.83 -16.11
CA THR F 265 14.40 -27.36 -17.48
C THR F 265 13.31 -26.35 -17.79
N GLY F 266 13.68 -25.19 -18.32
CA GLY F 266 12.68 -24.22 -18.80
C GLY F 266 11.77 -23.69 -17.71
N ASP F 267 10.48 -23.93 -17.83
CA ASP F 267 9.51 -23.54 -16.81
C ASP F 267 9.07 -24.72 -15.94
N TRP F 268 9.88 -25.78 -15.86
CA TRP F 268 9.52 -27.00 -15.15
C TRP F 268 10.57 -27.47 -14.15
N GLN F 269 10.10 -28.11 -13.08
CA GLN F 269 10.96 -28.87 -12.20
C GLN F 269 10.26 -30.19 -11.89
N TYR F 270 10.94 -31.27 -12.18
CA TYR F 270 10.50 -32.59 -11.78
C TYR F 270 11.29 -32.93 -10.52
N LYS F 271 10.65 -33.63 -9.59
CA LYS F 271 11.30 -33.91 -8.32
C LYS F 271 10.99 -35.32 -7.87
N LEU F 272 11.96 -35.92 -7.19
CA LEU F 272 11.86 -37.24 -6.56
C LEU F 272 12.37 -37.13 -5.13
N GLY F 273 11.60 -37.63 -4.18
CA GLY F 273 11.96 -37.51 -2.79
C GLY F 273 11.87 -38.82 -2.05
N TYR F 274 12.78 -38.99 -1.10
CA TYR F 274 12.77 -40.17 -0.27
C TYR F 274 13.24 -39.80 1.13
N ALA F 275 12.45 -40.17 2.13
CA ALA F 275 12.82 -39.99 3.52
C ALA F 275 12.49 -41.26 4.29
N ALA F 276 13.24 -41.50 5.36
CA ALA F 276 12.99 -42.71 6.12
C ALA F 276 13.51 -42.55 7.54
N ASN F 277 12.65 -42.80 8.52
CA ASN F 277 13.08 -43.17 9.87
C ASN F 277 13.36 -44.67 9.92
N PHE F 278 14.35 -45.05 10.70
CA PHE F 278 14.73 -46.46 10.71
C PHE F 278 14.21 -47.13 11.96
N ASP F 279 14.59 -48.40 12.13
CA ASP F 279 14.14 -49.13 13.31
C ASP F 279 14.67 -48.46 14.58
N LEU F 280 13.84 -48.47 15.63
CA LEU F 280 14.20 -47.89 16.90
C LEU F 280 14.83 -48.95 17.80
N GLU F 281 15.94 -48.61 18.44
CA GLU F 281 16.57 -49.45 19.44
C GLU F 281 16.29 -48.86 20.82
N ARG F 282 15.83 -49.70 21.74
CA ARG F 282 15.61 -49.29 23.12
C ARG F 282 16.48 -50.17 24.01
N ASP F 283 17.44 -49.53 24.69
CA ASP F 283 18.34 -50.23 25.62
C ASP F 283 19.20 -51.29 24.91
N GLY F 284 19.68 -50.95 23.72
CA GLY F 284 20.45 -51.91 22.94
C GLY F 284 19.61 -52.86 22.10
N LYS F 285 18.50 -53.34 22.65
CA LYS F 285 17.62 -54.23 21.88
C LYS F 285 16.83 -53.44 20.84
N THR F 286 16.80 -53.94 19.61
CA THR F 286 16.07 -53.27 18.55
C THR F 286 14.60 -53.68 18.60
N LEU F 287 13.71 -52.71 18.40
CA LEU F 287 12.27 -52.95 18.43
C LEU F 287 11.82 -53.04 16.99
N SER F 288 11.41 -54.24 16.57
CA SER F 288 11.25 -54.49 15.14
C SER F 288 10.04 -53.78 14.57
N ASN F 289 10.19 -53.35 13.30
CA ASN F 289 9.19 -52.64 12.51
C ASN F 289 8.63 -51.44 13.29
N THR F 290 9.53 -50.48 13.46
CA THR F 290 9.24 -49.17 14.03
C THR F 290 9.75 -48.09 13.09
N SER F 291 10.18 -48.49 11.90
CA SER F 291 10.71 -47.62 10.87
C SER F 291 9.58 -47.12 9.99
N ASP F 292 9.81 -45.98 9.34
CA ASP F 292 8.87 -45.39 8.42
C ASP F 292 9.63 -44.92 7.20
N ASP F 293 9.01 -44.99 6.03
CA ASP F 293 9.62 -44.36 4.88
C ASP F 293 8.55 -43.91 3.89
N VAL F 294 8.87 -42.83 3.16
CA VAL F 294 8.02 -42.22 2.15
C VAL F 294 8.79 -42.02 0.86
N VAL F 295 8.10 -42.27 -0.25
CA VAL F 295 8.56 -41.92 -1.59
C VAL F 295 7.54 -40.98 -2.22
N SER F 296 8.00 -40.04 -3.05
CA SER F 296 7.08 -39.06 -3.62
C SER F 296 7.66 -38.46 -4.89
N ALA F 297 6.76 -38.12 -5.82
CA ALA F 297 7.13 -37.47 -7.09
C ALA F 297 6.29 -36.23 -7.30
N GLN F 298 6.90 -35.23 -7.93
CA GLN F 298 6.27 -33.92 -8.05
C GLN F 298 6.72 -33.19 -9.30
N ILE F 299 5.76 -32.77 -10.11
CA ILE F 299 5.99 -31.92 -11.27
C ILE F 299 5.58 -30.51 -10.88
N MET F 300 6.37 -29.54 -11.32
CA MET F 300 6.07 -28.16 -10.96
C MET F 300 6.19 -27.25 -12.16
N TYR F 301 5.17 -26.44 -12.38
CA TYR F 301 5.18 -25.43 -13.41
C TYR F 301 5.32 -24.07 -12.75
N PHE F 302 6.25 -23.26 -13.26
CA PHE F 302 6.50 -21.91 -12.76
C PHE F 302 5.53 -20.99 -13.50
N VAL F 303 4.30 -20.97 -13.01
CA VAL F 303 3.24 -20.37 -13.79
C VAL F 303 3.41 -18.86 -13.90
N ASP F 304 4.12 -18.24 -12.97
CA ASP F 304 4.43 -16.82 -13.02
C ASP F 304 5.61 -16.61 -12.11
N PRO F 305 6.38 -15.55 -12.33
CA PRO F 305 7.45 -15.22 -11.38
C PRO F 305 7.00 -15.25 -9.91
N SER F 306 5.72 -14.98 -9.61
CA SER F 306 5.22 -14.85 -8.25
C SER F 306 4.41 -16.05 -7.77
N ALA F 307 4.28 -17.10 -8.57
CA ALA F 307 3.48 -18.24 -8.16
C ALA F 307 3.90 -19.49 -8.93
N VAL F 308 3.49 -20.65 -8.41
CA VAL F 308 3.80 -21.95 -8.99
C VAL F 308 2.58 -22.86 -8.94
N LEU F 309 2.47 -23.73 -9.94
CA LEU F 309 1.50 -24.81 -9.93
C LEU F 309 2.25 -26.12 -9.78
N TYR F 310 1.62 -27.10 -9.15
CA TYR F 310 2.30 -28.37 -8.98
C TYR F 310 1.30 -29.51 -8.87
N ALA F 311 1.71 -30.65 -9.41
CA ALA F 311 1.07 -31.94 -9.23
C ALA F 311 2.04 -32.84 -8.48
N ARG F 312 1.52 -33.75 -7.68
CA ARG F 312 2.35 -34.51 -6.75
C ARG F 312 1.67 -35.82 -6.39
N ALA F 313 2.48 -36.85 -6.20
CA ALA F 313 1.94 -38.08 -5.64
C ALA F 313 2.97 -38.71 -4.73
N ARG F 314 2.50 -39.31 -3.63
CA ARG F 314 3.42 -39.83 -2.61
C ARG F 314 2.84 -41.08 -1.97
N MET F 315 3.74 -41.86 -1.33
CA MET F 315 3.37 -43.10 -0.65
C MET F 315 4.07 -43.19 0.70
N ASN F 316 3.28 -43.27 1.76
CA ASN F 316 3.76 -43.35 3.14
C ASN F 316 3.48 -44.75 3.67
N ASP F 317 4.53 -45.52 3.98
CA ASP F 317 4.38 -46.78 4.70
C ASP F 317 4.91 -46.53 6.09
N PHE F 318 4.08 -46.76 7.09
CA PHE F 318 4.40 -46.37 8.45
C PHE F 318 4.66 -47.59 9.34
N ASN F 319 5.17 -47.31 10.53
CA ASN F 319 5.54 -48.33 11.49
C ASN F 319 4.30 -49.08 11.94
N GLU F 320 4.53 -50.19 12.64
CA GLU F 320 3.42 -50.97 13.18
C GLU F 320 3.28 -50.82 14.69
N GLY F 321 3.99 -49.87 15.31
CA GLY F 321 3.68 -49.59 16.70
C GLY F 321 4.76 -49.87 17.73
N LEU F 322 4.69 -49.18 18.87
CA LEU F 322 5.60 -49.39 19.98
C LEU F 322 4.98 -48.76 21.23
N ASP F 323 5.06 -49.44 22.36
CA ASP F 323 4.59 -48.86 23.61
C ASP F 323 5.62 -47.89 24.16
N GLY F 324 5.14 -46.76 24.66
CA GLY F 324 6.00 -45.89 25.41
C GLY F 324 6.32 -46.52 26.76
N LEU F 325 7.23 -45.87 27.49
CA LEU F 325 7.73 -46.41 28.76
C LEU F 325 6.71 -46.34 29.90
N ASP F 326 5.41 -46.48 29.57
CA ASP F 326 4.36 -46.57 30.58
C ASP F 326 3.34 -47.64 30.21
N ASP F 327 3.77 -48.64 29.44
CA ASP F 327 2.95 -49.77 29.02
C ASP F 327 1.83 -49.38 28.05
N ALA F 328 1.67 -48.07 27.80
CA ALA F 328 0.64 -47.56 26.90
C ALA F 328 1.25 -47.10 25.58
N ALA F 329 0.54 -47.38 24.49
CA ALA F 329 1.05 -47.14 23.14
C ALA F 329 1.50 -45.70 22.95
N ARG F 330 2.52 -45.51 22.12
CA ARG F 330 3.08 -44.22 21.81
C ARG F 330 2.55 -43.72 20.47
N TRP F 331 2.36 -42.39 20.37
CA TRP F 331 1.80 -41.81 19.15
C TRP F 331 2.90 -41.50 18.15
N THR F 332 2.68 -41.91 16.90
CA THR F 332 3.58 -41.60 15.80
C THR F 332 2.77 -41.11 14.62
N SER F 333 3.46 -40.48 13.66
CA SER F 333 2.77 -40.04 12.44
C SER F 333 2.07 -41.17 11.73
N GLY F 334 2.44 -42.41 12.01
CA GLY F 334 1.81 -43.59 11.45
C GLY F 334 0.72 -44.24 12.25
N THR F 335 0.28 -43.63 13.36
CA THR F 335 -0.76 -44.21 14.21
C THR F 335 -2.13 -44.19 13.54
N ASN F 336 -2.27 -43.55 12.38
CA ASN F 336 -3.51 -43.59 11.60
C ASN F 336 -3.43 -44.57 10.43
N GLY F 337 -2.27 -45.14 10.19
CA GLY F 337 -2.09 -46.15 9.17
C GLY F 337 -1.44 -45.59 7.92
N ASP F 338 -0.97 -46.53 7.09
CA ASP F 338 -0.33 -46.18 5.83
C ASP F 338 -1.34 -45.51 4.90
N TYR F 339 -0.84 -44.69 3.99
CA TYR F 339 -1.72 -44.02 3.04
C TYR F 339 -0.90 -43.48 1.89
N ASN F 340 -1.59 -43.29 0.77
CA ASN F 340 -1.06 -42.63 -0.43
C ASN F 340 -1.80 -41.33 -0.65
N GLU F 341 -1.23 -40.47 -1.48
CA GLU F 341 -1.90 -39.21 -1.73
C GLU F 341 -1.47 -38.64 -3.08
N TYR F 342 -2.47 -38.24 -3.87
CA TYR F 342 -2.29 -37.53 -5.14
C TYR F 342 -2.92 -36.15 -5.00
N SER F 343 -2.25 -35.13 -5.52
CA SER F 343 -2.66 -33.79 -5.17
C SER F 343 -2.17 -32.82 -6.23
N VAL F 344 -2.96 -31.78 -6.45
CA VAL F 344 -2.47 -30.61 -7.15
C VAL F 344 -2.55 -29.43 -6.21
N GLY F 345 -1.76 -28.41 -6.51
CA GLY F 345 -1.83 -27.21 -5.71
C GLY F 345 -1.37 -26.00 -6.49
N VAL F 346 -1.63 -24.84 -5.89
CA VAL F 346 -1.12 -23.56 -6.35
C VAL F 346 -0.45 -22.89 -5.16
N GLU F 347 0.52 -22.03 -5.43
CA GLU F 347 1.15 -21.23 -4.39
C GLU F 347 1.56 -19.89 -4.97
N TYR F 348 1.08 -18.82 -4.35
CA TYR F 348 1.30 -17.46 -4.80
C TYR F 348 1.92 -16.66 -3.66
N TYR F 349 2.90 -15.80 -3.99
CA TYR F 349 3.64 -15.02 -3.00
C TYR F 349 3.43 -13.55 -3.30
N PHE F 350 2.93 -12.80 -2.31
CA PHE F 350 2.73 -11.36 -2.49
C PHE F 350 3.22 -10.53 -1.31
#